data_7P2O
#
_entry.id   7P2O
#
_entity_poly.entity_id   1
_entity_poly.type   'polypeptide(L)'
_entity_poly.pdbx_seq_one_letter_code
;GSEEHFIETISLAGSYKDWSYSGQSTQLGIEFLKRGDKSVYYTSNPTTFHLDGEVITFDNLKTLLS
;
_entity_poly.pdbx_strand_id   A
#
# COMPACT_ATOMS: atom_id res chain seq x y z
N GLY A 1 11.17 -3.71 11.30
CA GLY A 1 10.89 -2.28 11.19
C GLY A 1 9.42 -1.96 11.34
N SER A 2 9.09 -0.78 11.90
CA SER A 2 7.72 -0.36 12.23
C SER A 2 6.77 -0.24 11.02
N GLU A 3 7.27 -0.06 9.80
CA GLU A 3 6.47 -0.12 8.56
C GLU A 3 5.79 -1.49 8.41
N GLU A 4 6.52 -2.55 8.66
CA GLU A 4 6.03 -3.94 8.66
C GLU A 4 4.99 -4.22 9.76
N HIS A 5 4.97 -3.41 10.82
CA HIS A 5 3.94 -3.45 11.86
C HIS A 5 2.69 -2.66 11.42
N PHE A 6 2.86 -1.67 10.53
CA PHE A 6 1.76 -0.94 9.91
C PHE A 6 1.03 -1.78 8.85
N ILE A 7 1.77 -2.59 8.09
CA ILE A 7 1.25 -3.57 7.12
C ILE A 7 0.20 -4.52 7.74
N GLU A 8 0.37 -4.87 9.02
CA GLU A 8 -0.59 -5.65 9.78
C GLU A 8 -1.83 -4.83 10.13
N THR A 9 -1.63 -3.61 10.62
CA THR A 9 -2.72 -2.63 10.87
C THR A 9 -3.63 -2.44 9.64
N ILE A 10 -3.08 -2.49 8.42
CA ILE A 10 -3.89 -2.42 7.19
C ILE A 10 -4.93 -3.56 7.17
N SER A 11 -4.44 -4.78 7.35
CA SER A 11 -5.21 -6.02 7.42
C SER A 11 -6.25 -6.03 8.54
N LEU A 12 -5.95 -5.44 9.71
CA LEU A 12 -6.91 -5.30 10.82
C LEU A 12 -8.09 -4.39 10.43
N ALA A 13 -7.81 -3.23 9.84
CA ALA A 13 -8.79 -2.16 9.64
C ALA A 13 -9.60 -2.24 8.33
N GLY A 14 -9.00 -2.72 7.23
CA GLY A 14 -9.66 -2.78 5.91
C GLY A 14 -10.13 -1.44 5.30
N SER A 15 -9.70 -0.29 5.85
CA SER A 15 -9.57 0.98 5.12
C SER A 15 -8.81 2.05 5.92
N TYR A 16 -8.49 3.15 5.22
CA TYR A 16 -8.04 4.44 5.80
C TYR A 16 -9.09 5.53 5.54
N LYS A 17 -8.90 6.73 6.10
CA LYS A 17 -9.72 7.96 5.99
C LYS A 17 -10.64 8.05 4.77
N ASP A 18 -10.03 7.98 3.60
CA ASP A 18 -10.60 8.25 2.28
C ASP A 18 -10.08 7.25 1.21
N TRP A 19 -9.49 6.14 1.65
CA TRP A 19 -8.80 5.16 0.78
C TRP A 19 -9.20 3.73 1.14
N SER A 20 -9.54 2.92 0.14
CA SER A 20 -9.96 1.53 0.30
C SER A 20 -8.77 0.57 0.33
N TYR A 21 -8.89 -0.53 1.07
CA TYR A 21 -7.88 -1.57 1.18
C TYR A 21 -8.22 -2.78 0.28
N SER A 22 -7.22 -3.44 -0.33
CA SER A 22 -7.37 -4.27 -1.55
C SER A 22 -6.64 -5.63 -1.48
N GLY A 23 -6.06 -6.10 -2.59
CA GLY A 23 -5.46 -7.43 -2.78
C GLY A 23 -5.73 -8.18 -4.09
N GLN A 24 -6.10 -7.49 -5.18
CA GLN A 24 -6.08 -8.07 -6.53
C GLN A 24 -4.65 -8.25 -7.07
N SER A 25 -4.41 -9.26 -7.91
CA SER A 25 -3.13 -9.46 -8.60
C SER A 25 -3.01 -8.56 -9.83
N THR A 26 -1.86 -7.92 -10.02
CA THR A 26 -1.56 -7.06 -11.18
C THR A 26 -0.15 -7.31 -11.72
N GLN A 27 0.22 -6.74 -12.87
CA GLN A 27 1.59 -6.86 -13.39
C GLN A 27 2.62 -6.03 -12.59
N LEU A 28 2.17 -5.21 -11.64
CA LEU A 28 2.93 -4.27 -10.83
C LEU A 28 3.20 -4.77 -9.40
N GLY A 29 2.60 -5.89 -9.00
CA GLY A 29 2.52 -6.37 -7.61
C GLY A 29 1.08 -6.77 -7.23
N ILE A 30 0.90 -7.12 -5.97
CA ILE A 30 -0.42 -7.36 -5.38
C ILE A 30 -0.94 -6.02 -4.85
N GLU A 31 -2.19 -5.65 -5.15
CA GLU A 31 -2.77 -4.38 -4.68
C GLU A 31 -2.86 -4.38 -3.15
N PHE A 32 -2.58 -3.27 -2.47
CA PHE A 32 -2.94 -3.22 -1.04
C PHE A 32 -3.32 -1.85 -0.50
N LEU A 33 -3.80 -1.02 -1.43
CA LEU A 33 -4.40 0.31 -1.20
C LEU A 33 -4.91 0.87 -2.54
N LYS A 34 -6.09 1.47 -2.53
CA LYS A 34 -6.89 1.81 -3.70
C LYS A 34 -7.75 3.07 -3.48
N ARG A 35 -7.78 3.99 -4.46
CA ARG A 35 -8.70 5.14 -4.52
C ARG A 35 -8.86 5.61 -5.97
N GLY A 36 -10.00 5.30 -6.58
CA GLY A 36 -10.22 5.55 -8.01
C GLY A 36 -9.24 4.76 -8.88
N ASP A 37 -8.69 5.41 -9.90
CA ASP A 37 -7.67 4.83 -10.80
C ASP A 37 -6.29 4.68 -10.13
N LYS A 38 -6.07 5.33 -8.97
CA LYS A 38 -4.80 5.28 -8.23
C LYS A 38 -4.71 4.06 -7.32
N SER A 39 -3.60 3.32 -7.42
CA SER A 39 -3.32 2.10 -6.66
C SER A 39 -1.89 2.05 -6.13
N VAL A 40 -1.76 1.59 -4.88
CA VAL A 40 -0.48 1.22 -4.27
C VAL A 40 -0.45 -0.30 -4.06
N TYR A 41 0.71 -0.88 -4.32
CA TYR A 41 0.97 -2.31 -4.38
C TYR A 41 2.05 -2.72 -3.38
N TYR A 42 2.15 -4.02 -3.09
CA TYR A 42 3.24 -4.61 -2.33
C TYR A 42 3.65 -5.98 -2.88
N THR A 43 4.96 -6.22 -3.02
CA THR A 43 5.49 -7.58 -3.20
C THR A 43 6.95 -7.71 -2.78
N SER A 44 7.15 -8.50 -1.71
CA SER A 44 8.42 -8.95 -1.09
C SER A 44 8.13 -9.90 0.10
N ASN A 45 9.16 -10.31 0.82
CA ASN A 45 9.06 -10.95 2.15
C ASN A 45 9.13 -9.93 3.32
N PRO A 46 10.11 -9.02 3.39
CA PRO A 46 10.08 -7.85 4.28
C PRO A 46 8.99 -6.83 3.87
N THR A 47 8.83 -5.78 4.68
CA THR A 47 8.05 -4.58 4.33
C THR A 47 8.43 -4.01 2.95
N THR A 48 7.44 -3.68 2.12
CA THR A 48 7.61 -3.07 0.78
C THR A 48 6.33 -2.33 0.35
N PHE A 49 6.48 -1.23 -0.40
CA PHE A 49 5.37 -0.45 -0.98
C PHE A 49 5.77 0.16 -2.32
N HIS A 50 4.84 0.25 -3.28
CA HIS A 50 5.06 0.92 -4.57
C HIS A 50 3.78 1.61 -5.07
N LEU A 51 3.87 2.77 -5.74
CA LEU A 51 2.76 3.43 -6.44
C LEU A 51 2.94 3.16 -7.92
N ASP A 52 1.92 2.53 -8.53
CA ASP A 52 1.83 2.35 -9.97
C ASP A 52 3.03 1.60 -10.58
N GLY A 53 3.66 0.75 -9.76
CA GLY A 53 4.80 -0.10 -10.11
C GLY A 53 6.19 0.43 -9.74
N GLU A 54 6.31 1.66 -9.23
CA GLU A 54 7.57 2.26 -8.79
C GLU A 54 7.62 2.39 -7.26
N VAL A 55 8.69 1.89 -6.65
CA VAL A 55 8.82 1.70 -5.19
C VAL A 55 8.97 3.01 -4.43
N ILE A 56 8.26 3.08 -3.32
CA ILE A 56 8.27 4.21 -2.39
C ILE A 56 8.47 3.74 -0.95
N THR A 57 8.87 4.67 -0.08
CA THR A 57 9.03 4.47 1.38
C THR A 57 7.83 5.05 2.14
N PHE A 58 7.75 4.84 3.45
CA PHE A 58 6.69 5.41 4.29
C PHE A 58 6.60 6.93 4.16
N ASP A 59 7.72 7.63 3.97
CA ASP A 59 7.77 9.07 3.68
C ASP A 59 7.02 9.47 2.40
N ASN A 60 7.08 8.62 1.39
CA ASN A 60 6.53 8.91 0.07
C ASN A 60 5.08 8.44 0.00
N LEU A 61 4.78 7.41 0.79
CA LEU A 61 3.39 7.00 1.07
C LEU A 61 2.66 8.06 1.90
N LYS A 62 3.30 8.62 2.94
CA LYS A 62 2.55 9.34 3.96
C LYS A 62 2.00 10.67 3.44
N THR A 63 2.78 11.34 2.60
CA THR A 63 2.34 12.51 1.82
C THR A 63 1.39 12.15 0.66
N LEU A 64 1.50 10.95 0.06
CA LEU A 64 0.59 10.45 -0.96
C LEU A 64 -0.86 10.28 -0.44
N LEU A 65 -1.06 10.02 0.85
CA LEU A 65 -2.37 9.98 1.51
C LEU A 65 -2.83 11.32 2.12
N SER A 66 -1.90 12.24 2.44
CA SER A 66 -2.14 13.43 3.29
C SER A 66 -2.13 14.74 2.51
N GLY A 1 11.05 -2.26 9.05
CA GLY A 1 10.66 -0.90 8.64
C GLY A 1 9.22 -0.61 9.02
N SER A 2 8.88 0.67 9.22
CA SER A 2 7.50 1.12 9.55
C SER A 2 6.46 0.77 8.48
N GLU A 3 6.87 0.45 7.26
CA GLU A 3 6.05 -0.15 6.20
C GLU A 3 5.31 -1.42 6.68
N GLU A 4 6.03 -2.28 7.41
CA GLU A 4 5.53 -3.55 7.95
C GLU A 4 4.43 -3.40 9.01
N HIS A 5 4.52 -2.33 9.80
CA HIS A 5 3.50 -1.98 10.79
C HIS A 5 2.23 -1.52 10.07
N PHE A 6 2.40 -0.87 8.91
CA PHE A 6 1.28 -0.46 8.08
C PHE A 6 0.59 -1.67 7.45
N ILE A 7 1.35 -2.59 6.84
CA ILE A 7 0.88 -3.88 6.30
C ILE A 7 -0.02 -4.65 7.28
N GLU A 8 0.33 -4.68 8.57
CA GLU A 8 -0.46 -5.30 9.61
C GLU A 8 -1.72 -4.49 9.90
N THR A 9 -1.56 -3.18 10.08
CA THR A 9 -2.65 -2.21 10.29
C THR A 9 -3.71 -2.24 9.18
N ILE A 10 -3.34 -2.55 7.93
CA ILE A 10 -4.28 -2.69 6.81
C ILE A 10 -5.31 -3.80 7.11
N SER A 11 -4.79 -4.94 7.50
CA SER A 11 -5.53 -6.17 7.84
C SER A 11 -6.32 -6.07 9.15
N LEU A 12 -5.97 -5.14 10.04
CA LEU A 12 -6.79 -4.77 11.19
C LEU A 12 -8.01 -3.93 10.78
N ALA A 13 -7.79 -2.86 10.00
CA ALA A 13 -8.77 -1.80 9.77
C ALA A 13 -9.67 -1.92 8.52
N GLY A 14 -9.17 -2.48 7.41
CA GLY A 14 -9.90 -2.63 6.12
C GLY A 14 -10.38 -1.37 5.39
N SER A 15 -10.01 -0.16 5.83
CA SER A 15 -9.93 1.09 5.02
C SER A 15 -9.30 2.23 5.83
N TYR A 16 -8.72 3.22 5.14
CA TYR A 16 -8.22 4.48 5.72
C TYR A 16 -9.27 5.60 5.55
N LYS A 17 -8.87 6.85 5.85
CA LYS A 17 -9.60 8.12 5.73
C LYS A 17 -10.82 8.09 4.80
N ASP A 18 -10.56 7.90 3.51
CA ASP A 18 -11.55 7.58 2.49
C ASP A 18 -11.00 6.56 1.45
N TRP A 19 -9.84 5.96 1.73
CA TRP A 19 -9.07 5.09 0.82
C TRP A 19 -9.32 3.60 1.11
N SER A 20 -9.68 2.81 0.09
CA SER A 20 -10.12 1.41 0.26
C SER A 20 -8.97 0.41 0.35
N TYR A 21 -9.08 -0.59 1.23
CA TYR A 21 -8.05 -1.60 1.44
C TYR A 21 -8.31 -2.87 0.60
N SER A 22 -7.37 -3.17 -0.30
CA SER A 22 -7.54 -4.03 -1.48
C SER A 22 -6.88 -5.41 -1.36
N GLY A 23 -6.20 -5.89 -2.41
CA GLY A 23 -5.62 -7.23 -2.55
C GLY A 23 -5.89 -7.97 -3.86
N GLN A 24 -6.29 -7.28 -4.93
CA GLN A 24 -6.27 -7.88 -6.28
C GLN A 24 -4.82 -8.10 -6.75
N SER A 25 -4.57 -9.22 -7.46
CA SER A 25 -3.24 -9.58 -7.96
C SER A 25 -3.04 -9.04 -9.38
N THR A 26 -1.93 -8.34 -9.61
CA THR A 26 -1.60 -7.64 -10.86
C THR A 26 -0.16 -7.93 -11.30
N GLN A 27 0.18 -7.57 -12.54
CA GLN A 27 1.54 -7.65 -13.07
C GLN A 27 2.53 -6.72 -12.33
N LEU A 28 2.04 -5.69 -11.63
CA LEU A 28 2.85 -4.75 -10.86
C LEU A 28 3.19 -5.26 -9.46
N GLY A 29 2.44 -6.24 -8.94
CA GLY A 29 2.44 -6.67 -7.54
C GLY A 29 1.02 -6.94 -7.03
N ILE A 30 0.88 -7.14 -5.72
CA ILE A 30 -0.42 -7.31 -5.06
C ILE A 30 -0.90 -5.94 -4.58
N GLU A 31 -2.15 -5.57 -4.88
CA GLU A 31 -2.73 -4.30 -4.45
C GLU A 31 -2.88 -4.26 -2.93
N PHE A 32 -2.58 -3.14 -2.26
CA PHE A 32 -2.96 -3.03 -0.84
C PHE A 32 -3.30 -1.61 -0.39
N LEU A 33 -3.77 -0.81 -1.35
CA LEU A 33 -4.46 0.48 -1.16
C LEU A 33 -5.00 0.98 -2.51
N LYS A 34 -6.22 1.50 -2.49
CA LYS A 34 -6.98 2.00 -3.62
C LYS A 34 -7.52 3.39 -3.30
N ARG A 35 -7.16 4.37 -4.15
CA ARG A 35 -7.41 5.81 -3.97
C ARG A 35 -7.58 6.49 -5.33
N GLY A 36 -8.82 6.46 -5.84
CA GLY A 36 -9.17 6.97 -7.16
C GLY A 36 -8.48 6.20 -8.27
N ASP A 37 -7.92 6.91 -9.25
CA ASP A 37 -7.13 6.34 -10.36
C ASP A 37 -5.64 6.15 -10.00
N LYS A 38 -5.32 5.99 -8.69
CA LYS A 38 -4.05 5.48 -8.18
C LYS A 38 -4.25 4.24 -7.29
N SER A 39 -3.27 3.35 -7.31
CA SER A 39 -3.19 2.16 -6.45
C SER A 39 -1.78 1.95 -5.91
N VAL A 40 -1.67 1.56 -4.64
CA VAL A 40 -0.41 1.16 -4.00
C VAL A 40 -0.34 -0.37 -4.03
N TYR A 41 0.83 -0.89 -4.36
CA TYR A 41 1.11 -2.31 -4.45
C TYR A 41 2.30 -2.67 -3.57
N TYR A 42 2.46 -3.96 -3.26
CA TYR A 42 3.62 -4.50 -2.57
C TYR A 42 3.99 -5.88 -3.13
N THR A 43 5.28 -6.06 -3.43
CA THR A 43 5.90 -7.33 -3.79
C THR A 43 7.42 -7.22 -3.64
N SER A 44 8.00 -7.95 -2.67
CA SER A 44 9.41 -7.83 -2.29
C SER A 44 9.82 -8.94 -1.29
N ASN A 45 10.93 -8.72 -0.58
CA ASN A 45 11.35 -9.43 0.63
C ASN A 45 11.54 -8.47 1.83
N PRO A 46 12.31 -7.36 1.72
CA PRO A 46 12.33 -6.26 2.70
C PRO A 46 10.98 -5.53 2.81
N THR A 47 10.76 -4.81 3.91
CA THR A 47 9.47 -4.15 4.21
C THR A 47 9.27 -2.94 3.31
N THR A 48 8.48 -3.10 2.25
CA THR A 48 8.51 -2.18 1.11
C THR A 48 7.13 -1.95 0.47
N PHE A 49 6.93 -0.81 -0.21
CA PHE A 49 5.75 -0.51 -1.04
C PHE A 49 6.14 0.07 -2.42
N HIS A 50 5.20 0.12 -3.36
CA HIS A 50 5.37 0.71 -4.69
C HIS A 50 4.05 1.41 -5.13
N LEU A 51 4.12 2.51 -5.89
CA LEU A 51 2.97 3.09 -6.60
C LEU A 51 3.14 2.72 -8.07
N ASP A 52 2.15 2.09 -8.68
CA ASP A 52 2.19 1.75 -10.11
C ASP A 52 3.39 0.84 -10.51
N GLY A 53 3.85 0.03 -9.55
CA GLY A 53 5.05 -0.79 -9.65
C GLY A 53 6.38 -0.07 -9.38
N GLU A 54 6.39 1.25 -9.19
CA GLU A 54 7.58 2.06 -8.92
C GLU A 54 7.77 2.32 -7.42
N VAL A 55 8.94 1.98 -6.88
CA VAL A 55 9.15 1.82 -5.42
C VAL A 55 9.09 3.11 -4.61
N ILE A 56 8.40 2.98 -3.48
CA ILE A 56 8.20 4.01 -2.46
C ILE A 56 8.56 3.46 -1.06
N THR A 57 8.75 4.38 -0.13
CA THR A 57 8.86 4.12 1.32
C THR A 57 7.57 4.53 2.02
N PHE A 58 7.46 4.25 3.31
CA PHE A 58 6.36 4.75 4.13
C PHE A 58 6.23 6.28 4.06
N ASP A 59 7.32 7.04 3.86
CA ASP A 59 7.28 8.48 3.62
C ASP A 59 6.52 8.88 2.36
N ASN A 60 6.60 8.06 1.32
CA ASN A 60 6.03 8.31 0.01
C ASN A 60 4.63 7.73 -0.10
N LEU A 61 4.33 6.77 0.79
CA LEU A 61 2.94 6.41 1.09
C LEU A 61 2.24 7.44 1.97
N LYS A 62 2.86 7.96 3.01
CA LYS A 62 2.11 8.65 4.05
C LYS A 62 1.60 10.02 3.58
N THR A 63 2.41 10.70 2.77
CA THR A 63 2.01 11.89 1.99
C THR A 63 0.90 11.58 0.97
N LEU A 64 0.82 10.35 0.47
CA LEU A 64 -0.21 9.83 -0.44
C LEU A 64 -1.51 9.40 0.29
N LEU A 65 -1.49 9.21 1.62
CA LEU A 65 -2.71 9.06 2.45
C LEU A 65 -3.29 10.41 2.93
N SER A 66 -2.48 11.48 2.89
CA SER A 66 -2.74 12.80 3.50
C SER A 66 -3.71 13.68 2.71
N GLY A 1 12.66 -2.68 10.12
CA GLY A 1 11.86 -1.49 10.44
C GLY A 1 10.48 -1.85 10.94
N SER A 2 9.51 -0.97 10.71
CA SER A 2 8.13 -1.08 11.25
C SER A 2 7.02 -1.14 10.18
N GLU A 3 7.36 -0.98 8.90
CA GLU A 3 6.41 -1.02 7.76
C GLU A 3 5.53 -2.28 7.77
N GLU A 4 6.16 -3.43 8.03
CA GLU A 4 5.53 -4.74 8.20
C GLU A 4 4.46 -4.84 9.30
N HIS A 5 4.55 -4.03 10.35
CA HIS A 5 3.56 -3.94 11.44
C HIS A 5 2.44 -2.95 11.10
N PHE A 6 2.76 -1.88 10.37
CA PHE A 6 1.75 -1.00 9.79
C PHE A 6 0.86 -1.78 8.82
N ILE A 7 1.44 -2.56 7.91
CA ILE A 7 0.75 -3.45 6.95
C ILE A 7 -0.27 -4.39 7.63
N GLU A 8 0.04 -4.87 8.83
CA GLU A 8 -0.84 -5.71 9.62
C GLU A 8 -1.98 -4.88 10.23
N THR A 9 -1.63 -3.71 10.76
CA THR A 9 -2.56 -2.72 11.36
C THR A 9 -3.58 -2.21 10.34
N ILE A 10 -3.19 -2.09 9.06
CA ILE A 10 -4.06 -1.78 7.91
C ILE A 10 -5.14 -2.86 7.76
N SER A 11 -4.74 -4.13 7.74
CA SER A 11 -5.64 -5.28 7.62
C SER A 11 -6.62 -5.44 8.80
N LEU A 12 -6.31 -4.89 9.98
CA LEU A 12 -7.27 -4.81 11.09
C LEU A 12 -8.40 -3.79 10.84
N ALA A 13 -8.11 -2.68 10.15
CA ALA A 13 -9.08 -1.62 9.87
C ALA A 13 -9.87 -1.78 8.55
N GLY A 14 -9.21 -2.17 7.45
CA GLY A 14 -9.79 -2.35 6.10
C GLY A 14 -10.30 -1.10 5.36
N SER A 15 -10.10 0.11 5.89
CA SER A 15 -9.99 1.34 5.09
C SER A 15 -9.37 2.50 5.86
N TYR A 16 -9.13 3.61 5.15
CA TYR A 16 -8.80 4.92 5.72
C TYR A 16 -9.86 5.96 5.28
N LYS A 17 -9.63 7.27 5.55
CA LYS A 17 -10.52 8.43 5.29
C LYS A 17 -11.63 8.22 4.26
N ASP A 18 -11.22 7.93 3.03
CA ASP A 18 -12.05 7.78 1.83
C ASP A 18 -11.39 6.82 0.80
N TRP A 19 -10.31 6.12 1.22
CA TRP A 19 -9.40 5.28 0.42
C TRP A 19 -9.63 3.81 0.81
N SER A 20 -9.86 2.95 -0.17
CA SER A 20 -10.10 1.53 0.05
C SER A 20 -8.78 0.79 0.32
N TYR A 21 -8.78 -0.07 1.33
CA TYR A 21 -7.72 -1.06 1.53
C TYR A 21 -8.01 -2.26 0.60
N SER A 22 -6.97 -2.94 0.10
CA SER A 22 -7.11 -3.88 -1.04
C SER A 22 -6.32 -5.20 -0.87
N GLY A 23 -5.72 -5.70 -1.96
CA GLY A 23 -5.15 -7.04 -2.09
C GLY A 23 -5.44 -7.79 -3.38
N GLN A 24 -6.00 -7.14 -4.41
CA GLN A 24 -6.09 -7.77 -5.73
C GLN A 24 -4.70 -8.02 -6.34
N SER A 25 -4.50 -9.19 -6.94
CA SER A 25 -3.23 -9.66 -7.52
C SER A 25 -3.00 -9.10 -8.92
N THR A 26 -1.84 -8.52 -9.19
CA THR A 26 -1.51 -7.89 -10.49
C THR A 26 -0.05 -8.13 -10.92
N GLN A 27 0.29 -7.78 -12.17
CA GLN A 27 1.68 -7.81 -12.66
C GLN A 27 2.60 -6.79 -11.98
N LEU A 28 2.04 -5.73 -11.36
CA LEU A 28 2.75 -4.70 -10.62
C LEU A 28 3.06 -5.09 -9.15
N GLY A 29 2.57 -6.26 -8.71
CA GLY A 29 2.58 -6.70 -7.32
C GLY A 29 1.17 -6.95 -6.80
N ILE A 30 1.05 -7.15 -5.49
CA ILE A 30 -0.25 -7.33 -4.82
C ILE A 30 -0.71 -5.96 -4.31
N GLU A 31 -1.97 -5.58 -4.58
CA GLU A 31 -2.50 -4.25 -4.21
C GLU A 31 -2.53 -4.06 -2.69
N PHE A 32 -2.25 -2.87 -2.18
CA PHE A 32 -2.60 -2.58 -0.79
C PHE A 32 -2.90 -1.10 -0.47
N LEU A 33 -3.40 -0.40 -1.47
CA LEU A 33 -4.19 0.85 -1.33
C LEU A 33 -4.83 1.20 -2.68
N LYS A 34 -6.10 1.65 -2.65
CA LYS A 34 -6.94 1.93 -3.80
C LYS A 34 -7.64 3.28 -3.59
N ARG A 35 -7.32 4.26 -4.45
CA ARG A 35 -7.72 5.68 -4.40
C ARG A 35 -7.94 6.21 -5.82
N GLY A 36 -9.20 6.19 -6.29
CA GLY A 36 -9.56 6.43 -7.69
C GLY A 36 -8.85 5.46 -8.65
N ASP A 37 -8.50 5.92 -9.86
CA ASP A 37 -7.73 5.16 -10.87
C ASP A 37 -6.21 5.12 -10.56
N LYS A 38 -5.84 5.06 -9.28
CA LYS A 38 -4.46 4.94 -8.77
C LYS A 38 -4.38 3.87 -7.69
N SER A 39 -3.28 3.11 -7.67
CA SER A 39 -3.06 2.01 -6.72
C SER A 39 -1.63 1.91 -6.21
N VAL A 40 -1.50 1.52 -4.93
CA VAL A 40 -0.24 1.12 -4.28
C VAL A 40 -0.15 -0.41 -4.32
N TYR A 41 1.04 -0.94 -4.56
CA TYR A 41 1.32 -2.38 -4.62
C TYR A 41 2.57 -2.74 -3.80
N TYR A 42 2.70 -4.01 -3.41
CA TYR A 42 3.89 -4.54 -2.74
C TYR A 42 4.51 -5.73 -3.51
N THR A 43 5.83 -5.68 -3.77
CA THR A 43 6.56 -6.80 -4.39
C THR A 43 8.06 -6.80 -4.09
N SER A 44 8.47 -7.77 -3.27
CA SER A 44 9.84 -8.18 -2.95
C SER A 44 9.81 -9.41 -2.02
N ASN A 45 10.97 -9.85 -1.53
CA ASN A 45 11.10 -10.81 -0.41
C ASN A 45 10.94 -10.11 0.97
N PRO A 46 11.72 -9.07 1.33
CA PRO A 46 11.40 -8.18 2.46
C PRO A 46 10.13 -7.34 2.22
N THR A 47 9.66 -6.66 3.26
CA THR A 47 8.54 -5.70 3.17
C THR A 47 8.93 -4.44 2.37
N THR A 48 8.03 -3.96 1.50
CA THR A 48 8.26 -2.85 0.55
C THR A 48 6.95 -2.17 0.15
N PHE A 49 7.02 -0.95 -0.41
CA PHE A 49 5.88 -0.23 -0.98
C PHE A 49 6.21 0.33 -2.36
N HIS A 50 5.24 0.38 -3.26
CA HIS A 50 5.39 0.94 -4.61
C HIS A 50 4.08 1.63 -5.05
N LEU A 51 4.18 2.71 -5.82
CA LEU A 51 3.05 3.42 -6.41
C LEU A 51 3.23 3.38 -7.93
N ASP A 52 2.24 2.80 -8.61
CA ASP A 52 2.13 2.85 -10.06
C ASP A 52 3.38 2.31 -10.80
N GLY A 53 4.04 1.32 -10.20
CA GLY A 53 5.25 0.68 -10.71
C GLY A 53 6.59 1.35 -10.36
N GLU A 54 6.58 2.40 -9.53
CA GLU A 54 7.76 3.04 -8.92
C GLU A 54 7.83 2.70 -7.42
N VAL A 55 9.01 2.32 -6.90
CA VAL A 55 9.20 2.02 -5.47
C VAL A 55 9.18 3.29 -4.64
N ILE A 56 8.44 3.22 -3.54
CA ILE A 56 8.26 4.30 -2.58
C ILE A 56 8.67 3.82 -1.18
N THR A 57 8.86 4.77 -0.28
CA THR A 57 9.04 4.52 1.15
C THR A 57 7.73 4.80 1.90
N PHE A 58 7.67 4.42 3.17
CA PHE A 58 6.61 4.79 4.09
C PHE A 58 6.36 6.31 4.12
N ASP A 59 7.39 7.13 3.89
CA ASP A 59 7.26 8.59 3.76
C ASP A 59 6.50 9.05 2.51
N ASN A 60 6.63 8.30 1.42
CA ASN A 60 6.04 8.61 0.13
C ASN A 60 4.62 8.04 0.08
N LEU A 61 4.39 6.96 0.82
CA LEU A 61 3.03 6.48 1.14
C LEU A 61 2.30 7.46 2.07
N LYS A 62 2.98 7.97 3.10
CA LYS A 62 2.28 8.68 4.18
C LYS A 62 1.62 9.97 3.67
N THR A 63 2.35 10.69 2.83
CA THR A 63 1.87 11.91 2.15
C THR A 63 0.88 11.60 1.02
N LEU A 64 0.83 10.36 0.50
CA LEU A 64 -0.19 9.85 -0.42
C LEU A 64 -1.52 9.53 0.30
N LEU A 65 -1.48 9.03 1.55
CA LEU A 65 -2.68 8.84 2.38
C LEU A 65 -3.28 10.16 2.91
N SER A 66 -2.45 11.21 3.01
CA SER A 66 -2.83 12.54 3.52
C SER A 66 -3.88 13.23 2.64
N GLY A 1 9.05 -5.52 11.93
CA GLY A 1 9.39 -4.15 11.50
C GLY A 1 8.22 -3.21 11.65
N SER A 2 8.49 -1.92 11.85
CA SER A 2 7.48 -0.87 12.03
C SER A 2 6.53 -0.73 10.84
N GLU A 3 7.05 -0.75 9.60
CA GLU A 3 6.25 -0.66 8.38
C GLU A 3 5.42 -1.93 8.17
N GLU A 4 6.04 -3.10 8.30
CA GLU A 4 5.39 -4.40 8.11
C GLU A 4 4.30 -4.70 9.16
N HIS A 5 4.38 -4.07 10.34
CA HIS A 5 3.33 -4.08 11.35
C HIS A 5 2.32 -2.94 11.17
N PHE A 6 2.69 -1.83 10.53
CA PHE A 6 1.73 -0.80 10.12
C PHE A 6 0.78 -1.36 9.07
N ILE A 7 1.31 -2.01 8.02
CA ILE A 7 0.56 -2.76 7.00
C ILE A 7 -0.50 -3.68 7.65
N GLU A 8 -0.06 -4.47 8.61
CA GLU A 8 -0.89 -5.41 9.38
C GLU A 8 -1.98 -4.70 10.18
N THR A 9 -1.61 -3.61 10.85
CA THR A 9 -2.54 -2.73 11.61
C THR A 9 -3.64 -2.14 10.72
N ILE A 10 -3.38 -1.87 9.44
CA ILE A 10 -4.44 -1.44 8.52
C ILE A 10 -5.25 -2.62 8.00
N SER A 11 -4.63 -3.79 7.79
CA SER A 11 -5.31 -5.00 7.33
C SER A 11 -6.44 -5.43 8.25
N LEU A 12 -6.24 -5.26 9.57
CA LEU A 12 -7.29 -5.48 10.55
C LEU A 12 -8.49 -4.53 10.28
N ALA A 13 -8.18 -3.25 10.05
CA ALA A 13 -9.17 -2.17 9.92
C ALA A 13 -9.85 -2.11 8.53
N GLY A 14 -9.17 -2.56 7.49
CA GLY A 14 -9.61 -2.63 6.09
C GLY A 14 -10.12 -1.34 5.46
N SER A 15 -9.64 -0.17 5.88
CA SER A 15 -9.67 1.09 5.10
C SER A 15 -8.74 2.15 5.68
N TYR A 16 -8.50 3.20 4.89
CA TYR A 16 -8.00 4.49 5.35
C TYR A 16 -8.99 5.59 4.93
N LYS A 17 -8.66 6.87 5.19
CA LYS A 17 -9.51 8.08 5.08
C LYS A 17 -10.84 7.92 4.32
N ASP A 18 -10.76 7.87 2.99
CA ASP A 18 -11.80 7.37 2.08
C ASP A 18 -11.18 6.39 1.06
N TRP A 19 -10.01 5.83 1.42
CA TRP A 19 -9.14 5.02 0.55
C TRP A 19 -9.34 3.53 0.86
N SER A 20 -9.65 2.75 -0.18
CA SER A 20 -10.12 1.37 -0.06
C SER A 20 -8.96 0.39 0.10
N TYR A 21 -9.07 -0.50 1.09
CA TYR A 21 -8.06 -1.55 1.30
C TYR A 21 -8.33 -2.80 0.46
N SER A 22 -7.25 -3.41 -0.02
CA SER A 22 -7.29 -4.24 -1.23
C SER A 22 -6.54 -5.59 -1.09
N GLY A 23 -5.80 -6.02 -2.13
CA GLY A 23 -5.23 -7.35 -2.27
C GLY A 23 -5.45 -8.06 -3.60
N GLN A 24 -5.94 -7.37 -4.63
CA GLN A 24 -6.01 -7.92 -6.00
C GLN A 24 -4.62 -8.12 -6.63
N SER A 25 -4.47 -9.19 -7.42
CA SER A 25 -3.16 -9.65 -7.94
C SER A 25 -2.91 -9.12 -9.36
N THR A 26 -1.76 -8.47 -9.56
CA THR A 26 -1.46 -7.69 -10.79
C THR A 26 0.03 -7.75 -11.19
N GLN A 27 0.35 -7.37 -12.43
CA GLN A 27 1.74 -7.18 -12.88
C GLN A 27 2.50 -6.11 -12.06
N LEU A 28 1.80 -5.12 -11.48
CA LEU A 28 2.36 -4.07 -10.62
C LEU A 28 2.74 -4.60 -9.23
N GLY A 29 2.23 -5.78 -8.83
CA GLY A 29 2.37 -6.36 -7.51
C GLY A 29 1.02 -6.83 -6.98
N ILE A 30 1.00 -7.18 -5.69
CA ILE A 30 -0.25 -7.46 -4.97
C ILE A 30 -0.72 -6.14 -4.35
N GLU A 31 -1.97 -5.77 -4.57
CA GLU A 31 -2.51 -4.47 -4.15
C GLU A 31 -2.59 -4.37 -2.63
N PHE A 32 -2.37 -3.18 -2.06
CA PHE A 32 -2.75 -2.96 -0.66
C PHE A 32 -3.12 -1.54 -0.28
N LEU A 33 -3.64 -0.78 -1.24
CA LEU A 33 -4.46 0.44 -1.08
C LEU A 33 -4.92 0.97 -2.44
N LYS A 34 -6.14 1.52 -2.50
CA LYS A 34 -6.80 1.95 -3.71
C LYS A 34 -7.48 3.33 -3.49
N ARG A 35 -7.14 4.30 -4.34
CA ARG A 35 -7.54 5.72 -4.26
C ARG A 35 -7.75 6.30 -5.66
N GLY A 36 -8.97 6.15 -6.17
CA GLY A 36 -9.35 6.59 -7.52
C GLY A 36 -8.47 5.95 -8.59
N ASP A 37 -7.85 6.77 -9.43
CA ASP A 37 -6.99 6.33 -10.53
C ASP A 37 -5.61 5.79 -10.09
N LYS A 38 -5.30 5.82 -8.79
CA LYS A 38 -4.01 5.41 -8.18
C LYS A 38 -4.18 4.22 -7.22
N SER A 39 -3.17 3.36 -7.15
CA SER A 39 -3.11 2.21 -6.21
C SER A 39 -1.70 1.92 -5.69
N VAL A 40 -1.60 1.47 -4.44
CA VAL A 40 -0.36 1.03 -3.78
C VAL A 40 -0.24 -0.49 -3.89
N TYR A 41 0.98 -0.98 -4.13
CA TYR A 41 1.31 -2.41 -4.24
C TYR A 41 2.56 -2.76 -3.41
N TYR A 42 2.75 -4.04 -3.09
CA TYR A 42 3.96 -4.52 -2.39
C TYR A 42 4.61 -5.72 -3.10
N THR A 43 5.91 -5.62 -3.37
CA THR A 43 6.75 -6.71 -3.93
C THR A 43 8.21 -6.58 -3.49
N SER A 44 8.68 -7.56 -2.72
CA SER A 44 10.08 -7.77 -2.31
C SER A 44 10.20 -9.18 -1.66
N ASN A 45 11.21 -9.39 -0.80
CA ASN A 45 11.22 -10.41 0.25
C ASN A 45 10.81 -9.81 1.63
N PRO A 46 11.47 -8.74 2.15
CA PRO A 46 11.00 -7.93 3.29
C PRO A 46 9.73 -7.11 2.99
N THR A 47 9.30 -6.30 3.97
CA THR A 47 8.36 -5.18 3.75
C THR A 47 8.87 -4.23 2.63
N THR A 48 8.02 -3.80 1.68
CA THR A 48 8.32 -2.76 0.66
C THR A 48 7.01 -2.15 0.10
N PHE A 49 7.03 -0.91 -0.38
CA PHE A 49 5.89 -0.22 -1.02
C PHE A 49 6.19 0.26 -2.46
N HIS A 50 5.18 0.30 -3.32
CA HIS A 50 5.23 0.87 -4.67
C HIS A 50 3.92 1.60 -5.01
N LEU A 51 3.96 2.58 -5.91
CA LEU A 51 2.80 3.20 -6.54
C LEU A 51 2.87 2.95 -8.05
N ASP A 52 1.80 2.41 -8.64
CA ASP A 52 1.69 2.23 -10.10
C ASP A 52 2.78 1.31 -10.70
N GLY A 53 3.40 0.49 -9.84
CA GLY A 53 4.55 -0.37 -10.10
C GLY A 53 5.92 0.22 -9.71
N GLU A 54 6.05 1.52 -9.46
CA GLU A 54 7.32 2.19 -9.11
C GLU A 54 7.51 2.26 -7.59
N VAL A 55 8.70 1.92 -7.07
CA VAL A 55 8.97 1.84 -5.62
C VAL A 55 9.00 3.20 -4.93
N ILE A 56 8.28 3.24 -3.80
CA ILE A 56 8.13 4.38 -2.89
C ILE A 56 8.49 3.95 -1.45
N THR A 57 8.82 4.91 -0.61
CA THR A 57 9.06 4.71 0.82
C THR A 57 7.81 5.03 1.64
N PHE A 58 7.85 4.76 2.94
CA PHE A 58 6.82 5.16 3.89
C PHE A 58 6.51 6.67 3.84
N ASP A 59 7.51 7.54 3.58
CA ASP A 59 7.29 8.97 3.32
C ASP A 59 6.41 9.28 2.11
N ASN A 60 6.58 8.49 1.04
CA ASN A 60 5.94 8.69 -0.25
C ASN A 60 4.58 8.02 -0.29
N LEU A 61 4.40 7.05 0.59
CA LEU A 61 3.06 6.63 1.04
C LEU A 61 2.39 7.69 1.92
N LYS A 62 3.10 8.28 2.88
CA LYS A 62 2.49 9.12 3.91
C LYS A 62 1.86 10.38 3.30
N THR A 63 2.57 10.99 2.35
CA THR A 63 2.12 12.19 1.64
C THR A 63 1.00 11.87 0.62
N LEU A 64 0.93 10.63 0.11
CA LEU A 64 -0.14 10.11 -0.74
C LEU A 64 -1.46 9.92 0.04
N LEU A 65 -1.41 9.28 1.22
CA LEU A 65 -2.59 9.06 2.07
C LEU A 65 -3.22 10.35 2.60
N SER A 66 -2.39 11.39 2.79
CA SER A 66 -2.76 12.71 3.32
C SER A 66 -3.47 13.57 2.28
N GLY A 1 9.72 -3.89 11.89
CA GLY A 1 9.78 -2.53 12.47
C GLY A 1 8.53 -1.75 12.16
N SER A 2 8.62 -0.41 12.15
CA SER A 2 7.47 0.49 12.02
C SER A 2 6.71 0.34 10.70
N GLU A 3 7.39 -0.06 9.63
CA GLU A 3 6.80 -0.23 8.29
C GLU A 3 5.94 -1.51 8.23
N GLU A 4 6.49 -2.64 8.68
CA GLU A 4 5.80 -3.93 8.68
C GLU A 4 4.74 -4.06 9.79
N HIS A 5 4.83 -3.21 10.81
CA HIS A 5 3.77 -2.96 11.79
C HIS A 5 2.65 -2.12 11.16
N PHE A 6 2.97 -1.16 10.29
CA PHE A 6 1.95 -0.40 9.59
C PHE A 6 1.17 -1.30 8.62
N ILE A 7 1.87 -2.15 7.88
CA ILE A 7 1.31 -3.21 7.01
C ILE A 7 0.27 -4.10 7.72
N GLU A 8 0.51 -4.46 8.98
CA GLU A 8 -0.45 -5.21 9.80
C GLU A 8 -1.66 -4.35 10.16
N THR A 9 -1.38 -3.11 10.57
CA THR A 9 -2.36 -2.10 10.98
C THR A 9 -3.28 -1.65 9.83
N ILE A 10 -2.88 -1.84 8.57
CA ILE A 10 -3.78 -1.74 7.40
C ILE A 10 -4.89 -2.79 7.50
N SER A 11 -4.51 -4.07 7.58
CA SER A 11 -5.43 -5.20 7.71
C SER A 11 -6.30 -5.17 8.99
N LEU A 12 -5.90 -4.43 10.05
CA LEU A 12 -6.74 -4.19 11.22
C LEU A 12 -7.91 -3.20 10.98
N ALA A 13 -7.78 -2.25 10.05
CA ALA A 13 -8.83 -1.29 9.68
C ALA A 13 -9.68 -1.68 8.45
N GLY A 14 -9.05 -2.23 7.40
CA GLY A 14 -9.68 -2.44 6.09
C GLY A 14 -10.16 -1.19 5.34
N SER A 15 -9.85 0.02 5.80
CA SER A 15 -9.79 1.23 4.96
C SER A 15 -9.10 2.42 5.65
N TYR A 16 -8.77 3.42 4.83
CA TYR A 16 -8.41 4.77 5.26
C TYR A 16 -9.48 5.78 4.77
N LYS A 17 -9.24 7.09 5.00
CA LYS A 17 -10.15 8.25 4.81
C LYS A 17 -11.39 8.03 3.93
N ASP A 18 -11.19 7.95 2.62
CA ASP A 18 -12.13 7.46 1.59
C ASP A 18 -11.42 6.41 0.72
N TRP A 19 -10.28 5.87 1.20
CA TRP A 19 -9.37 5.02 0.42
C TRP A 19 -9.60 3.55 0.80
N SER A 20 -9.90 2.72 -0.19
CA SER A 20 -10.23 1.32 0.01
C SER A 20 -8.96 0.46 0.17
N TYR A 21 -8.99 -0.46 1.11
CA TYR A 21 -7.90 -1.42 1.33
C TYR A 21 -8.18 -2.68 0.49
N SER A 22 -7.18 -3.15 -0.25
CA SER A 22 -7.37 -4.10 -1.37
C SER A 22 -6.43 -5.33 -1.28
N GLY A 23 -5.91 -5.85 -2.39
CA GLY A 23 -5.30 -7.18 -2.51
C GLY A 23 -5.75 -7.99 -3.72
N GLN A 24 -5.88 -7.34 -4.87
CA GLN A 24 -6.05 -7.95 -6.20
C GLN A 24 -4.70 -8.15 -6.90
N SER A 25 -4.62 -9.13 -7.81
CA SER A 25 -3.41 -9.45 -8.57
C SER A 25 -3.25 -8.56 -9.80
N THR A 26 -2.01 -8.08 -10.05
CA THR A 26 -1.70 -7.18 -11.19
C THR A 26 -0.30 -7.41 -11.77
N GLN A 27 -0.05 -6.80 -12.93
CA GLN A 27 1.26 -6.68 -13.57
C GLN A 27 2.20 -5.67 -12.87
N LEU A 28 1.80 -5.10 -11.73
CA LEU A 28 2.54 -4.16 -10.91
C LEU A 28 2.94 -4.75 -9.53
N GLY A 29 2.34 -5.87 -9.12
CA GLY A 29 2.43 -6.48 -7.80
C GLY A 29 1.06 -6.97 -7.32
N ILE A 30 0.89 -7.15 -6.01
CA ILE A 30 -0.43 -7.35 -5.38
C ILE A 30 -0.87 -6.02 -4.74
N GLU A 31 -2.13 -5.62 -4.89
CA GLU A 31 -2.64 -4.31 -4.42
C GLU A 31 -2.68 -4.22 -2.89
N PHE A 32 -2.40 -3.05 -2.30
CA PHE A 32 -2.72 -2.84 -0.87
C PHE A 32 -3.00 -1.38 -0.48
N LEU A 33 -3.53 -0.63 -1.45
CA LEU A 33 -4.31 0.62 -1.28
C LEU A 33 -4.92 1.02 -2.62
N LYS A 34 -6.14 1.56 -2.60
CA LYS A 34 -6.89 2.01 -3.77
C LYS A 34 -7.58 3.35 -3.45
N ARG A 35 -7.22 4.39 -4.22
CA ARG A 35 -7.64 5.80 -4.05
C ARG A 35 -8.02 6.37 -5.43
N GLY A 36 -9.26 6.16 -5.85
CA GLY A 36 -9.71 6.46 -7.21
C GLY A 36 -8.94 5.63 -8.23
N ASP A 37 -8.37 6.27 -9.24
CA ASP A 37 -7.51 5.63 -10.26
C ASP A 37 -6.04 5.48 -9.82
N LYS A 38 -5.67 5.88 -8.60
CA LYS A 38 -4.35 5.65 -8.00
C LYS A 38 -4.36 4.42 -7.08
N SER A 39 -3.30 3.61 -7.13
CA SER A 39 -3.18 2.37 -6.34
C SER A 39 -1.75 2.07 -5.89
N VAL A 40 -1.64 1.47 -4.70
CA VAL A 40 -0.39 0.97 -4.09
C VAL A 40 -0.28 -0.53 -4.25
N TYR A 41 0.94 -1.03 -4.44
CA TYR A 41 1.22 -2.46 -4.58
C TYR A 41 2.39 -2.92 -3.71
N TYR A 42 2.59 -4.23 -3.57
CA TYR A 42 3.74 -4.81 -2.88
C TYR A 42 4.27 -6.06 -3.59
N THR A 43 5.60 -6.16 -3.70
CA THR A 43 6.30 -7.44 -3.97
C THR A 43 7.76 -7.42 -3.50
N SER A 44 8.05 -8.25 -2.50
CA SER A 44 9.37 -8.43 -1.87
C SER A 44 9.29 -9.50 -0.76
N ASN A 45 10.44 -9.87 -0.20
CA ASN A 45 10.56 -10.70 1.01
C ASN A 45 10.49 -9.87 2.31
N PRO A 46 11.32 -8.83 2.52
CA PRO A 46 11.17 -7.83 3.59
C PRO A 46 9.91 -6.95 3.39
N THR A 47 9.64 -6.06 4.35
CA THR A 47 8.63 -4.98 4.20
C THR A 47 8.83 -4.17 2.91
N THR A 48 7.76 -3.93 2.13
CA THR A 48 7.81 -3.07 0.93
C THR A 48 6.46 -2.45 0.57
N PHE A 49 6.49 -1.35 -0.18
CA PHE A 49 5.35 -0.72 -0.86
C PHE A 49 5.80 -0.08 -2.19
N HIS A 50 4.86 0.11 -3.12
CA HIS A 50 5.07 0.69 -4.45
C HIS A 50 3.85 1.55 -4.84
N LEU A 51 4.02 2.56 -5.71
CA LEU A 51 2.95 3.31 -6.35
C LEU A 51 3.06 3.07 -7.85
N ASP A 52 1.97 2.68 -8.51
CA ASP A 52 1.95 2.51 -9.97
C ASP A 52 3.01 1.50 -10.48
N GLY A 53 3.44 0.58 -9.59
CA GLY A 53 4.50 -0.41 -9.81
C GLY A 53 5.92 0.00 -9.38
N GLU A 54 6.21 1.27 -9.13
CA GLU A 54 7.53 1.70 -8.64
C GLU A 54 7.59 1.72 -7.11
N VAL A 55 8.65 1.16 -6.52
CA VAL A 55 8.87 1.14 -5.07
C VAL A 55 8.95 2.55 -4.48
N ILE A 56 8.19 2.70 -3.39
CA ILE A 56 8.13 3.86 -2.50
C ILE A 56 8.47 3.39 -1.08
N THR A 57 8.98 4.30 -0.27
CA THR A 57 9.18 4.06 1.16
C THR A 57 7.92 4.43 1.94
N PHE A 58 7.87 4.11 3.22
CA PHE A 58 6.74 4.46 4.10
C PHE A 58 6.46 5.97 4.08
N ASP A 59 7.47 6.85 3.98
CA ASP A 59 7.29 8.30 3.78
C ASP A 59 6.56 8.69 2.49
N ASN A 60 6.79 7.93 1.43
CA ASN A 60 6.25 8.17 0.09
C ASN A 60 4.88 7.53 -0.07
N LEU A 61 4.57 6.57 0.80
CA LEU A 61 3.15 6.26 1.09
C LEU A 61 2.49 7.28 2.00
N LYS A 62 3.15 7.72 3.07
CA LYS A 62 2.43 8.44 4.14
C LYS A 62 1.71 9.69 3.63
N THR A 63 2.36 10.41 2.71
CA THR A 63 1.86 11.59 2.00
C THR A 63 0.80 11.26 0.93
N LEU A 64 0.76 10.00 0.47
CA LEU A 64 -0.23 9.36 -0.41
C LEU A 64 -1.56 9.08 0.31
N LEU A 65 -1.55 8.85 1.64
CA LEU A 65 -2.80 8.68 2.40
C LEU A 65 -3.40 10.03 2.81
N SER A 66 -2.55 11.07 2.99
CA SER A 66 -2.92 12.43 3.38
C SER A 66 -4.02 13.07 2.53
N GLY A 1 10.98 -1.90 9.67
CA GLY A 1 10.63 -0.74 10.50
C GLY A 1 9.14 -0.47 10.55
N SER A 2 8.62 0.48 9.75
CA SER A 2 7.26 1.02 9.87
C SER A 2 6.24 0.43 8.90
N GLU A 3 6.67 0.12 7.67
CA GLU A 3 5.85 -0.47 6.60
C GLU A 3 5.16 -1.76 7.06
N GLU A 4 5.91 -2.68 7.65
CA GLU A 4 5.45 -3.93 8.28
C GLU A 4 4.31 -3.76 9.31
N HIS A 5 4.28 -2.63 10.02
CA HIS A 5 3.27 -2.33 11.05
C HIS A 5 2.03 -1.67 10.42
N PHE A 6 2.22 -0.95 9.31
CA PHE A 6 1.12 -0.46 8.50
C PHE A 6 0.40 -1.61 7.79
N ILE A 7 1.15 -2.53 7.16
CA ILE A 7 0.65 -3.77 6.53
C ILE A 7 -0.29 -4.55 7.46
N GLU A 8 0.11 -4.76 8.71
CA GLU A 8 -0.71 -5.39 9.73
C GLU A 8 -2.00 -4.62 10.00
N THR A 9 -1.86 -3.30 10.14
CA THR A 9 -2.96 -2.35 10.38
C THR A 9 -3.96 -2.29 9.21
N ILE A 10 -3.54 -2.58 7.96
CA ILE A 10 -4.44 -2.68 6.79
C ILE A 10 -5.46 -3.81 7.01
N SER A 11 -4.95 -4.93 7.48
CA SER A 11 -5.68 -6.17 7.76
C SER A 11 -6.51 -6.12 9.04
N LEU A 12 -6.20 -5.21 9.97
CA LEU A 12 -7.09 -4.85 11.07
C LEU A 12 -8.27 -3.99 10.58
N ALA A 13 -7.99 -2.89 9.88
CA ALA A 13 -8.96 -1.80 9.68
C ALA A 13 -9.85 -1.89 8.41
N GLY A 14 -9.34 -2.45 7.31
CA GLY A 14 -10.03 -2.53 6.01
C GLY A 14 -10.42 -1.20 5.33
N SER A 15 -10.01 -0.05 5.86
CA SER A 15 -9.89 1.21 5.12
C SER A 15 -9.16 2.29 5.92
N TYR A 16 -8.72 3.35 5.22
CA TYR A 16 -8.20 4.60 5.80
C TYR A 16 -9.24 5.73 5.66
N LYS A 17 -8.80 7.00 5.75
CA LYS A 17 -9.57 8.26 5.66
C LYS A 17 -10.85 8.17 4.81
N ASP A 18 -10.69 8.02 3.51
CA ASP A 18 -11.70 7.72 2.49
C ASP A 18 -11.19 6.63 1.51
N TRP A 19 -9.99 6.09 1.80
CA TRP A 19 -9.18 5.26 0.89
C TRP A 19 -9.42 3.78 1.18
N SER A 20 -9.86 3.02 0.18
CA SER A 20 -10.24 1.61 0.34
C SER A 20 -9.02 0.69 0.39
N TYR A 21 -9.12 -0.36 1.20
CA TYR A 21 -8.08 -1.35 1.39
C TYR A 21 -8.40 -2.59 0.53
N SER A 22 -7.42 -3.03 -0.27
CA SER A 22 -7.58 -3.92 -1.43
C SER A 22 -6.86 -5.28 -1.25
N GLY A 23 -6.13 -5.76 -2.26
CA GLY A 23 -5.53 -7.10 -2.34
C GLY A 23 -5.65 -7.84 -3.67
N GLN A 24 -6.08 -7.17 -4.74
CA GLN A 24 -6.09 -7.76 -6.08
C GLN A 24 -4.65 -7.93 -6.63
N SER A 25 -4.43 -9.01 -7.38
CA SER A 25 -3.13 -9.43 -7.90
C SER A 25 -2.85 -8.80 -9.28
N THR A 26 -1.65 -8.25 -9.47
CA THR A 26 -1.23 -7.59 -10.71
C THR A 26 0.22 -7.92 -11.09
N GLN A 27 0.63 -7.61 -12.33
CA GLN A 27 2.03 -7.71 -12.75
C GLN A 27 2.98 -6.72 -12.02
N LEU A 28 2.45 -5.74 -11.28
CA LEU A 28 3.18 -4.79 -10.44
C LEU A 28 3.34 -5.25 -8.98
N GLY A 29 2.55 -6.24 -8.53
CA GLY A 29 2.45 -6.67 -7.14
C GLY A 29 1.01 -6.91 -6.70
N ILE A 30 0.81 -7.08 -5.40
CA ILE A 30 -0.51 -7.19 -4.77
C ILE A 30 -0.98 -5.78 -4.39
N GLU A 31 -2.20 -5.40 -4.74
CA GLU A 31 -2.79 -4.09 -4.35
C GLU A 31 -2.91 -4.02 -2.83
N PHE A 32 -2.57 -2.91 -2.18
CA PHE A 32 -2.93 -2.77 -0.76
C PHE A 32 -3.26 -1.35 -0.32
N LEU A 33 -3.73 -0.56 -1.29
CA LEU A 33 -4.42 0.73 -1.12
C LEU A 33 -4.99 1.21 -2.45
N LYS A 34 -6.19 1.77 -2.39
CA LYS A 34 -6.97 2.29 -3.49
C LYS A 34 -7.51 3.68 -3.13
N ARG A 35 -7.22 4.68 -3.97
CA ARG A 35 -7.64 6.10 -3.83
C ARG A 35 -8.05 6.62 -5.21
N GLY A 36 -9.29 6.34 -5.59
CA GLY A 36 -9.78 6.55 -6.94
C GLY A 36 -9.08 5.62 -7.93
N ASP A 37 -8.63 6.19 -9.05
CA ASP A 37 -7.84 5.51 -10.06
C ASP A 37 -6.38 5.28 -9.63
N LYS A 38 -5.94 5.85 -8.50
CA LYS A 38 -4.60 5.64 -7.90
C LYS A 38 -4.60 4.35 -7.06
N SER A 39 -3.55 3.52 -7.20
CA SER A 39 -3.37 2.28 -6.45
C SER A 39 -1.91 2.05 -6.03
N VAL A 40 -1.71 1.56 -4.80
CA VAL A 40 -0.40 1.20 -4.22
C VAL A 40 -0.29 -0.31 -4.20
N TYR A 41 0.90 -0.84 -4.48
CA TYR A 41 1.17 -2.28 -4.52
C TYR A 41 2.35 -2.68 -3.64
N TYR A 42 2.45 -3.97 -3.33
CA TYR A 42 3.62 -4.55 -2.65
C TYR A 42 3.92 -5.98 -3.15
N THR A 43 5.21 -6.25 -3.39
CA THR A 43 5.76 -7.60 -3.62
C THR A 43 7.26 -7.64 -3.34
N SER A 44 7.66 -8.43 -2.33
CA SER A 44 9.04 -8.77 -1.95
C SER A 44 9.05 -9.81 -0.83
N ASN A 45 10.23 -10.19 -0.33
CA ASN A 45 10.40 -10.95 0.92
C ASN A 45 10.54 -10.03 2.16
N PRO A 46 11.46 -9.05 2.22
CA PRO A 46 11.42 -7.95 3.19
C PRO A 46 10.18 -7.06 3.00
N THR A 47 9.90 -6.18 3.95
CA THR A 47 8.76 -5.24 3.86
C THR A 47 9.02 -4.12 2.83
N THR A 48 8.00 -3.80 2.01
CA THR A 48 8.08 -2.79 0.93
C THR A 48 6.71 -2.24 0.51
N PHE A 49 6.70 -1.12 -0.23
CA PHE A 49 5.55 -0.60 -0.99
C PHE A 49 6.03 0.04 -2.31
N HIS A 50 5.13 0.18 -3.30
CA HIS A 50 5.43 0.69 -4.65
C HIS A 50 4.25 1.50 -5.24
N LEU A 51 4.55 2.46 -6.12
CA LEU A 51 3.61 3.22 -6.95
C LEU A 51 4.13 3.21 -8.39
N ASP A 52 3.29 2.99 -9.40
CA ASP A 52 3.68 3.04 -10.82
C ASP A 52 4.79 2.03 -11.18
N GLY A 53 4.78 0.87 -10.52
CA GLY A 53 5.80 -0.19 -10.64
C GLY A 53 7.16 0.14 -10.00
N GLU A 54 7.23 1.21 -9.21
CA GLU A 54 8.46 1.78 -8.65
C GLU A 54 8.39 1.88 -7.12
N VAL A 55 9.46 1.50 -6.43
CA VAL A 55 9.45 1.35 -4.97
C VAL A 55 9.46 2.68 -4.24
N ILE A 56 8.53 2.79 -3.29
CA ILE A 56 8.34 3.94 -2.42
C ILE A 56 8.48 3.48 -0.96
N THR A 57 8.85 4.42 -0.10
CA THR A 57 8.95 4.24 1.34
C THR A 57 7.62 4.57 2.00
N PHE A 58 7.46 4.22 3.27
CA PHE A 58 6.35 4.71 4.08
C PHE A 58 6.23 6.23 4.06
N ASP A 59 7.30 7.00 3.85
CA ASP A 59 7.25 8.46 3.67
C ASP A 59 6.55 8.90 2.38
N ASN A 60 6.67 8.12 1.32
CA ASN A 60 6.11 8.39 0.00
C ASN A 60 4.70 7.85 -0.11
N LEU A 61 4.42 6.79 0.67
CA LEU A 61 3.04 6.36 0.94
C LEU A 61 2.31 7.35 1.83
N LYS A 62 2.91 7.83 2.92
CA LYS A 62 2.10 8.47 3.96
C LYS A 62 1.59 9.84 3.53
N THR A 63 2.38 10.53 2.72
CA THR A 63 1.99 11.74 1.98
C THR A 63 0.92 11.47 0.89
N LEU A 64 0.89 10.25 0.34
CA LEU A 64 -0.14 9.71 -0.56
C LEU A 64 -1.42 9.28 0.19
N LEU A 65 -1.42 9.21 1.53
CA LEU A 65 -2.61 9.08 2.37
C LEU A 65 -3.21 10.44 2.80
N SER A 66 -2.43 11.53 2.74
CA SER A 66 -2.85 12.91 3.11
C SER A 66 -4.01 13.43 2.25
N GLY A 1 10.03 -3.83 11.95
CA GLY A 1 10.13 -2.79 10.92
C GLY A 1 8.81 -2.11 10.78
N SER A 2 8.79 -0.77 10.85
CA SER A 2 7.55 0.02 10.90
C SER A 2 6.67 -0.11 9.65
N GLU A 3 7.24 -0.25 8.46
CA GLU A 3 6.46 -0.41 7.22
C GLU A 3 5.79 -1.79 7.17
N GLU A 4 6.50 -2.80 7.65
CA GLU A 4 5.99 -4.18 7.78
C GLU A 4 5.01 -4.36 8.96
N HIS A 5 5.03 -3.47 9.94
CA HIS A 5 4.01 -3.33 11.00
C HIS A 5 2.79 -2.57 10.46
N PHE A 6 3.01 -1.62 9.55
CA PHE A 6 1.94 -0.92 8.83
C PHE A 6 1.16 -1.90 7.93
N ILE A 7 1.85 -2.74 7.14
CA ILE A 7 1.25 -3.80 6.29
C ILE A 7 0.21 -4.66 7.03
N GLU A 8 0.49 -5.00 8.28
CA GLU A 8 -0.45 -5.74 9.14
C GLU A 8 -1.59 -4.86 9.63
N THR A 9 -1.26 -3.67 10.11
CA THR A 9 -2.19 -2.64 10.60
C THR A 9 -3.23 -2.23 9.55
N ILE A 10 -2.87 -2.29 8.26
CA ILE A 10 -3.80 -2.10 7.13
C ILE A 10 -4.86 -3.21 7.13
N SER A 11 -4.43 -4.47 7.25
CA SER A 11 -5.31 -5.66 7.31
C SER A 11 -6.26 -5.67 8.49
N LEU A 12 -5.88 -5.07 9.62
CA LEU A 12 -6.75 -4.93 10.77
C LEU A 12 -7.91 -3.96 10.51
N ALA A 13 -7.65 -2.89 9.74
CA ALA A 13 -8.59 -1.80 9.49
C ALA A 13 -9.47 -1.92 8.22
N GLY A 14 -8.93 -2.36 7.08
CA GLY A 14 -9.67 -2.43 5.79
C GLY A 14 -10.19 -1.10 5.19
N SER A 15 -9.89 0.08 5.76
CA SER A 15 -9.75 1.34 5.01
C SER A 15 -9.09 2.46 5.84
N TYR A 16 -8.74 3.56 5.18
CA TYR A 16 -8.34 4.84 5.80
C TYR A 16 -9.32 5.97 5.41
N LYS A 17 -9.02 7.23 5.76
CA LYS A 17 -9.83 8.46 5.60
C LYS A 17 -11.00 8.36 4.61
N ASP A 18 -10.64 8.19 3.35
CA ASP A 18 -11.54 8.16 2.20
C ASP A 18 -11.00 7.26 1.07
N TRP A 19 -10.02 6.41 1.42
CA TRP A 19 -9.22 5.55 0.53
C TRP A 19 -9.49 4.08 0.88
N SER A 20 -9.85 3.28 -0.12
CA SER A 20 -10.22 1.88 0.09
C SER A 20 -8.99 0.97 0.15
N TYR A 21 -9.00 -0.02 1.04
CA TYR A 21 -7.96 -1.05 1.12
C TYR A 21 -8.35 -2.24 0.24
N SER A 22 -7.53 -2.53 -0.78
CA SER A 22 -7.81 -3.51 -1.85
C SER A 22 -7.22 -4.91 -1.55
N GLY A 23 -6.63 -5.57 -2.55
CA GLY A 23 -6.10 -6.93 -2.54
C GLY A 23 -6.49 -7.76 -3.75
N GLN A 24 -5.95 -7.34 -4.90
CA GLN A 24 -5.90 -8.08 -6.16
C GLN A 24 -4.44 -8.27 -6.60
N SER A 25 -4.15 -9.38 -7.31
CA SER A 25 -2.80 -9.73 -7.75
C SER A 25 -2.43 -9.03 -9.05
N THR A 26 -1.20 -8.49 -9.12
CA THR A 26 -0.67 -7.84 -10.34
C THR A 26 0.83 -8.09 -10.50
N GLN A 27 1.39 -7.76 -11.67
CA GLN A 27 2.85 -7.68 -11.88
C GLN A 27 3.54 -6.67 -10.93
N LEU A 28 2.81 -5.64 -10.51
CA LEU A 28 3.26 -4.52 -9.69
C LEU A 28 3.31 -4.90 -8.19
N GLY A 29 2.63 -5.99 -7.81
CA GLY A 29 2.50 -6.51 -6.45
C GLY A 29 1.04 -6.80 -6.09
N ILE A 30 0.78 -7.06 -4.81
CA ILE A 30 -0.58 -7.22 -4.27
C ILE A 30 -1.12 -5.84 -3.93
N GLU A 31 -2.30 -5.49 -4.48
CA GLU A 31 -2.93 -4.19 -4.24
C GLU A 31 -3.28 -4.02 -2.76
N PHE A 32 -3.00 -2.86 -2.14
CA PHE A 32 -3.58 -2.59 -0.82
C PHE A 32 -3.83 -1.12 -0.48
N LEU A 33 -4.09 -0.34 -1.53
CA LEU A 33 -4.69 1.00 -1.44
C LEU A 33 -5.21 1.46 -2.80
N LYS A 34 -6.39 2.08 -2.80
CA LYS A 34 -7.17 2.48 -3.95
C LYS A 34 -7.79 3.86 -3.72
N ARG A 35 -7.18 4.86 -4.36
CA ARG A 35 -7.42 6.32 -4.25
C ARG A 35 -7.40 6.94 -5.64
N GLY A 36 -8.56 7.31 -6.20
CA GLY A 36 -8.64 7.97 -7.51
C GLY A 36 -7.95 7.22 -8.65
N ASP A 37 -6.94 7.84 -9.26
CA ASP A 37 -6.09 7.25 -10.31
C ASP A 37 -5.01 6.28 -9.74
N LYS A 38 -4.81 6.24 -8.42
CA LYS A 38 -3.69 5.59 -7.74
C LYS A 38 -4.01 4.16 -7.31
N SER A 39 -3.02 3.27 -7.46
CA SER A 39 -2.94 2.00 -6.73
C SER A 39 -1.58 1.85 -6.05
N VAL A 40 -1.57 1.56 -4.75
CA VAL A 40 -0.37 1.15 -4.01
C VAL A 40 -0.37 -0.36 -3.87
N TYR A 41 0.81 -0.96 -4.03
CA TYR A 41 1.03 -2.40 -4.00
C TYR A 41 2.18 -2.77 -3.06
N TYR A 42 2.24 -4.04 -2.65
CA TYR A 42 3.38 -4.61 -1.91
C TYR A 42 3.83 -5.95 -2.50
N THR A 43 5.15 -6.18 -2.64
CA THR A 43 5.74 -7.51 -2.93
C THR A 43 7.24 -7.56 -2.66
N SER A 44 7.61 -8.38 -1.67
CA SER A 44 8.99 -8.79 -1.30
C SER A 44 8.93 -9.79 -0.11
N ASN A 45 10.08 -10.29 0.34
CA ASN A 45 10.22 -11.06 1.59
C ASN A 45 10.31 -10.15 2.85
N PRO A 46 11.21 -9.14 2.92
CA PRO A 46 11.02 -7.96 3.77
C PRO A 46 9.81 -7.12 3.32
N THR A 47 9.50 -6.03 4.02
CA THR A 47 8.58 -5.00 3.51
C THR A 47 9.08 -4.39 2.18
N THR A 48 8.20 -4.13 1.21
CA THR A 48 8.40 -3.07 0.19
C THR A 48 7.05 -2.60 -0.37
N PHE A 49 6.78 -1.30 -0.25
CA PHE A 49 5.65 -0.63 -0.91
C PHE A 49 6.04 -0.02 -2.27
N HIS A 50 5.09 0.07 -3.19
CA HIS A 50 5.24 0.73 -4.49
C HIS A 50 3.93 1.48 -4.86
N LEU A 51 4.02 2.57 -5.65
CA LEU A 51 2.90 3.22 -6.30
C LEU A 51 3.03 2.89 -7.78
N ASP A 52 1.98 2.31 -8.36
CA ASP A 52 1.99 1.92 -9.78
C ASP A 52 3.13 0.92 -10.12
N GLY A 53 3.70 0.24 -9.12
CA GLY A 53 4.87 -0.63 -9.26
C GLY A 53 6.23 0.09 -9.21
N GLU A 54 6.29 1.40 -9.06
CA GLU A 54 7.51 2.14 -8.72
C GLU A 54 7.67 2.21 -7.19
N VAL A 55 8.84 1.86 -6.65
CA VAL A 55 9.05 1.70 -5.19
C VAL A 55 9.06 3.01 -4.42
N ILE A 56 8.30 2.98 -3.32
CA ILE A 56 8.11 4.07 -2.37
C ILE A 56 8.39 3.62 -0.93
N THR A 57 8.62 4.59 -0.06
CA THR A 57 8.79 4.41 1.40
C THR A 57 7.51 4.81 2.14
N PHE A 58 7.46 4.56 3.44
CA PHE A 58 6.42 5.06 4.35
C PHE A 58 6.20 6.56 4.15
N ASP A 59 7.28 7.35 4.00
CA ASP A 59 7.22 8.78 3.76
C ASP A 59 6.50 9.17 2.45
N ASN A 60 6.53 8.30 1.44
CA ASN A 60 5.89 8.55 0.15
C ASN A 60 4.45 8.04 0.14
N LEU A 61 4.19 6.97 0.88
CA LEU A 61 2.82 6.58 1.26
C LEU A 61 2.15 7.66 2.12
N LYS A 62 2.90 8.33 3.01
CA LYS A 62 2.29 9.21 4.01
C LYS A 62 1.59 10.41 3.38
N THR A 63 2.26 11.05 2.41
CA THR A 63 1.72 12.19 1.65
C THR A 63 0.62 11.79 0.64
N LEU A 64 0.57 10.50 0.27
CA LEU A 64 -0.51 9.88 -0.51
C LEU A 64 -1.76 9.62 0.35
N LEU A 65 -1.60 9.20 1.61
CA LEU A 65 -2.70 8.95 2.55
C LEU A 65 -3.25 10.20 3.24
N SER A 66 -2.43 11.24 3.43
CA SER A 66 -2.79 12.44 4.20
C SER A 66 -3.63 13.44 3.41
N GLY A 1 11.19 -2.64 11.76
CA GLY A 1 10.86 -1.53 10.84
C GLY A 1 9.38 -1.20 10.90
N SER A 2 9.00 0.02 10.54
CA SER A 2 7.62 0.53 10.67
C SER A 2 6.63 -0.10 9.68
N GLU A 3 7.10 -0.45 8.48
CA GLU A 3 6.26 -0.79 7.30
C GLU A 3 5.62 -2.17 7.43
N GLU A 4 6.39 -3.13 7.92
CA GLU A 4 5.97 -4.49 8.25
C GLU A 4 4.96 -4.59 9.42
N HIS A 5 4.91 -3.55 10.26
CA HIS A 5 3.88 -3.37 11.28
C HIS A 5 2.66 -2.64 10.70
N PHE A 6 2.88 -1.68 9.78
CA PHE A 6 1.80 -1.01 9.06
C PHE A 6 0.97 -1.99 8.23
N ILE A 7 1.61 -2.91 7.51
CA ILE A 7 0.98 -4.04 6.76
C ILE A 7 -0.04 -4.81 7.61
N GLU A 8 0.24 -4.97 8.90
CA GLU A 8 -0.67 -5.59 9.85
C GLU A 8 -1.84 -4.67 10.21
N THR A 9 -1.50 -3.43 10.59
CA THR A 9 -2.47 -2.42 11.02
C THR A 9 -3.49 -2.05 9.92
N ILE A 10 -3.09 -2.15 8.64
CA ILE A 10 -3.98 -2.00 7.48
C ILE A 10 -5.07 -3.06 7.50
N SER A 11 -4.70 -4.32 7.73
CA SER A 11 -5.59 -5.47 7.78
C SER A 11 -6.66 -5.33 8.86
N LEU A 12 -6.24 -4.84 10.04
CA LEU A 12 -7.12 -4.60 11.16
C LEU A 12 -8.17 -3.52 10.86
N ALA A 13 -7.78 -2.50 10.06
CA ALA A 13 -8.60 -1.32 9.81
C ALA A 13 -9.53 -1.42 8.58
N GLY A 14 -9.09 -2.04 7.48
CA GLY A 14 -9.82 -2.19 6.20
C GLY A 14 -10.31 -0.92 5.49
N SER A 15 -9.96 0.28 5.95
CA SER A 15 -9.88 1.49 5.13
C SER A 15 -9.18 2.66 5.83
N TYR A 16 -8.77 3.63 5.02
CA TYR A 16 -8.38 4.98 5.45
C TYR A 16 -9.50 5.96 5.04
N LYS A 17 -9.55 7.18 5.63
CA LYS A 17 -10.58 8.23 5.48
C LYS A 17 -11.52 8.10 4.28
N ASP A 18 -10.94 8.17 3.08
CA ASP A 18 -11.58 8.25 1.77
C ASP A 18 -11.09 7.12 0.81
N TRP A 19 -10.14 6.28 1.26
CA TRP A 19 -9.35 5.33 0.46
C TRP A 19 -9.62 3.87 0.85
N SER A 20 -9.84 3.03 -0.14
CA SER A 20 -10.26 1.63 0.00
C SER A 20 -9.06 0.69 0.21
N TYR A 21 -9.12 -0.27 1.13
CA TYR A 21 -8.06 -1.26 1.34
C TYR A 21 -8.31 -2.54 0.52
N SER A 22 -7.24 -3.09 -0.09
CA SER A 22 -7.32 -3.99 -1.26
C SER A 22 -6.50 -5.30 -1.12
N GLY A 23 -5.87 -5.79 -2.19
CA GLY A 23 -5.34 -7.16 -2.36
C GLY A 23 -5.64 -7.89 -3.67
N GLN A 24 -6.07 -7.18 -4.72
CA GLN A 24 -6.10 -7.71 -6.09
C GLN A 24 -4.69 -7.91 -6.68
N SER A 25 -4.57 -8.85 -7.63
CA SER A 25 -3.27 -9.30 -8.18
C SER A 25 -2.93 -8.62 -9.51
N THR A 26 -1.74 -8.04 -9.65
CA THR A 26 -1.28 -7.35 -10.86
C THR A 26 0.18 -7.68 -11.19
N GLN A 27 0.67 -7.34 -12.39
CA GLN A 27 2.10 -7.47 -12.73
C GLN A 27 3.00 -6.56 -11.88
N LEU A 28 2.48 -5.46 -11.33
CA LEU A 28 3.17 -4.49 -10.49
C LEU A 28 3.40 -5.00 -9.04
N GLY A 29 2.62 -6.01 -8.63
CA GLY A 29 2.55 -6.54 -7.26
C GLY A 29 1.11 -6.82 -6.83
N ILE A 30 0.93 -7.16 -5.56
CA ILE A 30 -0.39 -7.33 -4.95
C ILE A 30 -0.82 -5.99 -4.37
N GLU A 31 -2.07 -5.58 -4.62
CA GLU A 31 -2.58 -4.29 -4.16
C GLU A 31 -2.67 -4.25 -2.63
N PHE A 32 -2.45 -3.08 -2.02
CA PHE A 32 -2.91 -2.88 -0.64
C PHE A 32 -3.32 -1.46 -0.29
N LEU A 33 -3.76 -0.74 -1.33
CA LEU A 33 -4.50 0.53 -1.25
C LEU A 33 -5.06 0.90 -2.63
N LYS A 34 -6.31 1.36 -2.65
CA LYS A 34 -7.12 1.65 -3.81
C LYS A 34 -7.80 3.02 -3.61
N ARG A 35 -7.29 4.04 -4.31
CA ARG A 35 -7.67 5.46 -4.25
C ARG A 35 -8.06 5.92 -5.66
N GLY A 36 -9.32 5.72 -6.05
CA GLY A 36 -9.81 6.09 -7.38
C GLY A 36 -9.00 5.48 -8.52
N ASP A 37 -8.32 6.30 -9.33
CA ASP A 37 -7.44 5.87 -10.42
C ASP A 37 -5.96 5.67 -9.99
N LYS A 38 -5.66 5.72 -8.68
CA LYS A 38 -4.32 5.55 -8.08
C LYS A 38 -4.28 4.31 -7.17
N SER A 39 -3.15 3.59 -7.16
CA SER A 39 -2.98 2.34 -6.41
C SER A 39 -1.57 2.16 -5.83
N VAL A 40 -1.47 1.61 -4.62
CA VAL A 40 -0.21 1.17 -4.00
C VAL A 40 -0.19 -0.35 -3.88
N TYR A 41 0.99 -0.93 -4.13
CA TYR A 41 1.24 -2.37 -4.18
C TYR A 41 2.40 -2.78 -3.28
N TYR A 42 2.48 -4.07 -2.95
CA TYR A 42 3.64 -4.68 -2.31
C TYR A 42 4.00 -6.04 -2.95
N THR A 43 5.30 -6.29 -3.13
CA THR A 43 5.86 -7.62 -3.47
C THR A 43 7.38 -7.68 -3.30
N SER A 44 7.85 -8.50 -2.37
CA SER A 44 9.27 -8.74 -2.10
C SER A 44 9.49 -9.90 -1.10
N ASN A 45 10.73 -10.09 -0.63
CA ASN A 45 11.04 -10.92 0.55
C ASN A 45 10.72 -10.17 1.87
N PRO A 46 11.30 -8.99 2.16
CA PRO A 46 10.86 -8.10 3.23
C PRO A 46 9.52 -7.41 2.88
N THR A 47 9.00 -6.59 3.79
CA THR A 47 8.10 -5.49 3.42
C THR A 47 8.74 -4.56 2.38
N THR A 48 8.06 -4.25 1.28
CA THR A 48 8.44 -3.17 0.33
C THR A 48 7.21 -2.66 -0.44
N PHE A 49 6.95 -1.35 -0.36
CA PHE A 49 5.82 -0.68 -0.98
C PHE A 49 6.20 0.03 -2.30
N HIS A 50 5.23 0.14 -3.23
CA HIS A 50 5.39 0.77 -4.54
C HIS A 50 4.12 1.54 -4.94
N LEU A 51 4.24 2.60 -5.74
CA LEU A 51 3.16 3.35 -6.38
C LEU A 51 3.37 3.20 -7.88
N ASP A 52 2.33 2.81 -8.64
CA ASP A 52 2.41 2.64 -10.10
C ASP A 52 3.47 1.60 -10.55
N GLY A 53 3.90 0.73 -9.63
CA GLY A 53 4.99 -0.24 -9.80
C GLY A 53 6.39 0.26 -9.40
N GLU A 54 6.59 1.56 -9.20
CA GLU A 54 7.85 2.16 -8.75
C GLU A 54 7.92 2.18 -7.21
N VAL A 55 9.05 1.75 -6.63
CA VAL A 55 9.23 1.66 -5.17
C VAL A 55 9.17 3.02 -4.47
N ILE A 56 8.43 3.03 -3.36
CA ILE A 56 8.26 4.17 -2.44
C ILE A 56 8.59 3.76 -0.99
N THR A 57 8.92 4.76 -0.19
CA THR A 57 9.15 4.62 1.26
C THR A 57 7.86 4.92 2.03
N PHE A 58 7.85 4.64 3.33
CA PHE A 58 6.71 4.97 4.21
C PHE A 58 6.37 6.46 4.17
N ASP A 59 7.35 7.34 3.91
CA ASP A 59 7.17 8.78 3.67
C ASP A 59 6.35 9.11 2.43
N ASN A 60 6.50 8.30 1.38
CA ASN A 60 5.87 8.51 0.10
C ASN A 60 4.49 7.85 0.08
N LEU A 61 4.34 6.80 0.89
CA LEU A 61 3.02 6.31 1.27
C LEU A 61 2.26 7.31 2.13
N LYS A 62 2.88 7.87 3.18
CA LYS A 62 2.07 8.50 4.23
C LYS A 62 1.39 9.79 3.77
N THR A 63 2.06 10.52 2.88
CA THR A 63 1.49 11.66 2.13
C THR A 63 0.47 11.23 1.06
N LEU A 64 0.61 10.05 0.44
CA LEU A 64 -0.38 9.45 -0.46
C LEU A 64 -1.69 9.08 0.26
N LEU A 65 -1.71 9.03 1.60
CA LEU A 65 -2.94 8.94 2.39
C LEU A 65 -3.48 10.34 2.81
N SER A 66 -2.60 11.30 3.14
CA SER A 66 -2.99 12.66 3.58
C SER A 66 -2.48 13.78 2.69
N GLY A 1 9.90 -3.63 13.84
CA GLY A 1 9.84 -2.70 12.71
C GLY A 1 8.42 -2.20 12.51
N SER A 2 8.26 -0.88 12.39
CA SER A 2 6.96 -0.22 12.44
C SER A 2 6.23 -0.13 11.09
N GLU A 3 6.93 -0.12 9.95
CA GLU A 3 6.31 -0.14 8.62
C GLU A 3 5.73 -1.52 8.29
N GLU A 4 6.45 -2.58 8.65
CA GLU A 4 5.99 -3.97 8.56
C GLU A 4 4.82 -4.28 9.51
N HIS A 5 4.70 -3.51 10.59
CA HIS A 5 3.53 -3.47 11.47
C HIS A 5 2.43 -2.55 10.92
N PHE A 6 2.77 -1.51 10.16
CA PHE A 6 1.80 -0.66 9.46
C PHE A 6 1.04 -1.48 8.40
N ILE A 7 1.77 -2.33 7.67
CA ILE A 7 1.26 -3.35 6.74
C ILE A 7 0.23 -4.26 7.43
N GLU A 8 0.58 -4.83 8.59
CA GLU A 8 -0.32 -5.65 9.39
C GLU A 8 -1.58 -4.85 9.82
N THR A 9 -1.37 -3.59 10.19
CA THR A 9 -2.42 -2.62 10.58
C THR A 9 -3.35 -2.25 9.40
N ILE A 10 -2.95 -2.42 8.14
CA ILE A 10 -3.88 -2.35 6.98
C ILE A 10 -4.88 -3.52 7.07
N SER A 11 -4.36 -4.73 7.27
CA SER A 11 -5.10 -6.00 7.46
C SER A 11 -6.04 -5.98 8.66
N LEU A 12 -5.70 -5.28 9.75
CA LEU A 12 -6.61 -5.05 10.86
C LEU A 12 -7.79 -4.15 10.43
N ALA A 13 -7.50 -3.03 9.78
CA ALA A 13 -8.47 -1.94 9.61
C ALA A 13 -9.37 -2.01 8.36
N GLY A 14 -8.88 -2.48 7.21
CA GLY A 14 -9.68 -2.58 5.96
C GLY A 14 -10.23 -1.29 5.31
N SER A 15 -9.99 -0.09 5.85
CA SER A 15 -9.85 1.16 5.08
C SER A 15 -9.29 2.33 5.90
N TYR A 16 -8.80 3.36 5.19
CA TYR A 16 -8.31 4.62 5.76
C TYR A 16 -9.39 5.73 5.66
N LYS A 17 -8.97 7.00 5.53
CA LYS A 17 -9.82 8.22 5.45
C LYS A 17 -11.11 8.00 4.66
N ASP A 18 -10.95 7.70 3.37
CA ASP A 18 -11.98 7.16 2.48
C ASP A 18 -11.37 6.21 1.44
N TRP A 19 -10.10 5.82 1.65
CA TRP A 19 -9.28 5.07 0.69
C TRP A 19 -9.45 3.58 0.95
N SER A 20 -9.84 2.84 -0.09
CA SER A 20 -10.23 1.44 -0.01
C SER A 20 -9.01 0.53 0.10
N TYR A 21 -9.02 -0.38 1.08
CA TYR A 21 -7.99 -1.41 1.19
C TYR A 21 -8.34 -2.55 0.19
N SER A 22 -7.33 -3.11 -0.46
CA SER A 22 -7.48 -3.94 -1.67
C SER A 22 -6.77 -5.30 -1.56
N GLY A 23 -6.18 -5.80 -2.65
CA GLY A 23 -5.67 -7.18 -2.80
C GLY A 23 -6.09 -7.92 -4.07
N GLN A 24 -6.43 -7.18 -5.13
CA GLN A 24 -6.32 -7.73 -6.49
C GLN A 24 -4.84 -7.96 -6.85
N SER A 25 -4.56 -9.07 -7.51
CA SER A 25 -3.22 -9.48 -7.96
C SER A 25 -2.93 -8.90 -9.34
N THR A 26 -1.86 -8.12 -9.50
CA THR A 26 -1.56 -7.42 -10.76
C THR A 26 -0.16 -7.73 -11.30
N GLN A 27 0.12 -7.28 -12.53
CA GLN A 27 1.46 -7.31 -13.12
C GLN A 27 2.48 -6.41 -12.36
N LEU A 28 1.99 -5.47 -11.56
CA LEU A 28 2.76 -4.48 -10.80
C LEU A 28 3.07 -4.92 -9.35
N GLY A 29 2.43 -5.99 -8.87
CA GLY A 29 2.44 -6.44 -7.47
C GLY A 29 1.02 -6.77 -6.98
N ILE A 30 0.90 -7.12 -5.70
CA ILE A 30 -0.39 -7.31 -5.04
C ILE A 30 -0.88 -5.95 -4.55
N GLU A 31 -2.13 -5.58 -4.83
CA GLU A 31 -2.69 -4.30 -4.39
C GLU A 31 -2.89 -4.28 -2.87
N PHE A 32 -2.70 -3.13 -2.21
CA PHE A 32 -3.21 -2.99 -0.83
C PHE A 32 -3.59 -1.58 -0.40
N LEU A 33 -3.99 -0.77 -1.37
CA LEU A 33 -4.65 0.54 -1.21
C LEU A 33 -5.11 1.07 -2.56
N LYS A 34 -6.29 1.66 -2.60
CA LYS A 34 -6.95 2.16 -3.78
C LYS A 34 -7.68 3.48 -3.46
N ARG A 35 -7.46 4.49 -4.31
CA ARG A 35 -8.06 5.84 -4.24
C ARG A 35 -8.35 6.34 -5.66
N GLY A 36 -9.52 5.95 -6.19
CA GLY A 36 -9.98 6.34 -7.53
C GLY A 36 -9.01 5.93 -8.63
N ASP A 37 -8.30 6.90 -9.22
CA ASP A 37 -7.31 6.68 -10.28
C ASP A 37 -5.97 6.07 -9.80
N LYS A 38 -5.76 5.95 -8.48
CA LYS A 38 -4.46 5.63 -7.85
C LYS A 38 -4.50 4.32 -7.05
N SER A 39 -3.49 3.46 -7.23
CA SER A 39 -3.33 2.17 -6.54
C SER A 39 -1.91 1.97 -6.01
N VAL A 40 -1.79 1.38 -4.81
CA VAL A 40 -0.53 1.04 -4.14
C VAL A 40 -0.35 -0.48 -4.13
N TYR A 41 0.88 -0.95 -4.34
CA TYR A 41 1.21 -2.37 -4.37
C TYR A 41 2.35 -2.74 -3.43
N TYR A 42 2.42 -4.01 -3.03
CA TYR A 42 3.50 -4.57 -2.24
C TYR A 42 3.85 -6.01 -2.66
N THR A 43 5.16 -6.30 -2.76
CA THR A 43 5.72 -7.66 -2.78
C THR A 43 7.20 -7.66 -2.44
N SER A 44 7.57 -8.40 -1.38
CA SER A 44 8.94 -8.73 -0.95
C SER A 44 8.90 -9.60 0.32
N ASN A 45 10.06 -10.01 0.83
CA ASN A 45 10.19 -10.58 2.18
C ASN A 45 10.14 -9.50 3.30
N PRO A 46 10.99 -8.46 3.30
CA PRO A 46 10.84 -7.29 4.17
C PRO A 46 9.59 -6.45 3.87
N THR A 47 9.34 -5.42 4.70
CA THR A 47 8.45 -4.30 4.36
C THR A 47 8.87 -3.67 3.01
N THR A 48 7.95 -3.42 2.07
CA THR A 48 8.22 -2.79 0.75
C THR A 48 6.92 -2.18 0.19
N PHE A 49 7.00 -1.06 -0.56
CA PHE A 49 5.85 -0.38 -1.17
C PHE A 49 6.14 0.10 -2.61
N HIS A 50 5.11 0.21 -3.46
CA HIS A 50 5.20 0.81 -4.80
C HIS A 50 3.93 1.60 -5.16
N LEU A 51 4.06 2.60 -6.05
CA LEU A 51 2.96 3.32 -6.71
C LEU A 51 3.16 3.16 -8.21
N ASP A 52 2.10 2.85 -8.97
CA ASP A 52 2.20 2.73 -10.43
C ASP A 52 3.27 1.69 -10.88
N GLY A 53 3.46 0.66 -10.05
CA GLY A 53 4.49 -0.38 -10.17
C GLY A 53 5.89 -0.01 -9.68
N GLU A 54 6.19 1.27 -9.48
CA GLU A 54 7.55 1.77 -9.18
C GLU A 54 7.73 1.99 -7.67
N VAL A 55 8.81 1.44 -7.11
CA VAL A 55 9.05 1.40 -5.65
C VAL A 55 9.12 2.79 -5.02
N ILE A 56 8.34 2.93 -3.96
CA ILE A 56 8.30 4.09 -3.05
C ILE A 56 8.67 3.62 -1.63
N THR A 57 8.99 4.57 -0.78
CA THR A 57 9.22 4.34 0.65
C THR A 57 8.01 4.75 1.47
N PHE A 58 8.00 4.41 2.76
CA PHE A 58 6.97 4.86 3.71
C PHE A 58 6.81 6.39 3.68
N ASP A 59 7.88 7.15 3.43
CA ASP A 59 7.82 8.60 3.19
C ASP A 59 6.94 9.03 2.01
N ASN A 60 7.00 8.28 0.92
CA ASN A 60 6.35 8.60 -0.34
C ASN A 60 4.95 8.05 -0.38
N LEU A 61 4.73 7.00 0.41
CA LEU A 61 3.35 6.65 0.80
C LEU A 61 2.74 7.65 1.76
N LYS A 62 3.47 8.09 2.79
CA LYS A 62 2.75 8.71 3.92
C LYS A 62 2.11 10.07 3.58
N THR A 63 2.72 10.79 2.65
CA THR A 63 2.17 11.99 1.96
C THR A 63 1.06 11.66 0.93
N LEU A 64 1.00 10.41 0.47
CA LEU A 64 -0.01 9.82 -0.43
C LEU A 64 -1.34 9.56 0.29
N LEU A 65 -1.33 9.21 1.59
CA LEU A 65 -2.57 8.93 2.34
C LEU A 65 -3.26 10.22 2.83
N SER A 66 -2.49 11.30 3.07
CA SER A 66 -3.00 12.63 3.47
C SER A 66 -3.75 13.35 2.34
N GLY A 1 11.42 -0.94 10.30
CA GLY A 1 10.81 -1.42 11.55
C GLY A 1 9.31 -1.55 11.41
N SER A 2 8.56 -0.72 12.13
CA SER A 2 7.11 -0.83 12.35
C SER A 2 6.23 -0.56 11.12
N GLU A 3 6.81 -0.25 9.96
CA GLU A 3 6.16 -0.34 8.64
C GLU A 3 5.59 -1.76 8.40
N GLU A 4 6.36 -2.78 8.78
CA GLU A 4 5.95 -4.20 8.68
C GLU A 4 4.78 -4.56 9.62
N HIS A 5 4.60 -3.77 10.70
CA HIS A 5 3.42 -3.79 11.58
C HIS A 5 2.31 -2.85 11.09
N PHE A 6 2.65 -1.84 10.28
CA PHE A 6 1.66 -0.98 9.60
C PHE A 6 0.91 -1.79 8.54
N ILE A 7 1.61 -2.67 7.82
CA ILE A 7 1.10 -3.72 6.91
C ILE A 7 0.09 -4.65 7.60
N GLU A 8 0.33 -5.01 8.86
CA GLU A 8 -0.60 -5.79 9.66
C GLU A 8 -1.83 -4.93 10.04
N THR A 9 -1.56 -3.69 10.43
CA THR A 9 -2.57 -2.68 10.78
C THR A 9 -3.45 -2.24 9.59
N ILE A 10 -3.01 -2.45 8.33
CA ILE A 10 -3.90 -2.35 7.15
C ILE A 10 -5.01 -3.41 7.28
N SER A 11 -4.62 -4.66 7.47
CA SER A 11 -5.52 -5.82 7.55
C SER A 11 -6.39 -5.83 8.81
N LEU A 12 -5.98 -5.21 9.92
CA LEU A 12 -6.83 -4.94 11.08
C LEU A 12 -8.02 -4.01 10.75
N ALA A 13 -7.77 -2.95 9.98
CA ALA A 13 -8.72 -1.88 9.73
C ALA A 13 -9.65 -2.12 8.51
N GLY A 14 -9.08 -2.54 7.38
CA GLY A 14 -9.78 -2.58 6.08
C GLY A 14 -10.21 -1.22 5.49
N SER A 15 -9.71 -0.09 6.01
CA SER A 15 -9.59 1.18 5.29
C SER A 15 -8.71 2.23 5.99
N TYR A 16 -8.42 3.31 5.27
CA TYR A 16 -7.92 4.60 5.81
C TYR A 16 -9.03 5.67 5.73
N LYS A 17 -8.73 6.96 5.93
CA LYS A 17 -9.69 8.09 6.00
C LYS A 17 -10.89 7.99 5.06
N ASP A 18 -10.60 7.76 3.77
CA ASP A 18 -11.56 7.75 2.67
C ASP A 18 -11.12 6.75 1.55
N TRP A 19 -9.96 6.12 1.73
CA TRP A 19 -9.23 5.28 0.77
C TRP A 19 -9.44 3.82 1.14
N SER A 20 -9.78 2.99 0.16
CA SER A 20 -10.23 1.61 0.36
C SER A 20 -9.08 0.62 0.34
N TYR A 21 -9.16 -0.45 1.14
CA TYR A 21 -8.07 -1.42 1.30
C TYR A 21 -8.35 -2.69 0.47
N SER A 22 -7.32 -3.14 -0.26
CA SER A 22 -7.46 -4.04 -1.43
C SER A 22 -6.67 -5.36 -1.28
N GLY A 23 -6.01 -5.83 -2.35
CA GLY A 23 -5.40 -7.16 -2.48
C GLY A 23 -5.62 -7.91 -3.78
N GLN A 24 -6.20 -7.28 -4.80
CA GLN A 24 -6.28 -7.87 -6.15
C GLN A 24 -4.88 -7.98 -6.80
N SER A 25 -4.64 -9.04 -7.59
CA SER A 25 -3.33 -9.32 -8.19
C SER A 25 -3.19 -8.68 -9.58
N THR A 26 -2.08 -7.98 -9.83
CA THR A 26 -1.82 -7.20 -11.05
C THR A 26 -0.39 -7.39 -11.56
N GLN A 27 -0.09 -6.96 -12.78
CA GLN A 27 1.28 -6.94 -13.34
C GLN A 27 2.23 -5.93 -12.67
N LEU A 28 1.76 -5.15 -11.69
CA LEU A 28 2.55 -4.21 -10.90
C LEU A 28 2.86 -4.72 -9.48
N GLY A 29 2.27 -5.84 -9.06
CA GLY A 29 2.29 -6.36 -7.70
C GLY A 29 0.87 -6.70 -7.22
N ILE A 30 0.76 -7.09 -5.95
CA ILE A 30 -0.53 -7.27 -5.28
C ILE A 30 -0.97 -5.90 -4.75
N GLU A 31 -2.22 -5.51 -5.01
CA GLU A 31 -2.75 -4.22 -4.54
C GLU A 31 -2.82 -4.18 -3.01
N PHE A 32 -2.58 -3.03 -2.37
CA PHE A 32 -2.90 -2.89 -0.95
C PHE A 32 -3.32 -1.48 -0.53
N LEU A 33 -3.90 -0.76 -1.49
CA LEU A 33 -4.61 0.52 -1.34
C LEU A 33 -5.25 0.90 -2.67
N LYS A 34 -6.48 1.42 -2.61
CA LYS A 34 -7.35 1.75 -3.73
C LYS A 34 -8.04 3.09 -3.46
N ARG A 35 -7.58 4.13 -4.17
CA ARG A 35 -8.05 5.52 -4.12
C ARG A 35 -8.51 5.94 -5.53
N GLY A 36 -9.74 5.59 -5.89
CA GLY A 36 -10.26 5.76 -7.25
C GLY A 36 -9.33 5.15 -8.30
N ASP A 37 -8.93 5.95 -9.27
CA ASP A 37 -8.02 5.58 -10.37
C ASP A 37 -6.51 5.61 -9.98
N LYS A 38 -6.19 5.57 -8.67
CA LYS A 38 -4.83 5.43 -8.12
C LYS A 38 -4.78 4.25 -7.13
N SER A 39 -3.68 3.50 -7.14
CA SER A 39 -3.48 2.32 -6.28
C SER A 39 -2.02 2.17 -5.82
N VAL A 40 -1.80 1.41 -4.74
CA VAL A 40 -0.48 1.09 -4.15
C VAL A 40 -0.28 -0.42 -4.19
N TYR A 41 0.95 -0.91 -4.39
CA TYR A 41 1.24 -2.36 -4.45
C TYR A 41 2.36 -2.81 -3.51
N TYR A 42 2.35 -4.10 -3.18
CA TYR A 42 3.37 -4.77 -2.37
C TYR A 42 3.66 -6.18 -2.91
N THR A 43 4.95 -6.51 -3.11
CA THR A 43 5.44 -7.88 -3.28
C THR A 43 6.95 -7.98 -2.97
N SER A 44 7.30 -8.68 -1.89
CA SER A 44 8.66 -8.86 -1.34
C SER A 44 8.64 -9.88 -0.17
N ASN A 45 9.66 -9.85 0.68
CA ASN A 45 9.76 -10.50 1.99
C ASN A 45 9.87 -9.47 3.15
N PRO A 46 10.81 -8.50 3.13
CA PRO A 46 10.79 -7.31 4.02
C PRO A 46 9.61 -6.37 3.71
N THR A 47 9.27 -5.47 4.65
CA THR A 47 8.27 -4.41 4.45
C THR A 47 8.58 -3.57 3.18
N THR A 48 7.77 -3.66 2.12
CA THR A 48 8.09 -3.00 0.83
C THR A 48 6.83 -2.53 0.08
N PHE A 49 6.81 -1.27 -0.34
CA PHE A 49 5.72 -0.61 -1.06
C PHE A 49 6.18 0.01 -2.40
N HIS A 50 5.27 0.14 -3.36
CA HIS A 50 5.53 0.77 -4.65
C HIS A 50 4.30 1.54 -5.19
N LEU A 51 4.51 2.53 -6.06
CA LEU A 51 3.48 3.14 -6.90
C LEU A 51 3.83 2.93 -8.36
N ASP A 52 2.93 2.25 -9.07
CA ASP A 52 2.90 2.19 -10.54
C ASP A 52 4.21 1.67 -11.18
N GLY A 53 4.95 0.84 -10.44
CA GLY A 53 6.26 0.31 -10.81
C GLY A 53 7.50 1.03 -10.24
N GLU A 54 7.36 2.11 -9.46
CA GLU A 54 8.45 2.72 -8.67
C GLU A 54 8.36 2.29 -7.20
N VAL A 55 9.46 1.84 -6.59
CA VAL A 55 9.52 1.60 -5.14
C VAL A 55 9.52 2.92 -4.36
N ILE A 56 8.63 2.95 -3.38
CA ILE A 56 8.43 4.08 -2.46
C ILE A 56 8.56 3.59 -1.02
N THR A 57 8.85 4.50 -0.11
CA THR A 57 8.94 4.25 1.33
C THR A 57 7.68 4.74 2.03
N PHE A 58 7.53 4.42 3.30
CA PHE A 58 6.48 4.93 4.19
C PHE A 58 6.32 6.46 4.08
N ASP A 59 7.42 7.20 3.96
CA ASP A 59 7.44 8.64 3.69
C ASP A 59 6.75 9.07 2.39
N ASN A 60 6.90 8.28 1.33
CA ASN A 60 6.41 8.57 -0.01
C ASN A 60 4.98 8.06 -0.17
N LEU A 61 4.64 7.05 0.63
CA LEU A 61 3.24 6.64 0.86
C LEU A 61 2.47 7.69 1.65
N LYS A 62 3.08 8.31 2.68
CA LYS A 62 2.33 9.13 3.63
C LYS A 62 1.70 10.37 2.96
N THR A 63 2.49 11.03 2.11
CA THR A 63 2.07 12.17 1.27
C THR A 63 1.07 11.78 0.16
N LEU A 64 1.03 10.49 -0.21
CA LEU A 64 0.02 9.91 -1.11
C LEU A 64 -1.31 9.60 -0.40
N LEU A 65 -1.29 9.18 0.87
CA LEU A 65 -2.50 9.08 1.71
C LEU A 65 -3.05 10.46 2.11
N SER A 66 -2.22 11.51 2.09
CA SER A 66 -2.57 12.89 2.48
C SER A 66 -3.49 13.58 1.48
N GLY A 1 9.73 0.53 12.61
CA GLY A 1 9.61 0.13 11.20
C GLY A 1 8.19 0.37 10.72
N SER A 2 7.95 1.50 10.04
CA SER A 2 6.60 2.03 9.82
C SER A 2 5.80 1.33 8.72
N GLU A 3 6.44 0.84 7.65
CA GLU A 3 5.74 0.10 6.59
C GLU A 3 5.18 -1.23 7.11
N GLU A 4 6.00 -2.04 7.77
CA GLU A 4 5.61 -3.39 8.21
C GLU A 4 4.54 -3.39 9.33
N HIS A 5 4.49 -2.29 10.09
CA HIS A 5 3.47 -2.02 11.09
C HIS A 5 2.20 -1.45 10.44
N PHE A 6 2.34 -0.68 9.35
CA PHE A 6 1.19 -0.27 8.55
C PHE A 6 0.55 -1.49 7.88
N ILE A 7 1.35 -2.36 7.25
CA ILE A 7 0.99 -3.66 6.66
C ILE A 7 0.16 -4.53 7.63
N GLU A 8 0.56 -4.63 8.89
CA GLU A 8 -0.22 -5.27 9.94
C GLU A 8 -1.57 -4.58 10.14
N THR A 9 -1.52 -3.27 10.34
CA THR A 9 -2.69 -2.40 10.50
C THR A 9 -3.67 -2.48 9.30
N ILE A 10 -3.21 -2.80 8.08
CA ILE A 10 -4.09 -3.02 6.90
C ILE A 10 -5.03 -4.22 7.12
N SER A 11 -4.44 -5.28 7.64
CA SER A 11 -5.08 -6.57 7.93
C SER A 11 -5.98 -6.50 9.17
N LEU A 12 -5.76 -5.53 10.07
CA LEU A 12 -6.68 -5.20 11.17
C LEU A 12 -7.87 -4.34 10.71
N ALA A 13 -7.60 -3.21 10.04
CA ALA A 13 -8.56 -2.12 9.84
C ALA A 13 -9.42 -2.18 8.55
N GLY A 14 -8.89 -2.70 7.44
CA GLY A 14 -9.60 -2.75 6.14
C GLY A 14 -10.05 -1.41 5.52
N SER A 15 -9.63 -0.24 6.03
CA SER A 15 -9.52 1.02 5.26
C SER A 15 -8.72 2.11 5.99
N TYR A 16 -8.37 3.16 5.24
CA TYR A 16 -7.82 4.43 5.75
C TYR A 16 -8.84 5.57 5.58
N LYS A 17 -8.40 6.85 5.65
CA LYS A 17 -9.17 8.10 5.51
C LYS A 17 -10.55 7.97 4.85
N ASP A 18 -10.55 7.69 3.55
CA ASP A 18 -11.71 7.25 2.74
C ASP A 18 -11.27 6.14 1.75
N TRP A 19 -10.00 5.73 1.86
CA TRP A 19 -9.22 4.96 0.88
C TRP A 19 -9.34 3.46 1.18
N SER A 20 -9.66 2.68 0.16
CA SER A 20 -10.04 1.27 0.27
C SER A 20 -8.81 0.37 0.36
N TYR A 21 -8.87 -0.63 1.24
CA TYR A 21 -7.80 -1.59 1.43
C TYR A 21 -8.10 -2.81 0.53
N SER A 22 -7.25 -3.02 -0.48
CA SER A 22 -7.51 -3.89 -1.64
C SER A 22 -6.83 -5.28 -1.51
N GLY A 23 -6.25 -5.80 -2.59
CA GLY A 23 -5.69 -7.16 -2.70
C GLY A 23 -6.08 -7.93 -3.95
N GLN A 24 -6.12 -7.24 -5.09
CA GLN A 24 -6.19 -7.84 -6.42
C GLN A 24 -4.78 -8.05 -7.01
N SER A 25 -4.58 -9.14 -7.76
CA SER A 25 -3.27 -9.52 -8.30
C SER A 25 -2.98 -8.89 -9.66
N THR A 26 -1.91 -8.09 -9.74
CA THR A 26 -1.49 -7.33 -10.93
C THR A 26 -0.08 -7.69 -11.39
N GLN A 27 0.35 -7.19 -12.56
CA GLN A 27 1.75 -7.29 -13.01
C GLN A 27 2.70 -6.29 -12.31
N LEU A 28 2.19 -5.44 -11.41
CA LEU A 28 2.95 -4.54 -10.56
C LEU A 28 3.15 -5.09 -9.14
N GLY A 29 2.41 -6.14 -8.74
CA GLY A 29 2.34 -6.64 -7.37
C GLY A 29 0.90 -6.90 -6.95
N ILE A 30 0.68 -7.04 -5.64
CA ILE A 30 -0.65 -7.17 -5.04
C ILE A 30 -1.12 -5.78 -4.64
N GLU A 31 -2.35 -5.39 -5.02
CA GLU A 31 -2.91 -4.09 -4.62
C GLU A 31 -3.04 -4.03 -3.10
N PHE A 32 -2.59 -2.95 -2.44
CA PHE A 32 -2.80 -2.87 -0.99
C PHE A 32 -3.02 -1.45 -0.46
N LEU A 33 -3.56 -0.62 -1.35
CA LEU A 33 -4.32 0.62 -1.11
C LEU A 33 -4.87 1.11 -2.43
N LYS A 34 -6.11 1.59 -2.43
CA LYS A 34 -6.82 2.09 -3.59
C LYS A 34 -7.64 3.34 -3.25
N ARG A 35 -7.53 4.35 -4.11
CA ARG A 35 -8.26 5.62 -4.12
C ARG A 35 -8.65 5.93 -5.58
N GLY A 36 -9.77 5.37 -6.03
CA GLY A 36 -10.22 5.46 -7.42
C GLY A 36 -9.16 4.97 -8.42
N ASP A 37 -8.71 5.84 -9.31
CA ASP A 37 -7.67 5.59 -10.31
C ASP A 37 -6.23 5.61 -9.76
N LYS A 38 -6.03 5.85 -8.45
CA LYS A 38 -4.73 5.75 -7.77
C LYS A 38 -4.67 4.46 -6.94
N SER A 39 -3.70 3.59 -7.23
CA SER A 39 -3.44 2.35 -6.47
C SER A 39 -1.98 2.20 -6.07
N VAL A 40 -1.76 1.74 -4.84
CA VAL A 40 -0.46 1.35 -4.25
C VAL A 40 -0.38 -0.18 -4.25
N TYR A 41 0.79 -0.72 -4.49
CA TYR A 41 1.02 -2.17 -4.54
C TYR A 41 2.15 -2.60 -3.60
N TYR A 42 2.19 -3.88 -3.26
CA TYR A 42 3.34 -4.48 -2.60
C TYR A 42 3.64 -5.89 -3.15
N THR A 43 4.94 -6.14 -3.39
CA THR A 43 5.43 -7.48 -3.74
C THR A 43 6.89 -7.66 -3.33
N SER A 44 7.11 -8.57 -2.38
CA SER A 44 8.41 -9.00 -1.84
C SER A 44 8.20 -10.14 -0.82
N ASN A 45 9.27 -10.57 -0.16
CA ASN A 45 9.24 -11.37 1.07
C ASN A 45 9.32 -10.49 2.34
N PRO A 46 10.29 -9.56 2.49
CA PRO A 46 10.27 -8.51 3.53
C PRO A 46 9.16 -7.45 3.35
N THR A 47 9.05 -6.53 4.31
CA THR A 47 8.21 -5.32 4.23
C THR A 47 8.46 -4.50 2.95
N THR A 48 7.42 -4.07 2.22
CA THR A 48 7.57 -3.06 1.14
C THR A 48 6.26 -2.34 0.78
N PHE A 49 6.36 -1.21 0.07
CA PHE A 49 5.29 -0.55 -0.69
C PHE A 49 5.84 0.10 -1.98
N HIS A 50 5.00 0.20 -3.02
CA HIS A 50 5.32 0.78 -4.33
C HIS A 50 4.12 1.57 -4.89
N LEU A 51 4.37 2.58 -5.73
CA LEU A 51 3.37 3.28 -6.53
C LEU A 51 3.77 3.12 -7.98
N ASP A 52 2.85 2.72 -8.87
CA ASP A 52 3.16 2.56 -10.30
C ASP A 52 4.31 1.56 -10.56
N GLY A 53 4.50 0.59 -9.65
CA GLY A 53 5.61 -0.37 -9.63
C GLY A 53 6.93 0.17 -9.06
N GLU A 54 7.08 1.49 -8.88
CA GLU A 54 8.26 2.13 -8.29
C GLU A 54 8.21 2.02 -6.77
N VAL A 55 9.23 1.44 -6.13
CA VAL A 55 9.30 1.31 -4.66
C VAL A 55 9.38 2.68 -3.97
N ILE A 56 8.48 2.87 -3.01
CA ILE A 56 8.37 4.05 -2.15
C ILE A 56 8.50 3.65 -0.68
N THR A 57 8.78 4.64 0.15
CA THR A 57 8.86 4.52 1.61
C THR A 57 7.57 5.00 2.26
N PHE A 58 7.38 4.73 3.54
CA PHE A 58 6.30 5.30 4.34
C PHE A 58 6.24 6.84 4.23
N ASP A 59 7.39 7.50 4.03
CA ASP A 59 7.47 8.95 3.80
C ASP A 59 6.87 9.40 2.46
N ASN A 60 6.89 8.53 1.45
CA ASN A 60 6.35 8.81 0.12
C ASN A 60 4.89 8.36 0.02
N LEU A 61 4.56 7.34 0.81
CA LEU A 61 3.17 6.97 1.11
C LEU A 61 2.43 8.07 1.86
N LYS A 62 3.09 8.75 2.80
CA LYS A 62 2.43 9.68 3.72
C LYS A 62 1.74 10.84 3.00
N THR A 63 2.48 11.44 2.07
CA THR A 63 2.05 12.51 1.15
C THR A 63 1.07 12.02 0.06
N LEU A 64 1.07 10.71 -0.24
CA LEU A 64 0.08 10.07 -1.13
C LEU A 64 -1.29 9.89 -0.44
N LEU A 65 -1.32 9.53 0.86
CA LEU A 65 -2.56 9.40 1.64
C LEU A 65 -3.18 10.77 1.99
N SER A 66 -2.34 11.79 2.19
CA SER A 66 -2.72 13.14 2.65
C SER A 66 -3.23 14.04 1.54
N GLY A 1 12.05 0.05 7.46
CA GLY A 1 11.52 1.21 8.18
C GLY A 1 10.36 0.78 9.05
N SER A 2 9.17 1.32 8.80
CA SER A 2 7.90 1.00 9.50
C SER A 2 6.86 0.38 8.55
N GLU A 3 7.23 0.16 7.30
CA GLU A 3 6.35 -0.33 6.23
C GLU A 3 5.67 -1.65 6.59
N GLU A 4 6.42 -2.59 7.17
CA GLU A 4 5.92 -3.92 7.56
C GLU A 4 5.08 -3.94 8.85
N HIS A 5 5.23 -2.93 9.70
CA HIS A 5 4.29 -2.61 10.79
C HIS A 5 3.00 -2.00 10.21
N PHE A 6 3.12 -1.22 9.13
CA PHE A 6 1.97 -0.67 8.45
C PHE A 6 1.14 -1.75 7.76
N ILE A 7 1.80 -2.69 7.05
CA ILE A 7 1.19 -3.88 6.42
C ILE A 7 0.25 -4.64 7.38
N GLU A 8 0.62 -4.80 8.64
CA GLU A 8 -0.22 -5.41 9.66
C GLU A 8 -1.42 -4.52 10.00
N THR A 9 -1.16 -3.25 10.26
CA THR A 9 -2.17 -2.23 10.59
C THR A 9 -3.25 -2.11 9.50
N ILE A 10 -2.89 -2.35 8.23
CA ILE A 10 -3.85 -2.38 7.10
C ILE A 10 -4.87 -3.51 7.26
N SER A 11 -4.37 -4.68 7.62
CA SER A 11 -5.13 -5.91 7.88
C SER A 11 -5.98 -5.82 9.15
N LEU A 12 -5.56 -5.02 10.14
CA LEU A 12 -6.39 -4.68 11.30
C LEU A 12 -7.56 -3.76 10.93
N ALA A 13 -7.33 -2.70 10.16
CA ALA A 13 -8.31 -1.63 9.95
C ALA A 13 -9.30 -1.84 8.76
N GLY A 14 -8.83 -2.32 7.61
CA GLY A 14 -9.66 -2.47 6.38
C GLY A 14 -10.19 -1.20 5.71
N SER A 15 -9.80 0.00 6.15
CA SER A 15 -9.77 1.20 5.31
C SER A 15 -9.07 2.39 5.98
N TYR A 16 -8.72 3.38 5.16
CA TYR A 16 -8.26 4.71 5.58
C TYR A 16 -9.31 5.78 5.20
N LYS A 17 -8.99 7.08 5.38
CA LYS A 17 -9.81 8.29 5.19
C LYS A 17 -11.12 8.11 4.40
N ASP A 18 -11.00 7.90 3.09
CA ASP A 18 -12.05 7.32 2.23
C ASP A 18 -11.41 6.30 1.26
N TRP A 19 -10.20 5.82 1.60
CA TRP A 19 -9.35 5.02 0.71
C TRP A 19 -9.52 3.54 1.06
N SER A 20 -9.98 2.74 0.10
CA SER A 20 -10.42 1.36 0.34
C SER A 20 -9.26 0.37 0.36
N TYR A 21 -9.32 -0.62 1.26
CA TYR A 21 -8.29 -1.64 1.38
C TYR A 21 -8.67 -2.88 0.52
N SER A 22 -7.70 -3.46 -0.19
CA SER A 22 -7.91 -4.21 -1.46
C SER A 22 -7.15 -5.55 -1.54
N GLY A 23 -6.57 -5.88 -2.71
CA GLY A 23 -5.97 -7.17 -3.10
C GLY A 23 -6.37 -7.70 -4.47
N GLN A 24 -6.26 -6.86 -5.51
CA GLN A 24 -6.16 -7.27 -6.90
C GLN A 24 -4.73 -7.77 -7.18
N SER A 25 -4.57 -8.83 -7.96
CA SER A 25 -3.26 -9.28 -8.45
C SER A 25 -2.90 -8.58 -9.77
N THR A 26 -1.71 -8.00 -9.87
CA THR A 26 -1.22 -7.25 -11.04
C THR A 26 0.24 -7.60 -11.37
N GLN A 27 0.71 -7.25 -12.56
CA GLN A 27 2.11 -7.41 -12.98
C GLN A 27 3.09 -6.49 -12.21
N LEU A 28 2.57 -5.56 -11.40
CA LEU A 28 3.31 -4.69 -10.49
C LEU A 28 3.09 -5.01 -8.99
N GLY A 29 2.38 -6.10 -8.67
CA GLY A 29 2.17 -6.60 -7.31
C GLY A 29 0.71 -6.73 -6.88
N ILE A 30 0.53 -6.94 -5.59
CA ILE A 30 -0.78 -7.08 -4.96
C ILE A 30 -1.27 -5.71 -4.53
N GLU A 31 -2.47 -5.31 -4.95
CA GLU A 31 -3.10 -4.05 -4.53
C GLU A 31 -3.32 -4.04 -3.02
N PHE A 32 -2.96 -2.97 -2.32
CA PHE A 32 -3.29 -2.92 -0.89
C PHE A 32 -3.63 -1.52 -0.38
N LEU A 33 -4.15 -0.71 -1.31
CA LEU A 33 -4.83 0.57 -1.10
C LEU A 33 -5.36 1.10 -2.44
N LYS A 34 -6.56 1.67 -2.43
CA LYS A 34 -7.31 2.13 -3.58
C LYS A 34 -7.85 3.54 -3.34
N ARG A 35 -7.50 4.48 -4.22
CA ARG A 35 -7.83 5.92 -4.14
C ARG A 35 -8.04 6.52 -5.54
N GLY A 36 -9.27 6.45 -6.03
CA GLY A 36 -9.72 7.11 -7.25
C GLY A 36 -9.09 6.53 -8.51
N ASP A 37 -8.28 7.34 -9.18
CA ASP A 37 -7.53 6.96 -10.39
C ASP A 37 -6.22 6.17 -10.10
N LYS A 38 -5.84 6.02 -8.82
CA LYS A 38 -4.58 5.38 -8.37
C LYS A 38 -4.77 4.38 -7.23
N SER A 39 -3.76 3.56 -7.01
CA SER A 39 -3.66 2.53 -5.96
C SER A 39 -2.20 2.39 -5.47
N VAL A 40 -1.97 1.73 -4.34
CA VAL A 40 -0.64 1.30 -3.86
C VAL A 40 -0.54 -0.22 -4.01
N TYR A 41 0.67 -0.73 -4.21
CA TYR A 41 0.91 -2.19 -4.31
C TYR A 41 2.06 -2.63 -3.42
N TYR A 42 2.15 -3.94 -3.14
CA TYR A 42 3.27 -4.54 -2.42
C TYR A 42 3.65 -5.92 -2.96
N THR A 43 4.92 -6.08 -3.39
CA THR A 43 5.59 -7.38 -3.61
C THR A 43 7.11 -7.23 -3.77
N SER A 44 7.87 -7.83 -2.85
CA SER A 44 9.34 -7.89 -2.87
C SER A 44 9.85 -8.85 -1.79
N ASN A 45 11.16 -9.07 -1.74
CA ASN A 45 11.86 -9.75 -0.63
C ASN A 45 12.04 -8.82 0.60
N PRO A 46 12.69 -7.64 0.50
CA PRO A 46 12.66 -6.63 1.56
C PRO A 46 11.24 -6.11 1.84
N THR A 47 11.03 -5.48 3.00
CA THR A 47 9.74 -4.91 3.42
C THR A 47 9.41 -3.68 2.59
N THR A 48 8.42 -3.78 1.69
CA THR A 48 8.34 -2.87 0.54
C THR A 48 6.93 -2.52 0.06
N PHE A 49 6.71 -1.24 -0.24
CA PHE A 49 5.54 -0.68 -0.96
C PHE A 49 5.96 0.01 -2.27
N HIS A 50 5.04 0.14 -3.23
CA HIS A 50 5.31 0.78 -4.53
C HIS A 50 4.09 1.51 -5.10
N LEU A 51 4.32 2.55 -5.92
CA LEU A 51 3.36 3.11 -6.89
C LEU A 51 3.90 3.02 -8.31
N ASP A 52 3.06 2.69 -9.27
CA ASP A 52 3.46 2.46 -10.67
C ASP A 52 4.54 1.34 -10.82
N GLY A 53 4.59 0.41 -9.86
CA GLY A 53 5.63 -0.62 -9.74
C GLY A 53 6.97 -0.11 -9.17
N GLU A 54 7.10 1.18 -8.90
CA GLU A 54 8.33 1.84 -8.47
C GLU A 54 8.28 2.07 -6.95
N VAL A 55 9.26 1.54 -6.21
CA VAL A 55 9.26 1.51 -4.74
C VAL A 55 9.23 2.90 -4.12
N ILE A 56 8.28 3.02 -3.20
CA ILE A 56 8.11 4.17 -2.30
C ILE A 56 8.30 3.69 -0.86
N THR A 57 8.71 4.62 0.00
CA THR A 57 8.97 4.42 1.41
C THR A 57 7.71 4.85 2.20
N PHE A 58 7.60 4.51 3.48
CA PHE A 58 6.51 4.93 4.36
C PHE A 58 6.21 6.43 4.27
N ASP A 59 7.23 7.29 4.17
CA ASP A 59 7.12 8.74 3.95
C ASP A 59 6.35 9.11 2.67
N ASN A 60 6.50 8.32 1.62
CA ASN A 60 5.95 8.55 0.29
C ASN A 60 4.53 7.98 0.22
N LEU A 61 4.31 6.90 0.99
CA LEU A 61 2.94 6.45 1.30
C LEU A 61 2.18 7.50 2.12
N LYS A 62 2.85 8.13 3.10
CA LYS A 62 2.14 8.99 4.04
C LYS A 62 1.54 10.22 3.35
N THR A 63 2.32 10.83 2.44
CA THR A 63 1.90 11.95 1.58
C THR A 63 0.94 11.54 0.45
N LEU A 64 0.82 10.23 0.13
CA LEU A 64 -0.27 9.68 -0.70
C LEU A 64 -1.59 9.61 0.09
N LEU A 65 -1.58 9.07 1.31
CA LEU A 65 -2.80 8.84 2.09
C LEU A 65 -3.41 10.14 2.66
N SER A 66 -2.60 11.20 2.75
CA SER A 66 -2.97 12.55 3.23
C SER A 66 -3.57 13.39 2.11
N GLY A 1 9.28 -4.06 13.16
CA GLY A 1 9.73 -2.82 12.50
C GLY A 1 8.54 -2.03 12.00
N SER A 2 8.68 -0.71 11.98
CA SER A 2 7.53 0.22 11.91
C SER A 2 6.71 0.17 10.62
N GLU A 3 7.35 -0.07 9.48
CA GLU A 3 6.70 -0.19 8.15
C GLU A 3 5.86 -1.46 8.04
N GLU A 4 6.44 -2.59 8.41
CA GLU A 4 5.80 -3.91 8.36
C GLU A 4 4.76 -4.10 9.48
N HIS A 5 4.87 -3.31 10.54
CA HIS A 5 3.81 -3.18 11.55
C HIS A 5 2.70 -2.25 11.06
N PHE A 6 3.01 -1.28 10.19
CA PHE A 6 1.97 -0.49 9.55
C PHE A 6 1.13 -1.36 8.61
N ILE A 7 1.76 -2.21 7.79
CA ILE A 7 1.15 -3.28 6.96
C ILE A 7 0.15 -4.14 7.75
N GLU A 8 0.43 -4.37 9.03
CA GLU A 8 -0.42 -5.13 9.95
C GLU A 8 -1.58 -4.30 10.52
N THR A 9 -1.27 -3.03 10.82
CA THR A 9 -2.24 -2.00 11.25
C THR A 9 -3.26 -1.64 10.16
N ILE A 10 -2.91 -1.80 8.88
CA ILE A 10 -3.81 -1.70 7.72
C ILE A 10 -4.92 -2.75 7.86
N SER A 11 -4.52 -4.01 8.05
CA SER A 11 -5.41 -5.16 8.19
C SER A 11 -6.39 -5.04 9.37
N LEU A 12 -6.00 -4.37 10.46
CA LEU A 12 -6.87 -4.06 11.61
C LEU A 12 -8.00 -3.06 11.32
N ALA A 13 -7.81 -2.14 10.38
CA ALA A 13 -8.82 -1.16 9.97
C ALA A 13 -9.68 -1.60 8.78
N GLY A 14 -9.05 -2.17 7.74
CA GLY A 14 -9.66 -2.41 6.42
C GLY A 14 -10.10 -1.14 5.66
N SER A 15 -9.74 0.07 6.12
CA SER A 15 -9.71 1.28 5.29
C SER A 15 -8.97 2.46 5.96
N TYR A 16 -8.72 3.50 5.18
CA TYR A 16 -8.24 4.83 5.60
C TYR A 16 -9.29 5.90 5.24
N LYS A 17 -8.98 7.20 5.46
CA LYS A 17 -9.86 8.39 5.29
C LYS A 17 -11.15 8.16 4.50
N ASP A 18 -11.01 7.92 3.19
CA ASP A 18 -12.05 7.34 2.32
C ASP A 18 -11.44 6.26 1.38
N TRP A 19 -10.22 5.79 1.68
CA TRP A 19 -9.40 4.94 0.81
C TRP A 19 -9.59 3.46 1.17
N SER A 20 -9.90 2.64 0.16
CA SER A 20 -10.30 1.24 0.34
C SER A 20 -9.08 0.31 0.36
N TYR A 21 -9.08 -0.69 1.25
CA TYR A 21 -7.95 -1.60 1.48
C TYR A 21 -8.17 -2.91 0.69
N SER A 22 -7.24 -3.22 -0.23
CA SER A 22 -7.45 -4.11 -1.39
C SER A 22 -6.59 -5.39 -1.32
N GLY A 23 -6.15 -5.90 -2.48
CA GLY A 23 -5.59 -7.23 -2.71
C GLY A 23 -6.17 -7.95 -3.91
N GLN A 24 -5.93 -7.34 -5.06
CA GLN A 24 -5.97 -7.95 -6.40
C GLN A 24 -4.54 -8.10 -6.96
N SER A 25 -4.28 -9.09 -7.80
CA SER A 25 -2.98 -9.31 -8.45
C SER A 25 -2.80 -8.45 -9.69
N THR A 26 -1.60 -7.86 -9.88
CA THR A 26 -1.25 -7.05 -11.06
C THR A 26 0.21 -7.25 -11.48
N GLN A 27 0.60 -6.76 -12.66
CA GLN A 27 2.01 -6.72 -13.11
C GLN A 27 2.87 -5.64 -12.41
N LEU A 28 2.28 -4.78 -11.57
CA LEU A 28 2.97 -3.86 -10.69
C LEU A 28 3.29 -4.50 -9.31
N GLY A 29 2.63 -5.61 -8.97
CA GLY A 29 2.64 -6.25 -7.66
C GLY A 29 1.22 -6.57 -7.17
N ILE A 30 1.08 -6.93 -5.90
CA ILE A 30 -0.23 -7.23 -5.29
C ILE A 30 -0.79 -5.94 -4.66
N GLU A 31 -2.05 -5.60 -4.94
CA GLU A 31 -2.64 -4.36 -4.42
C GLU A 31 -2.77 -4.40 -2.90
N PHE A 32 -2.59 -3.27 -2.20
CA PHE A 32 -3.13 -3.15 -0.84
C PHE A 32 -3.54 -1.73 -0.44
N LEU A 33 -3.95 -0.96 -1.45
CA LEU A 33 -4.65 0.32 -1.30
C LEU A 33 -5.26 0.72 -2.64
N LYS A 34 -6.48 1.26 -2.58
CA LYS A 34 -7.31 1.69 -3.69
C LYS A 34 -7.93 3.05 -3.34
N ARG A 35 -7.62 4.06 -4.16
CA ARG A 35 -8.09 5.45 -4.09
C ARG A 35 -8.41 5.88 -5.53
N GLY A 36 -9.60 5.51 -6.01
CA GLY A 36 -10.04 5.75 -7.39
C GLY A 36 -9.09 5.17 -8.43
N ASP A 37 -8.54 6.04 -9.28
CA ASP A 37 -7.56 5.68 -10.31
C ASP A 37 -6.11 5.52 -9.78
N LYS A 38 -5.88 5.75 -8.48
CA LYS A 38 -4.60 5.59 -7.78
C LYS A 38 -4.63 4.35 -6.87
N SER A 39 -3.57 3.55 -6.89
CA SER A 39 -3.42 2.33 -6.08
C SER A 39 -2.00 2.16 -5.57
N VAL A 40 -1.83 1.47 -4.43
CA VAL A 40 -0.52 1.04 -3.90
C VAL A 40 -0.39 -0.47 -4.06
N TYR A 41 0.80 -0.92 -4.45
CA TYR A 41 1.12 -2.33 -4.65
C TYR A 41 2.34 -2.75 -3.81
N TYR A 42 2.43 -4.04 -3.50
CA TYR A 42 3.62 -4.65 -2.89
C TYR A 42 4.18 -5.79 -3.74
N THR A 43 5.48 -5.76 -4.07
CA THR A 43 6.20 -6.94 -4.59
C THR A 43 7.70 -6.93 -4.28
N SER A 44 8.05 -7.83 -3.37
CA SER A 44 9.40 -8.14 -2.86
C SER A 44 9.26 -9.24 -1.79
N ASN A 45 10.39 -9.75 -1.33
CA ASN A 45 10.50 -10.75 -0.26
C ASN A 45 10.29 -10.15 1.17
N PRO A 46 11.01 -9.09 1.60
CA PRO A 46 10.77 -8.30 2.82
C PRO A 46 9.55 -7.36 2.74
N THR A 47 9.28 -6.62 3.83
CA THR A 47 8.37 -5.45 3.86
C THR A 47 8.67 -4.49 2.68
N THR A 48 7.65 -4.08 1.90
CA THR A 48 7.83 -3.23 0.69
C THR A 48 6.57 -2.45 0.29
N PHE A 49 6.75 -1.29 -0.38
CA PHE A 49 5.66 -0.50 -0.99
C PHE A 49 6.07 0.10 -2.35
N HIS A 50 5.13 0.22 -3.29
CA HIS A 50 5.40 0.71 -4.65
C HIS A 50 4.20 1.48 -5.24
N LEU A 51 4.47 2.43 -6.14
CA LEU A 51 3.49 3.16 -6.94
C LEU A 51 3.89 3.17 -8.41
N ASP A 52 2.93 2.98 -9.31
CA ASP A 52 3.10 3.11 -10.78
C ASP A 52 4.19 2.19 -11.38
N GLY A 53 4.56 1.13 -10.64
CA GLY A 53 5.62 0.18 -10.98
C GLY A 53 7.02 0.54 -10.47
N GLU A 54 7.19 1.60 -9.69
CA GLU A 54 8.44 2.02 -9.03
C GLU A 54 8.29 2.02 -7.50
N VAL A 55 9.35 1.67 -6.77
CA VAL A 55 9.34 1.48 -5.30
C VAL A 55 9.33 2.80 -4.55
N ILE A 56 8.48 2.86 -3.53
CA ILE A 56 8.30 3.97 -2.60
C ILE A 56 8.63 3.53 -1.18
N THR A 57 8.86 4.51 -0.31
CA THR A 57 8.99 4.30 1.12
C THR A 57 7.65 4.53 1.80
N PHE A 58 7.55 4.12 3.05
CA PHE A 58 6.45 4.46 3.97
C PHE A 58 6.21 5.98 3.97
N ASP A 59 7.26 6.80 3.88
CA ASP A 59 7.16 8.26 3.78
C ASP A 59 6.51 8.75 2.48
N ASN A 60 6.61 7.99 1.38
CA ASN A 60 6.00 8.32 0.10
C ASN A 60 4.58 7.77 -0.03
N LEU A 61 4.30 6.65 0.65
CA LEU A 61 2.92 6.23 0.92
C LEU A 61 2.18 7.24 1.80
N LYS A 62 2.85 7.77 2.82
CA LYS A 62 2.15 8.51 3.87
C LYS A 62 1.47 9.78 3.34
N THR A 63 2.18 10.50 2.49
CA THR A 63 1.66 11.67 1.77
C THR A 63 0.62 11.30 0.69
N LEU A 64 0.70 10.09 0.13
CA LEU A 64 -0.30 9.52 -0.80
C LEU A 64 -1.61 9.08 -0.08
N LEU A 65 -1.59 8.90 1.25
CA LEU A 65 -2.81 8.77 2.06
C LEU A 65 -3.37 10.12 2.54
N SER A 66 -2.53 11.15 2.64
CA SER A 66 -2.83 12.44 3.30
C SER A 66 -3.40 13.51 2.37
N GLY A 1 11.09 -1.97 13.32
CA GLY A 1 10.44 -1.81 12.01
C GLY A 1 8.97 -1.50 12.16
N SER A 2 8.59 -0.22 12.01
CA SER A 2 7.20 0.24 12.20
C SER A 2 6.31 0.03 10.97
N GLU A 3 6.90 0.01 9.78
CA GLU A 3 6.22 -0.06 8.49
C GLU A 3 5.55 -1.42 8.28
N GLU A 4 6.27 -2.50 8.62
CA GLU A 4 5.78 -3.88 8.55
C GLU A 4 4.72 -4.20 9.62
N HIS A 5 4.67 -3.43 10.70
CA HIS A 5 3.57 -3.47 11.68
C HIS A 5 2.33 -2.79 11.08
N PHE A 6 2.52 -1.66 10.38
CA PHE A 6 1.41 -0.94 9.75
C PHE A 6 0.72 -1.77 8.66
N ILE A 7 1.49 -2.56 7.90
CA ILE A 7 1.02 -3.53 6.88
C ILE A 7 0.05 -4.58 7.41
N GLU A 8 0.27 -5.10 8.63
CA GLU A 8 -0.63 -6.03 9.29
C GLU A 8 -1.93 -5.32 9.69
N THR A 9 -1.76 -4.12 10.23
CA THR A 9 -2.86 -3.24 10.67
C THR A 9 -3.79 -2.82 9.51
N ILE A 10 -3.29 -2.78 8.26
CA ILE A 10 -4.13 -2.57 7.06
C ILE A 10 -5.21 -3.66 7.01
N SER A 11 -4.74 -4.90 7.03
CA SER A 11 -5.53 -6.12 6.93
C SER A 11 -6.43 -6.38 8.16
N LEU A 12 -6.14 -5.79 9.32
CA LEU A 12 -7.07 -5.68 10.44
C LEU A 12 -8.24 -4.73 10.12
N ALA A 13 -7.95 -3.52 9.64
CA ALA A 13 -8.92 -2.43 9.56
C ALA A 13 -9.79 -2.41 8.27
N GLY A 14 -9.21 -2.65 7.09
CA GLY A 14 -9.94 -2.60 5.80
C GLY A 14 -10.38 -1.23 5.25
N SER A 15 -10.01 -0.10 5.85
CA SER A 15 -9.83 1.17 5.12
C SER A 15 -9.01 2.21 5.88
N TYR A 16 -8.71 3.30 5.17
CA TYR A 16 -8.21 4.57 5.73
C TYR A 16 -9.21 5.72 5.46
N LYS A 17 -8.78 6.96 5.72
CA LYS A 17 -9.49 8.26 5.61
C LYS A 17 -10.78 8.27 4.77
N ASP A 18 -10.63 8.09 3.46
CA ASP A 18 -11.69 7.71 2.51
C ASP A 18 -11.11 6.71 1.48
N TRP A 19 -9.98 6.08 1.80
CA TRP A 19 -9.16 5.28 0.86
C TRP A 19 -9.42 3.80 1.09
N SER A 20 -9.76 3.08 0.02
CA SER A 20 -10.19 1.68 0.07
C SER A 20 -8.99 0.72 0.15
N TYR A 21 -9.12 -0.33 0.95
CA TYR A 21 -8.13 -1.39 1.05
C TYR A 21 -8.53 -2.55 0.10
N SER A 22 -7.53 -3.18 -0.52
CA SER A 22 -7.69 -4.05 -1.71
C SER A 22 -6.95 -5.39 -1.53
N GLY A 23 -6.24 -5.88 -2.55
CA GLY A 23 -5.53 -7.17 -2.59
C GLY A 23 -5.82 -8.03 -3.80
N GLN A 24 -6.23 -7.40 -4.89
CA GLN A 24 -6.17 -8.04 -6.19
C GLN A 24 -4.72 -8.33 -6.62
N SER A 25 -4.53 -9.45 -7.31
CA SER A 25 -3.20 -9.93 -7.72
C SER A 25 -2.86 -9.40 -9.12
N THR A 26 -1.81 -8.58 -9.23
CA THR A 26 -1.44 -7.89 -10.49
C THR A 26 0.05 -8.08 -10.85
N GLN A 27 0.43 -7.74 -12.08
CA GLN A 27 1.83 -7.71 -12.51
C GLN A 27 2.64 -6.55 -11.88
N LEU A 28 2.00 -5.56 -11.24
CA LEU A 28 2.65 -4.48 -10.51
C LEU A 28 3.02 -4.88 -9.07
N GLY A 29 2.36 -5.92 -8.53
CA GLY A 29 2.40 -6.36 -7.14
C GLY A 29 1.01 -6.78 -6.65
N ILE A 30 0.86 -7.01 -5.35
CA ILE A 30 -0.44 -7.23 -4.70
C ILE A 30 -0.98 -5.85 -4.29
N GLU A 31 -2.19 -5.49 -4.73
CA GLU A 31 -2.79 -4.18 -4.43
C GLU A 31 -2.99 -4.04 -2.93
N PHE A 32 -2.63 -2.95 -2.27
CA PHE A 32 -3.16 -2.74 -0.92
C PHE A 32 -3.32 -1.31 -0.44
N LEU A 33 -3.58 -0.42 -1.40
CA LEU A 33 -4.32 0.84 -1.17
C LEU A 33 -4.83 1.38 -2.49
N LYS A 34 -6.06 1.89 -2.51
CA LYS A 34 -6.75 2.37 -3.69
C LYS A 34 -7.51 3.68 -3.36
N ARG A 35 -7.07 4.79 -3.98
CA ARG A 35 -7.58 6.16 -3.81
C ARG A 35 -7.98 6.73 -5.18
N GLY A 36 -9.19 6.45 -5.60
CA GLY A 36 -9.69 6.79 -6.94
C GLY A 36 -8.80 6.16 -8.02
N ASP A 37 -8.28 7.00 -8.91
CA ASP A 37 -7.48 6.58 -10.07
C ASP A 37 -6.03 6.14 -9.75
N LYS A 38 -5.67 6.07 -8.45
CA LYS A 38 -4.33 5.82 -7.92
C LYS A 38 -4.31 4.56 -7.03
N SER A 39 -3.35 3.66 -7.24
CA SER A 39 -3.16 2.43 -6.45
C SER A 39 -1.72 2.22 -5.98
N VAL A 40 -1.56 1.84 -4.71
CA VAL A 40 -0.31 1.30 -4.12
C VAL A 40 -0.38 -0.22 -4.05
N TYR A 41 0.78 -0.84 -4.27
CA TYR A 41 0.98 -2.28 -4.26
C TYR A 41 2.16 -2.64 -3.36
N TYR A 42 2.26 -3.90 -2.95
CA TYR A 42 3.48 -4.45 -2.37
C TYR A 42 3.92 -5.75 -3.06
N THR A 43 5.24 -5.96 -3.18
CA THR A 43 5.85 -7.28 -3.48
C THR A 43 7.36 -7.29 -3.15
N SER A 44 7.74 -8.09 -2.15
CA SER A 44 9.12 -8.35 -1.67
C SER A 44 9.06 -9.34 -0.49
N ASN A 45 10.21 -9.84 -0.04
CA ASN A 45 10.35 -10.61 1.21
C ASN A 45 10.43 -9.72 2.47
N PRO A 46 11.34 -8.71 2.57
CA PRO A 46 11.28 -7.64 3.58
C PRO A 46 10.08 -6.69 3.39
N THR A 47 9.89 -5.73 4.30
CA THR A 47 8.82 -4.70 4.20
C THR A 47 9.01 -3.81 2.95
N THR A 48 7.94 -3.58 2.17
CA THR A 48 8.01 -2.69 1.00
C THR A 48 6.66 -2.08 0.57
N PHE A 49 6.71 -1.00 -0.21
CA PHE A 49 5.58 -0.32 -0.85
C PHE A 49 5.96 0.18 -2.26
N HIS A 50 5.02 0.17 -3.21
CA HIS A 50 5.23 0.60 -4.60
C HIS A 50 4.00 1.39 -5.12
N LEU A 51 4.20 2.36 -6.02
CA LEU A 51 3.16 3.13 -6.69
C LEU A 51 3.32 2.89 -8.17
N ASP A 52 2.24 2.45 -8.84
CA ASP A 52 2.28 2.15 -10.28
C ASP A 52 3.37 1.12 -10.66
N GLY A 53 3.60 0.17 -9.74
CA GLY A 53 4.63 -0.86 -9.79
C GLY A 53 6.05 -0.43 -9.39
N GLU A 54 6.36 0.87 -9.34
CA GLU A 54 7.67 1.41 -8.95
C GLU A 54 7.79 1.54 -7.43
N VAL A 55 8.91 1.10 -6.84
CA VAL A 55 9.10 1.18 -5.38
C VAL A 55 9.14 2.62 -4.86
N ILE A 56 8.39 2.81 -3.78
CA ILE A 56 8.32 4.03 -2.94
C ILE A 56 8.76 3.69 -1.51
N THR A 57 8.93 4.72 -0.68
CA THR A 57 9.11 4.60 0.78
C THR A 57 7.81 4.93 1.51
N PHE A 58 7.73 4.63 2.80
CA PHE A 58 6.67 5.15 3.66
C PHE A 58 6.58 6.69 3.60
N ASP A 59 7.67 7.41 3.33
CA ASP A 59 7.65 8.86 3.12
C ASP A 59 6.84 9.28 1.89
N ASN A 60 6.76 8.42 0.87
CA ASN A 60 6.03 8.66 -0.37
C ASN A 60 4.59 8.15 -0.26
N LEU A 61 4.43 7.02 0.40
CA LEU A 61 3.07 6.56 0.77
C LEU A 61 2.38 7.58 1.68
N LYS A 62 3.10 8.14 2.65
CA LYS A 62 2.41 8.85 3.74
C LYS A 62 1.79 10.17 3.27
N THR A 63 2.48 10.84 2.34
CA THR A 63 1.94 11.99 1.59
C THR A 63 0.84 11.58 0.60
N LEU A 64 0.92 10.41 -0.04
CA LEU A 64 -0.16 9.85 -0.87
C LEU A 64 -1.47 9.62 -0.06
N LEU A 65 -1.39 9.26 1.22
CA LEU A 65 -2.55 9.17 2.14
C LEU A 65 -3.04 10.53 2.68
N SER A 66 -2.18 11.57 2.68
CA SER A 66 -2.42 12.87 3.34
C SER A 66 -3.42 13.74 2.57
N GLY A 1 11.72 -4.20 9.62
CA GLY A 1 11.13 -2.85 9.60
C GLY A 1 9.89 -2.80 10.48
N SER A 2 9.24 -1.63 10.52
CA SER A 2 7.91 -1.45 11.13
C SER A 2 6.80 -1.28 10.09
N GLU A 3 7.12 -1.09 8.79
CA GLU A 3 6.11 -1.04 7.72
C GLU A 3 5.27 -2.32 7.64
N GLU A 4 5.94 -3.46 7.77
CA GLU A 4 5.38 -4.81 7.94
C GLU A 4 4.38 -4.98 9.11
N HIS A 5 4.46 -4.13 10.14
CA HIS A 5 3.47 -4.01 11.21
C HIS A 5 2.36 -3.02 10.86
N PHE A 6 2.70 -1.92 10.19
CA PHE A 6 1.73 -0.93 9.72
C PHE A 6 0.76 -1.55 8.69
N ILE A 7 1.26 -2.36 7.75
CA ILE A 7 0.51 -3.18 6.77
C ILE A 7 -0.53 -4.08 7.44
N GLU A 8 -0.16 -4.71 8.54
CA GLU A 8 -1.08 -5.56 9.30
C GLU A 8 -2.15 -4.72 9.97
N THR A 9 -1.74 -3.56 10.48
CA THR A 9 -2.59 -2.57 11.17
C THR A 9 -3.60 -1.90 10.22
N ILE A 10 -3.28 -1.81 8.93
CA ILE A 10 -4.19 -1.48 7.82
C ILE A 10 -5.27 -2.55 7.72
N SER A 11 -4.88 -3.84 7.67
CA SER A 11 -5.81 -4.97 7.55
C SER A 11 -6.87 -5.00 8.66
N LEU A 12 -6.50 -4.61 9.88
CA LEU A 12 -7.41 -4.53 11.03
C LEU A 12 -8.49 -3.44 10.88
N ALA A 13 -8.17 -2.37 10.13
CA ALA A 13 -9.06 -1.24 9.87
C ALA A 13 -9.92 -1.36 8.59
N GLY A 14 -9.37 -1.94 7.52
CA GLY A 14 -10.01 -2.12 6.20
C GLY A 14 -10.51 -0.89 5.45
N SER A 15 -10.28 0.34 5.93
CA SER A 15 -10.14 1.54 5.10
C SER A 15 -9.59 2.75 5.85
N TYR A 16 -9.19 3.77 5.07
CA TYR A 16 -8.86 5.14 5.53
C TYR A 16 -9.90 6.14 5.00
N LYS A 17 -9.73 7.44 5.30
CA LYS A 17 -10.64 8.58 5.01
C LYS A 17 -11.75 8.31 3.99
N ASP A 18 -11.37 8.16 2.73
CA ASP A 18 -12.21 7.62 1.66
C ASP A 18 -11.43 6.62 0.80
N TRP A 19 -10.29 6.13 1.31
CA TRP A 19 -9.37 5.25 0.56
C TRP A 19 -9.65 3.79 0.90
N SER A 20 -9.73 2.91 -0.09
CA SER A 20 -10.11 1.51 0.10
C SER A 20 -8.91 0.57 0.24
N TYR A 21 -9.02 -0.41 1.14
CA TYR A 21 -7.95 -1.32 1.48
C TYR A 21 -8.13 -2.64 0.70
N SER A 22 -7.25 -2.86 -0.27
CA SER A 22 -7.41 -3.79 -1.40
C SER A 22 -6.71 -5.16 -1.14
N GLY A 23 -6.00 -5.72 -2.13
CA GLY A 23 -5.39 -7.07 -2.11
C GLY A 23 -5.55 -7.94 -3.36
N GLN A 24 -5.90 -7.33 -4.50
CA GLN A 24 -5.80 -7.97 -5.81
C GLN A 24 -4.33 -8.15 -6.27
N SER A 25 -4.03 -9.30 -6.87
CA SER A 25 -2.68 -9.67 -7.30
C SER A 25 -2.34 -9.19 -8.71
N THR A 26 -1.14 -8.63 -8.89
CA THR A 26 -0.61 -8.11 -10.17
C THR A 26 0.90 -8.40 -10.30
N GLN A 27 1.50 -8.17 -11.47
CA GLN A 27 2.98 -8.21 -11.61
C GLN A 27 3.67 -7.03 -10.91
N LEU A 28 2.97 -5.90 -10.71
CA LEU A 28 3.45 -4.74 -9.99
C LEU A 28 3.58 -5.02 -8.47
N GLY A 29 2.91 -6.07 -7.99
CA GLY A 29 2.86 -6.53 -6.61
C GLY A 29 1.42 -6.85 -6.18
N ILE A 30 1.27 -7.13 -4.90
CA ILE A 30 -0.04 -7.33 -4.26
C ILE A 30 -0.56 -5.95 -3.84
N GLU A 31 -1.78 -5.60 -4.25
CA GLU A 31 -2.38 -4.31 -3.90
C GLU A 31 -2.59 -4.21 -2.37
N PHE A 32 -2.37 -3.05 -1.76
CA PHE A 32 -2.95 -2.83 -0.42
C PHE A 32 -3.32 -1.39 -0.08
N LEU A 33 -3.67 -0.64 -1.13
CA LEU A 33 -4.39 0.63 -1.04
C LEU A 33 -4.84 1.07 -2.43
N LYS A 34 -6.06 1.60 -2.50
CA LYS A 34 -6.69 2.08 -3.71
C LYS A 34 -7.45 3.39 -3.39
N ARG A 35 -7.22 4.44 -4.17
CA ARG A 35 -7.98 5.69 -4.14
C ARG A 35 -8.16 6.27 -5.54
N GLY A 36 -9.30 6.01 -6.16
CA GLY A 36 -9.53 6.36 -7.56
C GLY A 36 -8.53 5.67 -8.47
N ASP A 37 -7.83 6.45 -9.30
CA ASP A 37 -6.84 6.00 -10.26
C ASP A 37 -5.45 5.72 -9.65
N LYS A 38 -5.27 6.03 -8.35
CA LYS A 38 -4.03 5.72 -7.59
C LYS A 38 -4.18 4.41 -6.83
N SER A 39 -3.21 3.52 -6.96
CA SER A 39 -3.13 2.25 -6.19
C SER A 39 -1.69 1.91 -5.81
N VAL A 40 -1.50 1.48 -4.56
CA VAL A 40 -0.21 1.11 -3.96
C VAL A 40 -0.14 -0.40 -3.81
N TYR A 41 1.05 -0.93 -4.06
CA TYR A 41 1.37 -2.35 -4.05
C TYR A 41 2.59 -2.63 -3.17
N TYR A 42 2.74 -3.87 -2.75
CA TYR A 42 3.96 -4.37 -2.13
C TYR A 42 4.43 -5.68 -2.79
N THR A 43 5.75 -5.84 -2.99
CA THR A 43 6.34 -7.08 -3.55
C THR A 43 7.85 -7.18 -3.30
N SER A 44 8.25 -8.25 -2.60
CA SER A 44 9.62 -8.70 -2.33
C SER A 44 9.55 -9.95 -1.43
N ASN A 45 10.61 -10.30 -0.69
CA ASN A 45 10.57 -11.22 0.44
C ASN A 45 10.51 -10.45 1.80
N PRO A 46 11.41 -9.49 2.08
CA PRO A 46 11.15 -8.41 3.05
C PRO A 46 9.97 -7.53 2.61
N THR A 47 9.60 -6.54 3.42
CA THR A 47 8.61 -5.51 3.04
C THR A 47 9.22 -4.38 2.19
N THR A 48 8.53 -3.96 1.12
CA THR A 48 8.84 -2.78 0.27
C THR A 48 7.56 -2.29 -0.43
N PHE A 49 7.31 -0.97 -0.48
CA PHE A 49 6.15 -0.35 -1.13
C PHE A 49 6.43 0.21 -2.54
N HIS A 50 5.40 0.27 -3.39
CA HIS A 50 5.44 0.86 -4.73
C HIS A 50 4.09 1.53 -5.11
N LEU A 51 4.08 2.58 -5.93
CA LEU A 51 2.90 3.21 -6.54
C LEU A 51 3.03 3.00 -8.04
N ASP A 52 2.01 2.43 -8.69
CA ASP A 52 2.04 2.18 -10.14
C ASP A 52 3.24 1.28 -10.56
N GLY A 53 3.67 0.39 -9.65
CA GLY A 53 4.85 -0.48 -9.77
C GLY A 53 6.20 0.18 -9.46
N GLU A 54 6.27 1.51 -9.33
CA GLU A 54 7.49 2.25 -9.01
C GLU A 54 7.69 2.39 -7.49
N VAL A 55 8.88 2.05 -6.98
CA VAL A 55 9.18 2.00 -5.54
C VAL A 55 9.09 3.36 -4.85
N ILE A 56 8.31 3.34 -3.76
CA ILE A 56 8.14 4.46 -2.84
C ILE A 56 8.46 3.98 -1.42
N THR A 57 8.69 4.93 -0.51
CA THR A 57 8.86 4.65 0.93
C THR A 57 7.59 5.00 1.72
N PHE A 58 7.58 4.70 3.01
CA PHE A 58 6.56 5.14 3.96
C PHE A 58 6.33 6.66 3.92
N ASP A 59 7.37 7.48 3.71
CA ASP A 59 7.23 8.92 3.47
C ASP A 59 6.36 9.26 2.25
N ASN A 60 6.41 8.43 1.21
CA ASN A 60 5.77 8.70 -0.07
C ASN A 60 4.36 8.11 -0.11
N LEU A 61 4.19 6.97 0.57
CA LEU A 61 2.84 6.50 0.95
C LEU A 61 2.14 7.51 1.85
N LYS A 62 2.88 8.17 2.75
CA LYS A 62 2.27 8.98 3.79
C LYS A 62 1.47 10.14 3.20
N THR A 63 2.05 10.85 2.25
CA THR A 63 1.36 11.95 1.51
C THR A 63 0.29 11.44 0.53
N LEU A 64 0.34 10.16 0.14
CA LEU A 64 -0.73 9.50 -0.61
C LEU A 64 -1.95 9.18 0.27
N LEU A 65 -1.78 8.88 1.57
CA LEU A 65 -2.91 8.74 2.51
C LEU A 65 -3.40 10.10 3.06
N SER A 66 -2.47 11.00 3.38
CA SER A 66 -2.71 12.32 3.98
C SER A 66 -2.73 13.44 2.94
N GLY A 1 10.11 -4.16 13.21
CA GLY A 1 9.75 -3.68 11.87
C GLY A 1 8.48 -2.84 11.90
N SER A 2 8.58 -1.54 12.20
CA SER A 2 7.42 -0.63 12.29
C SER A 2 6.66 -0.44 10.97
N GLU A 3 7.32 -0.56 9.81
CA GLU A 3 6.64 -0.57 8.50
C GLU A 3 5.90 -1.90 8.26
N GLU A 4 6.55 -3.03 8.57
CA GLU A 4 5.92 -4.37 8.45
C GLU A 4 4.75 -4.60 9.43
N HIS A 5 4.73 -3.87 10.54
CA HIS A 5 3.63 -3.84 11.50
C HIS A 5 2.58 -2.77 11.11
N PHE A 6 2.96 -1.75 10.33
CA PHE A 6 1.98 -0.91 9.64
C PHE A 6 1.21 -1.74 8.61
N ILE A 7 1.89 -2.52 7.78
CA ILE A 7 1.33 -3.49 6.82
C ILE A 7 0.33 -4.47 7.47
N GLU A 8 0.61 -4.91 8.69
CA GLU A 8 -0.32 -5.71 9.49
C GLU A 8 -1.54 -4.90 9.92
N THR A 9 -1.28 -3.71 10.46
CA THR A 9 -2.31 -2.76 10.94
C THR A 9 -3.27 -2.35 9.81
N ILE A 10 -2.82 -2.31 8.55
CA ILE A 10 -3.69 -2.10 7.38
C ILE A 10 -4.75 -3.22 7.31
N SER A 11 -4.32 -4.47 7.47
CA SER A 11 -5.20 -5.65 7.52
C SER A 11 -6.20 -5.63 8.68
N LEU A 12 -5.77 -5.11 9.84
CA LEU A 12 -6.62 -5.01 11.04
C LEU A 12 -7.73 -3.95 10.89
N ALA A 13 -7.50 -2.92 10.06
CA ALA A 13 -8.49 -1.85 9.82
C ALA A 13 -9.39 -2.11 8.59
N GLY A 14 -8.81 -2.47 7.45
CA GLY A 14 -9.48 -2.60 6.14
C GLY A 14 -10.07 -1.32 5.54
N SER A 15 -9.78 -0.13 6.07
CA SER A 15 -9.74 1.12 5.30
C SER A 15 -9.03 2.25 6.03
N TYR A 16 -8.77 3.32 5.28
CA TYR A 16 -8.44 4.65 5.81
C TYR A 16 -9.55 5.64 5.42
N LYS A 17 -9.53 6.84 6.01
CA LYS A 17 -10.46 7.99 5.83
C LYS A 17 -11.34 7.98 4.57
N ASP A 18 -10.67 8.00 3.42
CA ASP A 18 -11.22 8.20 2.07
C ASP A 18 -10.60 7.21 1.04
N TRP A 19 -9.93 6.17 1.54
CA TRP A 19 -9.19 5.19 0.74
C TRP A 19 -9.61 3.76 1.09
N SER A 20 -10.04 2.99 0.08
CA SER A 20 -10.44 1.59 0.23
C SER A 20 -9.19 0.71 0.29
N TYR A 21 -9.04 -0.12 1.32
CA TYR A 21 -7.94 -1.08 1.37
C TYR A 21 -8.26 -2.27 0.43
N SER A 22 -7.25 -2.82 -0.27
CA SER A 22 -7.46 -3.68 -1.44
C SER A 22 -6.79 -5.06 -1.29
N GLY A 23 -6.33 -5.64 -2.40
CA GLY A 23 -5.92 -7.04 -2.55
C GLY A 23 -6.51 -7.72 -3.77
N GLN A 24 -6.18 -7.15 -4.93
CA GLN A 24 -6.27 -7.81 -6.23
C GLN A 24 -4.87 -8.07 -6.81
N SER A 25 -4.70 -9.20 -7.49
CA SER A 25 -3.39 -9.71 -7.92
C SER A 25 -3.02 -9.21 -9.31
N THR A 26 -1.88 -8.51 -9.46
CA THR A 26 -1.50 -7.83 -10.71
C THR A 26 0.00 -7.94 -11.02
N GLN A 27 0.38 -7.58 -12.25
CA GLN A 27 1.79 -7.53 -12.67
C GLN A 27 2.63 -6.49 -11.91
N LEU A 28 1.99 -5.46 -11.32
CA LEU A 28 2.61 -4.41 -10.52
C LEU A 28 2.87 -4.82 -9.05
N GLY A 29 2.67 -6.09 -8.70
CA GLY A 29 2.54 -6.55 -7.33
C GLY A 29 1.07 -6.74 -6.95
N ILE A 30 0.84 -7.11 -5.70
CA ILE A 30 -0.50 -7.28 -5.15
C ILE A 30 -0.97 -5.93 -4.62
N GLU A 31 -2.20 -5.53 -4.93
CA GLU A 31 -2.78 -4.30 -4.40
C GLU A 31 -2.96 -4.40 -2.88
N PHE A 32 -2.82 -3.32 -2.13
CA PHE A 32 -3.42 -3.28 -0.78
C PHE A 32 -3.96 -1.91 -0.38
N LEU A 33 -4.36 -1.15 -1.40
CA LEU A 33 -4.95 0.18 -1.29
C LEU A 33 -5.40 0.71 -2.65
N LYS A 34 -6.53 1.42 -2.66
CA LYS A 34 -7.28 1.85 -3.84
C LYS A 34 -8.00 3.17 -3.56
N ARG A 35 -7.89 4.13 -4.48
CA ARG A 35 -8.76 5.32 -4.63
C ARG A 35 -8.76 5.76 -6.09
N GLY A 36 -9.63 5.15 -6.88
CA GLY A 36 -9.80 5.41 -8.31
C GLY A 36 -8.53 5.12 -9.11
N ASP A 37 -8.06 6.14 -9.82
CA ASP A 37 -6.86 6.11 -10.67
C ASP A 37 -5.53 6.12 -9.88
N LYS A 38 -5.58 5.96 -8.55
CA LYS A 38 -4.44 5.61 -7.68
C LYS A 38 -4.69 4.32 -6.90
N SER A 39 -3.63 3.54 -6.74
CA SER A 39 -3.55 2.31 -5.92
C SER A 39 -2.16 2.18 -5.32
N VAL A 40 -1.98 1.43 -4.23
CA VAL A 40 -0.66 1.09 -3.66
C VAL A 40 -0.47 -0.43 -3.71
N TYR A 41 0.76 -0.85 -4.00
CA TYR A 41 1.12 -2.27 -4.10
C TYR A 41 2.30 -2.62 -3.19
N TYR A 42 2.46 -3.91 -2.91
CA TYR A 42 3.60 -4.47 -2.19
C TYR A 42 4.14 -5.74 -2.89
N THR A 43 5.46 -5.84 -3.07
CA THR A 43 6.12 -7.06 -3.57
C THR A 43 7.60 -7.15 -3.19
N SER A 44 7.90 -8.07 -2.26
CA SER A 44 9.24 -8.40 -1.74
C SER A 44 9.15 -9.57 -0.75
N ASN A 45 10.29 -9.99 -0.19
CA ASN A 45 10.33 -10.87 1.00
C ASN A 45 10.02 -10.08 2.30
N PRO A 46 10.78 -9.01 2.64
CA PRO A 46 10.48 -8.08 3.74
C PRO A 46 9.30 -7.13 3.43
N THR A 47 8.99 -6.26 4.40
CA THR A 47 8.16 -5.05 4.21
C THR A 47 8.59 -4.22 2.97
N THR A 48 7.65 -3.74 2.15
CA THR A 48 7.88 -2.78 1.04
C THR A 48 6.59 -2.04 0.65
N PHE A 49 6.72 -0.89 -0.02
CA PHE A 49 5.62 -0.17 -0.68
C PHE A 49 5.99 0.33 -2.08
N HIS A 50 5.02 0.45 -3.00
CA HIS A 50 5.26 0.84 -4.40
C HIS A 50 4.04 1.60 -4.99
N LEU A 51 4.30 2.46 -5.97
CA LEU A 51 3.30 3.15 -6.81
C LEU A 51 3.70 3.06 -8.29
N ASP A 52 2.74 2.81 -9.18
CA ASP A 52 2.93 2.87 -10.64
C ASP A 52 4.04 1.92 -11.16
N GLY A 53 4.23 0.78 -10.48
CA GLY A 53 5.28 -0.21 -10.77
C GLY A 53 6.66 0.11 -10.20
N GLU A 54 6.80 1.17 -9.42
CA GLU A 54 8.07 1.66 -8.89
C GLU A 54 8.01 1.81 -7.35
N VAL A 55 9.09 1.42 -6.67
CA VAL A 55 9.17 1.45 -5.19
C VAL A 55 9.09 2.86 -4.62
N ILE A 56 8.36 2.97 -3.52
CA ILE A 56 8.27 4.16 -2.66
C ILE A 56 8.52 3.76 -1.19
N THR A 57 8.76 4.74 -0.33
CA THR A 57 8.86 4.56 1.13
C THR A 57 7.59 5.04 1.82
N PHE A 58 7.51 4.82 3.13
CA PHE A 58 6.51 5.40 4.02
C PHE A 58 6.43 6.93 3.87
N ASP A 59 7.54 7.65 3.66
CA ASP A 59 7.53 9.09 3.37
C ASP A 59 6.78 9.44 2.07
N ASN A 60 6.77 8.56 1.09
CA ASN A 60 6.18 8.82 -0.23
C ASN A 60 4.72 8.37 -0.25
N LEU A 61 4.44 7.30 0.50
CA LEU A 61 3.06 6.90 0.85
C LEU A 61 2.37 7.97 1.69
N LYS A 62 3.04 8.57 2.68
CA LYS A 62 2.30 9.31 3.70
C LYS A 62 1.75 10.65 3.16
N THR A 63 2.52 11.29 2.28
CA THR A 63 2.09 12.49 1.53
C THR A 63 1.02 12.20 0.47
N LEU A 64 0.96 10.97 -0.07
CA LEU A 64 -0.10 10.53 -0.99
C LEU A 64 -1.47 10.49 -0.26
N LEU A 65 -1.55 9.83 0.91
CA LEU A 65 -2.82 9.65 1.65
C LEU A 65 -3.29 10.92 2.41
N SER A 66 -2.37 11.87 2.66
CA SER A 66 -2.63 13.11 3.42
C SER A 66 -3.76 13.97 2.84
N GLY A 1 11.60 -2.56 8.47
CA GLY A 1 11.30 -2.28 9.89
C GLY A 1 9.82 -2.10 10.14
N SER A 2 9.41 -0.90 10.51
CA SER A 2 8.05 -0.55 10.95
C SER A 2 6.99 -0.58 9.84
N GLU A 3 7.40 -0.54 8.57
CA GLU A 3 6.52 -0.74 7.40
C GLU A 3 5.72 -2.05 7.45
N GLU A 4 6.38 -3.15 7.85
CA GLU A 4 5.76 -4.48 7.87
C GLU A 4 4.76 -4.68 9.05
N HIS A 5 4.87 -3.82 10.06
CA HIS A 5 3.84 -3.64 11.10
C HIS A 5 2.72 -2.70 10.63
N PHE A 6 3.01 -1.76 9.72
CA PHE A 6 1.98 -0.95 9.06
C PHE A 6 1.10 -1.82 8.15
N ILE A 7 1.72 -2.69 7.33
CA ILE A 7 1.07 -3.72 6.50
C ILE A 7 0.03 -4.55 7.28
N GLU A 8 0.32 -4.87 8.54
CA GLU A 8 -0.56 -5.57 9.46
C GLU A 8 -1.70 -4.66 9.94
N THR A 9 -1.35 -3.43 10.35
CA THR A 9 -2.27 -2.40 10.88
C THR A 9 -3.33 -2.00 9.85
N ILE A 10 -2.97 -1.98 8.56
CA ILE A 10 -3.88 -1.73 7.43
C ILE A 10 -4.97 -2.82 7.39
N SER A 11 -4.55 -4.08 7.51
CA SER A 11 -5.41 -5.27 7.45
C SER A 11 -6.44 -5.33 8.58
N LEU A 12 -6.10 -4.78 9.75
CA LEU A 12 -7.03 -4.68 10.88
C LEU A 12 -8.15 -3.64 10.61
N ALA A 13 -7.83 -2.57 9.88
CA ALA A 13 -8.71 -1.42 9.64
C ALA A 13 -9.60 -1.56 8.40
N GLY A 14 -9.05 -1.97 7.26
CA GLY A 14 -9.78 -2.09 5.98
C GLY A 14 -10.33 -0.79 5.36
N SER A 15 -9.96 0.40 5.84
CA SER A 15 -9.88 1.62 5.01
C SER A 15 -9.14 2.77 5.70
N TYR A 16 -8.81 3.78 4.89
CA TYR A 16 -8.43 5.13 5.32
C TYR A 16 -9.48 6.15 4.88
N LYS A 17 -9.23 7.46 5.10
CA LYS A 17 -10.07 8.65 4.87
C LYS A 17 -11.28 8.46 3.94
N ASP A 18 -11.01 8.11 2.68
CA ASP A 18 -11.98 7.49 1.76
C ASP A 18 -11.29 6.45 0.86
N TRP A 19 -10.10 5.99 1.26
CA TRP A 19 -9.21 5.18 0.43
C TRP A 19 -9.47 3.68 0.72
N SER A 20 -9.85 2.93 -0.32
CA SER A 20 -10.24 1.52 -0.21
C SER A 20 -9.01 0.62 -0.02
N TYR A 21 -9.07 -0.25 0.98
CA TYR A 21 -8.01 -1.21 1.27
C TYR A 21 -8.27 -2.50 0.47
N SER A 22 -7.29 -2.86 -0.37
CA SER A 22 -7.45 -3.80 -1.49
C SER A 22 -6.68 -5.13 -1.23
N GLY A 23 -6.12 -5.72 -2.28
CA GLY A 23 -5.54 -7.07 -2.34
C GLY A 23 -6.02 -7.88 -3.53
N GLN A 24 -5.76 -7.33 -4.71
CA GLN A 24 -5.75 -8.05 -5.98
C GLN A 24 -4.30 -8.28 -6.44
N SER A 25 -4.02 -9.43 -7.05
CA SER A 25 -2.69 -9.73 -7.61
C SER A 25 -2.53 -9.12 -9.00
N THR A 26 -1.41 -8.43 -9.25
CA THR A 26 -1.13 -7.72 -10.51
C THR A 26 0.32 -7.86 -10.95
N GLN A 27 0.61 -7.56 -12.22
CA GLN A 27 1.98 -7.48 -12.74
C GLN A 27 2.81 -6.33 -12.11
N LEU A 28 2.19 -5.45 -11.31
CA LEU A 28 2.83 -4.38 -10.55
C LEU A 28 3.14 -4.77 -9.08
N GLY A 29 2.63 -5.90 -8.59
CA GLY A 29 2.68 -6.34 -7.20
C GLY A 29 1.29 -6.69 -6.67
N ILE A 30 1.18 -6.96 -5.37
CA ILE A 30 -0.11 -7.20 -4.70
C ILE A 30 -0.68 -5.85 -4.24
N GLU A 31 -1.92 -5.53 -4.59
CA GLU A 31 -2.54 -4.24 -4.22
C GLU A 31 -2.74 -4.16 -2.70
N PHE A 32 -2.53 -3.00 -2.07
CA PHE A 32 -3.11 -2.80 -0.74
C PHE A 32 -3.47 -1.35 -0.38
N LEU A 33 -3.81 -0.59 -1.42
CA LEU A 33 -4.49 0.71 -1.33
C LEU A 33 -4.97 1.13 -2.72
N LYS A 34 -6.18 1.65 -2.77
CA LYS A 34 -6.89 2.08 -3.96
C LYS A 34 -7.58 3.43 -3.69
N ARG A 35 -7.33 4.42 -4.54
CA ARG A 35 -7.86 5.79 -4.46
C ARG A 35 -8.29 6.25 -5.86
N GLY A 36 -9.53 5.93 -6.23
CA GLY A 36 -10.01 6.10 -7.59
C GLY A 36 -9.16 5.31 -8.59
N ASP A 37 -8.66 5.99 -9.62
CA ASP A 37 -7.89 5.40 -10.72
C ASP A 37 -6.39 5.19 -10.41
N LYS A 38 -5.97 5.38 -9.15
CA LYS A 38 -4.58 5.24 -8.66
C LYS A 38 -4.48 4.21 -7.51
N SER A 39 -3.36 3.47 -7.42
CA SER A 39 -3.15 2.40 -6.42
C SER A 39 -1.70 2.22 -5.93
N VAL A 40 -1.56 1.78 -4.67
CA VAL A 40 -0.30 1.32 -4.06
C VAL A 40 -0.29 -0.20 -3.93
N TYR A 41 0.90 -0.77 -4.13
CA TYR A 41 1.19 -2.20 -4.15
C TYR A 41 2.36 -2.53 -3.20
N TYR A 42 2.55 -3.81 -2.88
CA TYR A 42 3.71 -4.33 -2.15
C TYR A 42 4.25 -5.60 -2.79
N THR A 43 5.58 -5.68 -2.99
CA THR A 43 6.33 -6.89 -3.37
C THR A 43 7.84 -6.70 -3.28
N SER A 44 8.50 -7.54 -2.48
CA SER A 44 9.96 -7.73 -2.40
C SER A 44 10.27 -8.91 -1.47
N ASN A 45 11.55 -9.19 -1.22
CA ASN A 45 11.98 -10.16 -0.21
C ASN A 45 11.80 -9.60 1.23
N PRO A 46 12.31 -8.41 1.59
CA PRO A 46 11.86 -7.61 2.75
C PRO A 46 10.48 -6.95 2.53
N THR A 47 9.96 -6.24 3.55
CA THR A 47 8.86 -5.26 3.41
C THR A 47 9.21 -4.22 2.33
N THR A 48 8.34 -3.98 1.33
CA THR A 48 8.53 -2.88 0.34
C THR A 48 7.21 -2.42 -0.29
N PHE A 49 6.99 -1.10 -0.35
CA PHE A 49 5.83 -0.46 -0.99
C PHE A 49 6.16 0.17 -2.36
N HIS A 50 5.18 0.29 -3.24
CA HIS A 50 5.29 0.89 -4.58
C HIS A 50 4.00 1.63 -4.95
N LEU A 51 4.09 2.76 -5.64
CA LEU A 51 2.95 3.44 -6.26
C LEU A 51 3.03 3.13 -7.75
N ASP A 52 1.95 2.58 -8.31
CA ASP A 52 1.84 2.36 -9.75
C ASP A 52 2.97 1.48 -10.34
N GLY A 53 3.46 0.55 -9.50
CA GLY A 53 4.52 -0.40 -9.81
C GLY A 53 5.96 0.02 -9.45
N GLU A 54 6.21 1.27 -9.07
CA GLU A 54 7.54 1.81 -8.77
C GLU A 54 7.69 2.24 -7.29
N VAL A 55 8.82 1.88 -6.68
CA VAL A 55 9.05 1.86 -5.21
C VAL A 55 9.00 3.20 -4.50
N ILE A 56 8.29 3.19 -3.38
CA ILE A 56 8.15 4.29 -2.41
C ILE A 56 8.43 3.78 -0.98
N THR A 57 8.80 4.70 -0.09
CA THR A 57 9.03 4.44 1.33
C THR A 57 7.80 4.81 2.15
N PHE A 58 7.81 4.52 3.45
CA PHE A 58 6.72 4.83 4.39
C PHE A 58 6.37 6.32 4.35
N ASP A 59 7.36 7.21 4.20
CA ASP A 59 7.22 8.64 3.98
C ASP A 59 6.38 9.02 2.75
N ASN A 60 6.54 8.25 1.67
CA ASN A 60 5.94 8.51 0.36
C ASN A 60 4.56 7.87 0.24
N LEU A 61 4.37 6.81 1.03
CA LEU A 61 2.99 6.38 1.37
C LEU A 61 2.29 7.40 2.27
N LYS A 62 2.97 7.95 3.27
CA LYS A 62 2.30 8.73 4.32
C LYS A 62 1.60 9.97 3.76
N THR A 63 2.28 10.65 2.84
CA THR A 63 1.75 11.80 2.08
C THR A 63 0.70 11.42 1.03
N LEU A 64 0.65 10.15 0.59
CA LEU A 64 -0.37 9.61 -0.32
C LEU A 64 -1.70 9.30 0.41
N LEU A 65 -1.66 9.03 1.73
CA LEU A 65 -2.86 8.85 2.57
C LEU A 65 -3.40 10.17 3.14
N SER A 66 -2.51 11.08 3.55
CA SER A 66 -2.82 12.22 4.43
C SER A 66 -3.46 13.42 3.72
N GLY A 1 9.96 -2.36 11.35
CA GLY A 1 9.99 -1.36 10.28
C GLY A 1 8.60 -0.76 10.11
N SER A 2 8.52 0.57 10.00
CA SER A 2 7.26 1.33 9.95
C SER A 2 6.28 0.86 8.87
N GLU A 3 6.78 0.42 7.70
CA GLU A 3 5.95 -0.17 6.64
C GLU A 3 5.27 -1.47 7.09
N GLU A 4 6.01 -2.39 7.68
CA GLU A 4 5.49 -3.70 8.09
C GLU A 4 4.58 -3.65 9.33
N HIS A 5 4.76 -2.64 10.18
CA HIS A 5 3.82 -2.32 11.26
C HIS A 5 2.52 -1.73 10.67
N PHE A 6 2.61 -1.07 9.51
CA PHE A 6 1.47 -0.57 8.78
C PHE A 6 0.72 -1.71 8.06
N ILE A 7 1.40 -2.58 7.32
CA ILE A 7 0.87 -3.78 6.64
C ILE A 7 -0.02 -4.66 7.53
N GLU A 8 0.32 -4.76 8.81
CA GLU A 8 -0.50 -5.43 9.82
C GLU A 8 -1.76 -4.63 10.16
N THR A 9 -1.56 -3.36 10.46
CA THR A 9 -2.61 -2.36 10.75
C THR A 9 -3.61 -2.18 9.60
N ILE A 10 -3.18 -2.42 8.34
CA ILE A 10 -4.05 -2.47 7.17
C ILE A 10 -5.17 -3.49 7.42
N SER A 11 -4.78 -4.71 7.80
CA SER A 11 -5.70 -5.83 7.99
C SER A 11 -6.49 -5.74 9.30
N LEU A 12 -6.01 -4.98 10.30
CA LEU A 12 -6.83 -4.59 11.44
C LEU A 12 -8.01 -3.69 11.03
N ALA A 13 -7.77 -2.67 10.21
CA ALA A 13 -8.74 -1.61 9.90
C ALA A 13 -9.63 -1.84 8.67
N GLY A 14 -9.07 -2.27 7.54
CA GLY A 14 -9.75 -2.35 6.23
C GLY A 14 -10.14 -1.02 5.56
N SER A 15 -9.73 0.13 6.09
CA SER A 15 -9.48 1.35 5.30
C SER A 15 -8.67 2.41 6.05
N TYR A 16 -8.12 3.35 5.28
CA TYR A 16 -7.68 4.67 5.77
C TYR A 16 -8.74 5.70 5.33
N LYS A 17 -8.81 6.90 5.94
CA LYS A 17 -9.95 7.84 5.86
C LYS A 17 -11.03 7.54 4.80
N ASP A 18 -10.73 7.82 3.54
CA ASP A 18 -11.61 7.75 2.37
C ASP A 18 -11.05 6.81 1.25
N TRP A 19 -9.94 6.13 1.55
CA TRP A 19 -9.13 5.29 0.66
C TRP A 19 -9.31 3.82 1.01
N SER A 20 -9.72 3.01 0.03
CA SER A 20 -10.05 1.59 0.25
C SER A 20 -8.80 0.73 0.40
N TYR A 21 -8.85 -0.22 1.33
CA TYR A 21 -7.84 -1.27 1.46
C TYR A 21 -8.17 -2.43 0.50
N SER A 22 -7.16 -3.13 -0.02
CA SER A 22 -7.29 -3.99 -1.21
C SER A 22 -6.59 -5.36 -1.10
N GLY A 23 -5.98 -5.84 -2.19
CA GLY A 23 -5.44 -7.19 -2.37
C GLY A 23 -5.79 -7.90 -3.68
N GLN A 24 -6.24 -7.16 -4.70
CA GLN A 24 -6.36 -7.69 -6.07
C GLN A 24 -4.98 -7.91 -6.72
N SER A 25 -4.90 -8.87 -7.63
CA SER A 25 -3.66 -9.27 -8.30
C SER A 25 -3.38 -8.45 -9.56
N THR A 26 -2.12 -8.01 -9.73
CA THR A 26 -1.66 -7.19 -10.86
C THR A 26 -0.26 -7.60 -11.34
N GLN A 27 0.14 -7.13 -12.52
CA GLN A 27 1.51 -7.30 -13.03
C GLN A 27 2.59 -6.66 -12.14
N LEU A 28 2.26 -5.64 -11.34
CA LEU A 28 3.16 -4.93 -10.45
C LEU A 28 3.39 -5.64 -9.10
N GLY A 29 2.50 -6.56 -8.71
CA GLY A 29 2.42 -7.14 -7.38
C GLY A 29 0.96 -7.34 -6.95
N ILE A 30 0.74 -7.41 -5.64
CA ILE A 30 -0.60 -7.49 -5.03
C ILE A 30 -0.97 -6.09 -4.54
N GLU A 31 -2.21 -5.66 -4.73
CA GLU A 31 -2.68 -4.33 -4.29
C GLU A 31 -2.74 -4.25 -2.77
N PHE A 32 -2.41 -3.10 -2.16
CA PHE A 32 -2.75 -2.89 -0.75
C PHE A 32 -3.05 -1.43 -0.38
N LEU A 33 -3.55 -0.69 -1.37
CA LEU A 33 -4.28 0.58 -1.24
C LEU A 33 -4.92 0.94 -2.58
N LYS A 34 -6.15 1.45 -2.55
CA LYS A 34 -7.02 1.74 -3.68
C LYS A 34 -7.74 3.07 -3.44
N ARG A 35 -7.46 4.08 -4.26
CA ARG A 35 -8.01 5.45 -4.16
C ARG A 35 -8.22 6.11 -5.53
N GLY A 36 -9.37 5.89 -6.13
CA GLY A 36 -9.76 6.54 -7.40
C GLY A 36 -8.86 6.14 -8.58
N ASP A 37 -8.07 7.09 -9.08
CA ASP A 37 -7.10 6.85 -10.17
C ASP A 37 -5.75 6.26 -9.68
N LYS A 38 -5.54 6.20 -8.36
CA LYS A 38 -4.28 5.79 -7.73
C LYS A 38 -4.41 4.52 -6.91
N SER A 39 -3.47 3.59 -7.07
CA SER A 39 -3.40 2.33 -6.31
C SER A 39 -1.95 1.90 -6.04
N VAL A 40 -1.71 1.30 -4.86
CA VAL A 40 -0.40 0.95 -4.30
C VAL A 40 -0.25 -0.58 -4.27
N TYR A 41 0.95 -1.10 -4.52
CA TYR A 41 1.22 -2.54 -4.60
C TYR A 41 2.38 -2.97 -3.69
N TYR A 42 2.44 -4.27 -3.38
CA TYR A 42 3.54 -4.88 -2.63
C TYR A 42 3.95 -6.26 -3.19
N THR A 43 5.25 -6.43 -3.43
CA THR A 43 5.89 -7.75 -3.67
C THR A 43 7.38 -7.73 -3.32
N SER A 44 7.74 -8.47 -2.26
CA SER A 44 9.10 -8.72 -1.75
C SER A 44 9.08 -9.71 -0.58
N ASN A 45 10.26 -10.19 -0.19
CA ASN A 45 10.46 -11.10 0.95
C ASN A 45 10.58 -10.37 2.32
N PRO A 46 11.29 -9.24 2.43
CA PRO A 46 11.03 -8.21 3.46
C PRO A 46 9.74 -7.41 3.17
N THR A 47 9.39 -6.50 4.10
CA THR A 47 8.35 -5.47 3.92
C THR A 47 8.59 -4.57 2.70
N THR A 48 7.55 -4.21 1.93
CA THR A 48 7.65 -3.23 0.82
C THR A 48 6.31 -2.55 0.48
N PHE A 49 6.36 -1.40 -0.19
CA PHE A 49 5.24 -0.74 -0.89
C PHE A 49 5.74 -0.01 -2.14
N HIS A 50 4.91 0.14 -3.18
CA HIS A 50 5.25 0.78 -4.45
C HIS A 50 4.04 1.51 -5.07
N LEU A 51 4.27 2.61 -5.79
CA LEU A 51 3.26 3.36 -6.55
C LEU A 51 3.82 3.52 -7.97
N ASP A 52 2.98 3.31 -8.98
CA ASP A 52 3.36 3.50 -10.39
C ASP A 52 4.59 2.65 -10.80
N GLY A 53 4.66 1.41 -10.31
CA GLY A 53 5.72 0.44 -10.59
C GLY A 53 7.08 0.73 -9.95
N GLU A 54 7.17 1.71 -9.03
CA GLU A 54 8.39 2.15 -8.36
C GLU A 54 8.20 2.22 -6.83
N VAL A 55 9.22 1.82 -6.06
CA VAL A 55 9.16 1.63 -4.60
C VAL A 55 9.10 2.94 -3.83
N ILE A 56 8.24 2.92 -2.83
CA ILE A 56 8.01 4.03 -1.91
C ILE A 56 8.14 3.51 -0.46
N THR A 57 8.65 4.34 0.44
CA THR A 57 8.72 4.08 1.89
C THR A 57 7.49 4.65 2.58
N PHE A 58 7.35 4.45 3.88
CA PHE A 58 6.25 4.98 4.68
C PHE A 58 6.07 6.50 4.50
N ASP A 59 7.16 7.26 4.37
CA ASP A 59 7.12 8.69 4.03
C ASP A 59 6.51 8.98 2.65
N ASN A 60 6.74 8.11 1.68
CA ASN A 60 6.30 8.28 0.29
C ASN A 60 4.89 7.69 0.08
N LEU A 61 4.46 6.87 1.04
CA LEU A 61 3.04 6.52 1.22
C LEU A 61 2.25 7.59 1.99
N LYS A 62 2.79 8.16 3.06
CA LYS A 62 1.95 8.94 3.98
C LYS A 62 1.48 10.27 3.37
N THR A 63 2.30 10.83 2.47
CA THR A 63 1.91 11.92 1.55
C THR A 63 0.83 11.51 0.54
N LEU A 64 0.86 10.26 0.02
CA LEU A 64 -0.17 9.70 -0.85
C LEU A 64 -1.51 9.52 -0.09
N LEU A 65 -1.49 9.21 1.21
CA LEU A 65 -2.70 9.13 2.05
C LEU A 65 -3.31 10.51 2.39
N SER A 66 -2.52 11.60 2.31
CA SER A 66 -2.95 12.96 2.67
C SER A 66 -4.09 13.49 1.82
N GLY A 1 10.67 -1.53 10.38
CA GLY A 1 10.24 -0.70 9.25
C GLY A 1 8.76 -0.41 9.37
N SER A 2 8.38 0.85 9.58
CA SER A 2 6.98 1.27 9.77
C SER A 2 6.03 0.89 8.61
N GLU A 3 6.57 0.57 7.43
CA GLU A 3 5.85 -0.06 6.33
C GLU A 3 5.14 -1.37 6.76
N GLU A 4 5.86 -2.26 7.44
CA GLU A 4 5.36 -3.59 7.85
C GLU A 4 4.30 -3.53 8.96
N HIS A 5 4.31 -2.46 9.75
CA HIS A 5 3.26 -2.13 10.71
C HIS A 5 1.99 -1.65 9.97
N PHE A 6 2.17 -0.92 8.87
CA PHE A 6 1.06 -0.49 8.03
C PHE A 6 0.42 -1.67 7.29
N ILE A 7 1.22 -2.57 6.71
CA ILE A 7 0.81 -3.84 6.09
C ILE A 7 -0.10 -4.68 7.00
N GLU A 8 0.22 -4.79 8.28
CA GLU A 8 -0.64 -5.48 9.25
C GLU A 8 -1.94 -4.70 9.45
N THR A 9 -1.81 -3.40 9.69
CA THR A 9 -2.93 -2.45 9.84
C THR A 9 -3.92 -2.48 8.65
N ILE A 10 -3.48 -2.83 7.42
CA ILE A 10 -4.40 -3.02 6.28
C ILE A 10 -5.39 -4.16 6.51
N SER A 11 -4.85 -5.26 7.02
CA SER A 11 -5.58 -6.49 7.38
C SER A 11 -6.38 -6.34 8.70
N LEU A 12 -6.00 -5.43 9.59
CA LEU A 12 -6.78 -5.08 10.78
C LEU A 12 -8.01 -4.21 10.44
N ALA A 13 -7.81 -3.15 9.67
CA ALA A 13 -8.79 -2.07 9.47
C ALA A 13 -9.73 -2.20 8.26
N GLY A 14 -9.23 -2.69 7.12
CA GLY A 14 -9.96 -2.65 5.84
C GLY A 14 -10.37 -1.26 5.31
N SER A 15 -9.85 -0.15 5.86
CA SER A 15 -9.69 1.12 5.15
C SER A 15 -8.81 2.11 5.93
N TYR A 16 -8.33 3.13 5.22
CA TYR A 16 -7.80 4.37 5.82
C TYR A 16 -8.85 5.51 5.71
N LYS A 17 -8.47 6.76 6.01
CA LYS A 17 -9.29 8.00 6.04
C LYS A 17 -10.61 7.95 5.26
N ASP A 18 -10.51 7.79 3.94
CA ASP A 18 -11.59 7.36 3.02
C ASP A 18 -11.08 6.33 1.99
N TRP A 19 -9.80 5.95 2.06
CA TRP A 19 -9.09 5.20 1.03
C TRP A 19 -9.33 3.69 1.23
N SER A 20 -9.90 3.05 0.21
CA SER A 20 -10.28 1.63 0.24
C SER A 20 -9.05 0.73 0.32
N TYR A 21 -9.16 -0.36 1.08
CA TYR A 21 -8.09 -1.33 1.27
C TYR A 21 -8.36 -2.59 0.43
N SER A 22 -7.34 -3.09 -0.27
CA SER A 22 -7.47 -4.04 -1.38
C SER A 22 -6.61 -5.30 -1.19
N GLY A 23 -5.96 -5.79 -2.26
CA GLY A 23 -5.36 -7.14 -2.36
C GLY A 23 -5.63 -7.93 -3.64
N GLN A 24 -6.10 -7.28 -4.71
CA GLN A 24 -6.14 -7.88 -6.05
C GLN A 24 -4.73 -8.08 -6.65
N SER A 25 -4.55 -9.11 -7.47
CA SER A 25 -3.26 -9.45 -8.10
C SER A 25 -3.02 -8.62 -9.38
N THR A 26 -1.80 -8.10 -9.53
CA THR A 26 -1.33 -7.40 -10.74
C THR A 26 0.13 -7.77 -11.04
N GLN A 27 0.60 -7.53 -12.27
CA GLN A 27 2.01 -7.76 -12.63
C GLN A 27 2.97 -6.78 -11.92
N LEU A 28 2.45 -5.69 -11.35
CA LEU A 28 3.17 -4.71 -10.55
C LEU A 28 3.38 -5.17 -9.08
N GLY A 29 2.61 -6.16 -8.62
CA GLY A 29 2.54 -6.60 -7.22
C GLY A 29 1.10 -6.85 -6.77
N ILE A 30 0.90 -7.09 -5.48
CA ILE A 30 -0.44 -7.22 -4.90
C ILE A 30 -0.92 -5.84 -4.44
N GLU A 31 -2.14 -5.44 -4.82
CA GLU A 31 -2.72 -4.15 -4.40
C GLU A 31 -2.82 -4.08 -2.88
N PHE A 32 -2.55 -2.93 -2.24
CA PHE A 32 -2.88 -2.81 -0.81
C PHE A 32 -3.20 -1.38 -0.38
N LEU A 33 -3.73 -0.61 -1.34
CA LEU A 33 -4.44 0.66 -1.17
C LEU A 33 -5.08 1.06 -2.50
N LYS A 34 -6.30 1.59 -2.46
CA LYS A 34 -7.13 1.95 -3.60
C LYS A 34 -7.86 3.28 -3.32
N ARG A 35 -7.40 4.35 -3.96
CA ARG A 35 -7.92 5.74 -3.89
C ARG A 35 -8.31 6.19 -5.31
N GLY A 36 -9.52 5.87 -5.74
CA GLY A 36 -10.02 6.21 -7.08
C GLY A 36 -9.14 5.63 -8.20
N ASP A 37 -8.65 6.49 -9.08
CA ASP A 37 -7.75 6.15 -10.20
C ASP A 37 -6.30 5.85 -9.78
N LYS A 38 -5.97 5.87 -8.47
CA LYS A 38 -4.62 5.60 -7.94
C LYS A 38 -4.60 4.45 -6.93
N SER A 39 -3.61 3.58 -7.05
CA SER A 39 -3.38 2.43 -6.16
C SER A 39 -1.90 2.27 -5.79
N VAL A 40 -1.66 1.75 -4.59
CA VAL A 40 -0.33 1.34 -4.08
C VAL A 40 -0.31 -0.18 -3.93
N TYR A 41 0.86 -0.77 -4.18
CA TYR A 41 1.08 -2.22 -4.25
C TYR A 41 2.23 -2.65 -3.34
N TYR A 42 2.33 -3.95 -3.03
CA TYR A 42 3.50 -4.54 -2.38
C TYR A 42 3.88 -5.90 -2.97
N THR A 43 5.17 -6.10 -3.22
CA THR A 43 5.78 -7.41 -3.45
C THR A 43 7.30 -7.35 -3.26
N SER A 44 7.81 -8.08 -2.27
CA SER A 44 9.26 -8.21 -1.96
C SER A 44 9.47 -9.24 -0.84
N ASN A 45 10.72 -9.63 -0.60
CA ASN A 45 11.11 -10.50 0.52
C ASN A 45 10.98 -9.77 1.89
N PRO A 46 11.58 -8.58 2.11
CA PRO A 46 11.27 -7.68 3.21
C PRO A 46 9.91 -6.97 3.02
N THR A 47 9.49 -6.21 4.03
CA THR A 47 8.43 -5.17 3.92
C THR A 47 8.69 -4.22 2.74
N THR A 48 7.67 -3.84 1.97
CA THR A 48 7.79 -2.83 0.91
C THR A 48 6.45 -2.16 0.59
N PHE A 49 6.49 -1.02 -0.10
CA PHE A 49 5.39 -0.42 -0.83
C PHE A 49 5.86 0.16 -2.18
N HIS A 50 4.97 0.24 -3.16
CA HIS A 50 5.24 0.78 -4.51
C HIS A 50 4.02 1.58 -5.00
N LEU A 51 4.24 2.64 -5.77
CA LEU A 51 3.19 3.33 -6.52
C LEU A 51 3.41 2.97 -7.98
N ASP A 52 2.37 2.41 -8.61
CA ASP A 52 2.38 2.15 -10.05
C ASP A 52 3.59 1.29 -10.48
N GLY A 53 3.90 0.30 -9.64
CA GLY A 53 5.02 -0.64 -9.79
C GLY A 53 6.41 -0.15 -9.34
N GLU A 54 6.63 1.13 -9.08
CA GLU A 54 7.92 1.67 -8.63
C GLU A 54 7.92 1.94 -7.12
N VAL A 55 8.97 1.47 -6.44
CA VAL A 55 9.07 1.40 -4.97
C VAL A 55 9.13 2.77 -4.30
N ILE A 56 8.32 2.89 -3.24
CA ILE A 56 8.27 4.04 -2.34
C ILE A 56 8.38 3.56 -0.89
N THR A 57 8.77 4.47 0.00
CA THR A 57 8.87 4.23 1.46
C THR A 57 7.64 4.81 2.16
N PHE A 58 7.45 4.54 3.46
CA PHE A 58 6.33 5.10 4.21
C PHE A 58 6.29 6.64 4.15
N ASP A 59 7.45 7.30 4.08
CA ASP A 59 7.59 8.75 3.87
C ASP A 59 7.00 9.25 2.53
N ASN A 60 6.99 8.41 1.50
CA ASN A 60 6.47 8.71 0.16
C ASN A 60 5.01 8.27 0.03
N LEU A 61 4.65 7.22 0.79
CA LEU A 61 3.25 6.83 1.00
C LEU A 61 2.48 7.91 1.77
N LYS A 62 3.10 8.54 2.76
CA LYS A 62 2.38 9.40 3.71
C LYS A 62 1.73 10.60 3.02
N THR A 63 2.49 11.23 2.12
CA THR A 63 2.02 12.30 1.23
C THR A 63 1.02 11.83 0.17
N LEU A 64 1.05 10.54 -0.22
CA LEU A 64 0.03 9.91 -1.07
C LEU A 64 -1.30 9.65 -0.32
N LEU A 65 -1.26 9.29 0.97
CA LEU A 65 -2.45 9.21 1.83
C LEU A 65 -3.04 10.59 2.19
N SER A 66 -2.26 11.66 1.98
CA SER A 66 -2.66 13.06 2.20
C SER A 66 -3.27 13.69 0.95
N GLY A 1 10.96 -1.32 9.10
CA GLY A 1 10.84 0.13 8.93
C GLY A 1 9.49 0.57 9.46
N SER A 2 8.75 1.38 8.70
CA SER A 2 7.40 1.86 9.07
C SER A 2 6.27 1.30 8.22
N GLU A 3 6.58 0.72 7.06
CA GLU A 3 5.62 0.02 6.20
C GLU A 3 5.01 -1.18 6.93
N GLU A 4 5.83 -1.93 7.66
CA GLU A 4 5.43 -3.11 8.43
C GLU A 4 4.29 -2.89 9.45
N HIS A 5 4.19 -1.70 10.02
CA HIS A 5 3.14 -1.32 10.98
C HIS A 5 1.85 -0.91 10.25
N PHE A 6 2.01 -0.27 9.09
CA PHE A 6 0.88 0.05 8.23
C PHE A 6 0.25 -1.22 7.64
N ILE A 7 1.08 -2.15 7.14
CA ILE A 7 0.69 -3.48 6.63
C ILE A 7 -0.19 -4.25 7.61
N GLU A 8 0.18 -4.29 8.89
CA GLU A 8 -0.65 -4.90 9.93
C GLU A 8 -1.99 -4.17 10.06
N THR A 9 -1.91 -2.85 10.15
CA THR A 9 -3.07 -1.95 10.26
C THR A 9 -4.05 -2.08 9.07
N ILE A 10 -3.60 -2.52 7.88
CA ILE A 10 -4.49 -2.81 6.74
C ILE A 10 -5.46 -3.94 7.04
N SER A 11 -4.89 -5.00 7.60
CA SER A 11 -5.58 -6.23 7.99
C SER A 11 -6.41 -6.06 9.26
N LEU A 12 -6.07 -5.10 10.13
CA LEU A 12 -6.91 -4.67 11.24
C LEU A 12 -8.12 -3.85 10.76
N ALA A 13 -7.91 -2.79 9.98
CA ALA A 13 -8.90 -1.74 9.72
C ALA A 13 -9.79 -1.90 8.47
N GLY A 14 -9.30 -2.52 7.40
CA GLY A 14 -9.99 -2.63 6.09
C GLY A 14 -10.49 -1.35 5.39
N SER A 15 -10.11 -0.16 5.86
CA SER A 15 -9.92 1.05 5.03
C SER A 15 -9.05 2.08 5.77
N TYR A 16 -8.56 3.09 5.04
CA TYR A 16 -8.07 4.35 5.61
C TYR A 16 -9.11 5.47 5.35
N LYS A 17 -8.76 6.73 5.62
CA LYS A 17 -9.58 7.95 5.53
C LYS A 17 -10.88 7.81 4.75
N ASP A 18 -10.78 7.77 3.42
CA ASP A 18 -11.85 7.32 2.52
C ASP A 18 -11.26 6.37 1.43
N TRP A 19 -10.04 5.88 1.67
CA TRP A 19 -9.19 5.12 0.74
C TRP A 19 -9.34 3.62 1.04
N SER A 20 -9.76 2.85 0.03
CA SER A 20 -10.14 1.45 0.22
C SER A 20 -8.93 0.51 0.36
N TYR A 21 -9.03 -0.47 1.25
CA TYR A 21 -7.97 -1.46 1.51
C TYR A 21 -8.22 -2.76 0.73
N SER A 22 -7.29 -3.09 -0.17
CA SER A 22 -7.49 -4.01 -1.30
C SER A 22 -6.77 -5.37 -1.09
N GLY A 23 -6.11 -5.91 -2.12
CA GLY A 23 -5.51 -7.25 -2.16
C GLY A 23 -5.80 -8.10 -3.40
N GLN A 24 -6.24 -7.45 -4.48
CA GLN A 24 -6.29 -8.04 -5.82
C GLN A 24 -4.90 -8.10 -6.49
N SER A 25 -4.66 -9.12 -7.32
CA SER A 25 -3.37 -9.36 -7.98
C SER A 25 -3.22 -8.56 -9.27
N THR A 26 -2.04 -7.99 -9.49
CA THR A 26 -1.70 -7.15 -10.67
C THR A 26 -0.26 -7.37 -11.13
N GLN A 27 0.11 -6.89 -12.32
CA GLN A 27 1.50 -6.96 -12.81
C GLN A 27 2.48 -6.16 -11.94
N LEU A 28 1.98 -5.15 -11.24
CA LEU A 28 2.72 -4.35 -10.28
C LEU A 28 2.87 -5.01 -8.88
N GLY A 29 2.21 -6.15 -8.62
CA GLY A 29 2.36 -6.95 -7.41
C GLY A 29 1.03 -7.47 -6.88
N ILE A 30 0.78 -7.18 -5.60
CA ILE A 30 -0.52 -7.35 -4.94
C ILE A 30 -0.97 -5.95 -4.48
N GLU A 31 -2.22 -5.58 -4.75
CA GLU A 31 -2.77 -4.29 -4.32
C GLU A 31 -2.85 -4.22 -2.79
N PHE A 32 -2.57 -3.08 -2.17
CA PHE A 32 -2.89 -2.93 -0.75
C PHE A 32 -3.23 -1.50 -0.32
N LEU A 33 -3.76 -0.75 -1.30
CA LEU A 33 -4.45 0.54 -1.18
C LEU A 33 -5.00 0.93 -2.55
N LYS A 34 -6.23 1.48 -2.59
CA LYS A 34 -6.93 1.89 -3.80
C LYS A 34 -7.75 3.17 -3.52
N ARG A 35 -7.38 4.26 -4.20
CA ARG A 35 -7.84 5.65 -4.03
C ARG A 35 -8.12 6.28 -5.40
N GLY A 36 -9.39 6.32 -5.82
CA GLY A 36 -9.81 7.01 -7.04
C GLY A 36 -9.14 6.49 -8.32
N ASP A 37 -8.31 7.31 -8.94
CA ASP A 37 -7.56 6.99 -10.17
C ASP A 37 -6.19 6.32 -9.92
N LYS A 38 -5.90 5.89 -8.68
CA LYS A 38 -4.55 5.47 -8.23
C LYS A 38 -4.59 4.29 -7.25
N SER A 39 -3.59 3.40 -7.32
CA SER A 39 -3.42 2.24 -6.43
C SER A 39 -1.99 2.14 -5.90
N VAL A 40 -1.80 1.51 -4.74
CA VAL A 40 -0.47 1.14 -4.21
C VAL A 40 -0.35 -0.37 -4.24
N TYR A 41 0.81 -0.88 -4.67
CA TYR A 41 1.08 -2.31 -4.77
C TYR A 41 2.33 -2.70 -3.97
N TYR A 42 2.49 -3.99 -3.70
CA TYR A 42 3.73 -4.54 -3.18
C TYR A 42 4.08 -5.90 -3.80
N THR A 43 5.37 -6.12 -4.11
CA THR A 43 5.91 -7.47 -4.37
C THR A 43 7.43 -7.51 -4.13
N SER A 44 7.81 -8.23 -3.09
CA SER A 44 9.18 -8.41 -2.56
C SER A 44 9.12 -9.35 -1.34
N ASN A 45 10.27 -9.66 -0.75
CA ASN A 45 10.36 -10.36 0.54
C ASN A 45 10.30 -9.42 1.77
N PRO A 46 11.14 -8.37 1.90
CA PRO A 46 11.00 -7.34 2.94
C PRO A 46 9.65 -6.61 2.89
N THR A 47 9.29 -5.96 4.00
CA THR A 47 8.13 -5.05 4.11
C THR A 47 8.39 -3.75 3.36
N THR A 48 7.74 -3.59 2.21
CA THR A 48 7.99 -2.48 1.28
C THR A 48 6.75 -2.18 0.41
N PHE A 49 6.69 -1.03 -0.27
CA PHE A 49 5.57 -0.60 -1.11
C PHE A 49 6.04 0.06 -2.42
N HIS A 50 5.19 0.17 -3.43
CA HIS A 50 5.53 0.70 -4.75
C HIS A 50 4.38 1.53 -5.35
N LEU A 51 4.72 2.55 -6.15
CA LEU A 51 3.80 3.31 -7.00
C LEU A 51 4.31 3.26 -8.45
N ASP A 52 3.43 2.94 -9.39
CA ASP A 52 3.69 3.04 -10.83
C ASP A 52 4.90 2.23 -11.35
N GLY A 53 5.30 1.19 -10.59
CA GLY A 53 6.44 0.33 -10.90
C GLY A 53 7.78 0.74 -10.25
N GLU A 54 7.82 1.76 -9.41
CA GLU A 54 8.99 2.14 -8.61
C GLU A 54 8.71 2.04 -7.10
N VAL A 55 9.62 1.41 -6.36
CA VAL A 55 9.52 1.20 -4.90
C VAL A 55 9.64 2.51 -4.13
N ILE A 56 8.65 2.69 -3.25
CA ILE A 56 8.46 3.83 -2.36
C ILE A 56 8.67 3.41 -0.91
N THR A 57 9.02 4.38 -0.09
CA THR A 57 9.08 4.25 1.38
C THR A 57 7.74 4.66 1.97
N PHE A 58 7.52 4.36 3.25
CA PHE A 58 6.35 4.86 3.95
C PHE A 58 6.25 6.40 3.95
N ASP A 59 7.37 7.12 3.77
CA ASP A 59 7.36 8.56 3.56
C ASP A 59 6.68 8.99 2.25
N ASN A 60 6.79 8.14 1.22
CA ASN A 60 6.25 8.36 -0.11
C ASN A 60 4.83 7.81 -0.26
N LEU A 61 4.49 6.86 0.60
CA LEU A 61 3.08 6.53 0.86
C LEU A 61 2.38 7.60 1.71
N LYS A 62 3.00 8.12 2.77
CA LYS A 62 2.21 8.86 3.77
C LYS A 62 1.71 10.21 3.25
N THR A 63 2.49 10.82 2.37
CA THR A 63 2.13 12.01 1.57
C THR A 63 1.00 11.77 0.54
N LEU A 64 0.83 10.51 0.10
CA LEU A 64 -0.25 10.00 -0.76
C LEU A 64 -1.57 9.71 0.03
N LEU A 65 -1.50 9.50 1.34
CA LEU A 65 -2.68 9.29 2.21
C LEU A 65 -3.31 10.60 2.74
N SER A 66 -2.48 11.55 3.16
CA SER A 66 -2.90 12.90 3.64
C SER A 66 -2.20 14.00 2.86
#